data_6UIG
#
_entry.id   6UIG
#
_cell.length_a   156.493
_cell.length_b   156.493
_cell.length_c   229.084
_cell.angle_alpha   90.000
_cell.angle_beta   90.000
_cell.angle_gamma   90.000
#
_symmetry.space_group_name_H-M   'P 43 2 2'
#
loop_
_entity.id
_entity.type
_entity.pdbx_description
1 polymer Hemagglutinin
2 polymer 'H7.200 Fab heavy chain'
3 polymer 'H7.200 Fab light chain'
4 non-polymer 2-acetamido-2-deoxy-beta-D-glucopyranose
#
loop_
_entity_poly.entity_id
_entity_poly.type
_entity_poly.pdbx_seq_one_letter_code
_entity_poly.pdbx_strand_id
1 'polypeptide(L)'
;DKICLGHHAVSNGTKVNTLTERGVEVVNATETVERTNIPRICSKGKRTVDLGQCGLLGTITGPPQCDQFLEFSADLIIER
REGSDVCYPGKFVNEEALRQILRESGGIDKEAMGFTYSGIRTNGATSACRRSGSSFYAEMKWLLSNTDNAAFPQMTKSYK
NTRKSPALIVWGIHHSVSTAEQTKLYGSGNKLVTVGSSNYQQSFVPSPGARPQVNGLSGRIDFHWLMLNPNDTVTFSFNG
AFIAPDRASFLRGKSMGIQSGVQVDANCEGDCYHSGGTIISNLPFQNIDSRAVGKCPRYVKQHHHHHH
;
G,A
2 'polypeptide(L)'
;QVQLVESGPGLVKPSQTLSLTCTVSGGSINSSHSFWSWIRQPAGKGLEWIGRIYSTGNSNYNPSLKSRVTISLDTSKNQF
SLKLSSVTAADTAVYYCARESLWNPDYYYYMDVWGKGTLVTVSSASFKGPSVFPLAPSSKSTSGGTAALGCLVKDYFPEP
VTVSWNSGALTSGVHTFPAVLQSSGLYSLSSVVTVPSSSLGTQTYICNVNHKPSNTKVDKKVEPKSC
;
H,B
3 'polypeptide(L)'
;DIVMTQSPSSLSASVGDRVTITCRASQSFSSHLNWYQQKPGRAPDLLIYAASSLHSGVPSRFSGSGSGTDFTLTISSLQP
EDFAVYYCQQSYSVPYTFGQGTKLQIKRTVAAPSVFIFPPSDEQLKSGTASVVCLLNNFYPREAKVQWKVDNALQSGNSQ
ESVTEQDSKDSTYSLSSTLTLSKADYEKHKVYACEVTHQGLSSPVTKSFNRGEC
;
L,C
#
# COMPACT_ATOMS: atom_id res chain seq x y z
N THR A 32 -8.26 -5.57 -39.32
CA THR A 32 -8.23 -6.34 -38.08
C THR A 32 -9.05 -5.65 -36.99
N VAL A 33 -9.50 -4.43 -37.27
CA VAL A 33 -10.28 -3.66 -36.32
C VAL A 33 -11.30 -2.81 -37.07
N GLU A 34 -12.59 -3.06 -36.83
CA GLU A 34 -13.64 -2.34 -37.53
C GLU A 34 -13.69 -0.88 -37.09
N ARG A 35 -13.93 0.01 -38.04
CA ARG A 35 -14.03 1.44 -37.77
C ARG A 35 -15.34 2.06 -38.23
N THR A 36 -16.17 1.33 -38.97
CA THR A 36 -17.44 1.83 -39.45
C THR A 36 -18.57 1.19 -38.64
N ASN A 37 -19.48 2.03 -38.14
CA ASN A 37 -20.63 1.58 -37.38
C ASN A 37 -21.91 1.96 -38.12
N ILE A 38 -23.03 1.42 -37.64
CA ILE A 38 -24.34 1.72 -38.20
C ILE A 38 -24.95 2.85 -37.37
N PRO A 39 -25.39 3.95 -38.00
CA PRO A 39 -25.97 5.06 -37.23
C PRO A 39 -27.41 4.79 -36.81
N ARG A 40 -27.70 3.55 -36.44
CA ARG A 40 -29.02 3.16 -35.98
C ARG A 40 -28.88 1.95 -35.07
N ILE A 41 -29.91 1.68 -34.28
CA ILE A 41 -29.92 0.58 -33.33
C ILE A 41 -30.65 -0.59 -33.97
N CYS A 42 -29.89 -1.64 -34.30
CA CYS A 42 -30.42 -2.77 -35.05
C CYS A 42 -31.17 -3.69 -34.10
N SER A 43 -32.50 -3.70 -34.21
CA SER A 43 -33.36 -4.40 -33.26
C SER A 43 -33.96 -5.69 -33.83
N LYS A 44 -33.35 -6.25 -34.88
CA LYS A 44 -33.88 -7.47 -35.46
C LYS A 44 -33.65 -8.66 -34.54
N GLY A 45 -34.72 -9.40 -34.25
CA GLY A 45 -34.62 -10.63 -33.49
C GLY A 45 -34.61 -10.47 -31.99
N LYS A 46 -34.59 -9.25 -31.47
CA LYS A 46 -34.54 -9.01 -30.03
C LYS A 46 -35.63 -8.02 -29.64
N ARG A 47 -36.25 -8.27 -28.49
CA ARG A 47 -37.29 -7.39 -27.97
C ARG A 47 -36.67 -6.09 -27.50
N THR A 48 -36.96 -5.00 -28.21
CA THR A 48 -36.33 -3.71 -27.99
C THR A 48 -37.37 -2.71 -27.48
N VAL A 49 -37.09 -2.08 -26.35
CA VAL A 49 -37.97 -1.10 -25.74
C VAL A 49 -37.26 0.24 -25.70
N ASP A 50 -37.83 1.23 -26.39
CA ASP A 50 -37.35 2.60 -26.35
C ASP A 50 -38.07 3.30 -25.19
N LEU A 51 -37.35 3.51 -24.08
CA LEU A 51 -37.97 4.11 -22.90
C LEU A 51 -38.48 5.52 -23.16
N GLY A 52 -37.97 6.19 -24.19
CA GLY A 52 -38.51 7.49 -24.57
C GLY A 52 -38.28 8.52 -23.48
N GLN A 53 -39.38 9.14 -23.03
CA GLN A 53 -39.32 10.24 -22.08
C GLN A 53 -39.16 9.78 -20.63
N CYS A 54 -39.03 8.49 -20.36
CA CYS A 54 -38.87 8.02 -19.00
C CYS A 54 -37.50 7.40 -18.78
N GLY A 55 -36.85 7.84 -17.70
CA GLY A 55 -35.60 7.21 -17.31
C GLY A 55 -35.82 5.81 -16.77
N LEU A 56 -34.74 5.03 -16.78
CA LEU A 56 -34.83 3.62 -16.44
C LEU A 56 -35.22 3.42 -14.98
N LEU A 57 -34.71 4.28 -14.09
CA LEU A 57 -35.06 4.16 -12.68
C LEU A 57 -36.48 4.62 -12.38
N GLY A 58 -37.08 5.40 -13.28
CA GLY A 58 -38.46 5.79 -13.09
C GLY A 58 -39.43 4.61 -13.10
N THR A 59 -39.08 3.56 -13.85
CA THR A 59 -39.93 2.38 -13.89
C THR A 59 -40.14 1.76 -12.52
N ILE A 60 -39.25 1.99 -11.57
CA ILE A 60 -39.38 1.39 -10.25
C ILE A 60 -40.29 2.24 -9.36
N THR A 61 -40.17 3.56 -9.43
CA THR A 61 -40.98 4.45 -8.61
C THR A 61 -42.31 4.80 -9.28
N GLY A 62 -42.29 5.06 -10.58
CA GLY A 62 -43.50 5.29 -11.33
C GLY A 62 -43.96 6.73 -11.38
N PRO A 63 -43.19 7.60 -12.04
CA PRO A 63 -43.69 8.95 -12.33
C PRO A 63 -44.62 8.89 -13.53
N PRO A 64 -45.38 9.98 -13.80
CA PRO A 64 -46.37 9.94 -14.89
C PRO A 64 -45.82 9.52 -16.24
N GLN A 65 -44.51 9.62 -16.43
CA GLN A 65 -43.91 9.27 -17.72
C GLN A 65 -43.50 7.80 -17.83
N CYS A 66 -43.57 7.02 -16.75
CA CYS A 66 -43.29 5.60 -16.80
C CYS A 66 -44.54 4.74 -16.64
N ASP A 67 -45.72 5.30 -16.90
CA ASP A 67 -46.94 4.51 -16.78
C ASP A 67 -47.05 3.44 -17.86
N GLN A 68 -46.38 3.64 -19.00
CA GLN A 68 -46.36 2.60 -20.02
C GLN A 68 -45.38 1.47 -19.69
N PHE A 69 -44.41 1.72 -18.82
CA PHE A 69 -43.34 0.78 -18.55
C PHE A 69 -43.21 0.48 -17.06
N LEU A 70 -44.35 0.41 -16.36
CA LEU A 70 -44.29 -0.02 -14.96
C LEU A 70 -44.01 -1.51 -14.86
N GLU A 71 -44.48 -2.28 -15.84
CA GLU A 71 -44.11 -3.70 -15.97
C GLU A 71 -43.81 -3.94 -17.44
N PHE A 72 -42.55 -4.17 -17.76
CA PHE A 72 -42.14 -4.41 -19.14
C PHE A 72 -41.19 -5.60 -19.18
N SER A 73 -40.94 -6.10 -20.38
CA SER A 73 -39.96 -7.15 -20.64
C SER A 73 -39.25 -6.81 -21.94
N ALA A 74 -37.94 -6.98 -21.96
CA ALA A 74 -37.16 -6.59 -23.13
C ALA A 74 -35.81 -7.28 -23.11
N ASP A 75 -35.27 -7.50 -24.30
CA ASP A 75 -33.89 -7.95 -24.46
C ASP A 75 -32.93 -6.78 -24.62
N LEU A 76 -33.42 -5.65 -25.13
CA LEU A 76 -32.60 -4.47 -25.38
C LEU A 76 -33.34 -3.24 -24.87
N ILE A 77 -32.81 -2.63 -23.81
CA ILE A 77 -33.36 -1.41 -23.24
C ILE A 77 -32.59 -0.22 -23.79
N ILE A 78 -33.32 0.83 -24.17
CA ILE A 78 -32.72 2.01 -24.78
C ILE A 78 -33.20 3.23 -24.01
N GLU A 79 -32.29 3.86 -23.27
CA GLU A 79 -32.60 5.11 -22.59
C GLU A 79 -32.46 6.28 -23.55
N ARG A 80 -32.98 7.43 -23.12
CA ARG A 80 -32.89 8.67 -23.88
C ARG A 80 -32.38 9.78 -22.97
N ARG A 81 -31.90 10.87 -23.60
CA ARG A 81 -31.36 11.98 -22.83
C ARG A 81 -32.46 12.74 -22.11
N GLU A 82 -33.63 12.88 -22.73
CA GLU A 82 -34.73 13.61 -22.14
C GLU A 82 -35.43 12.84 -21.02
N GLY A 83 -35.24 11.52 -20.96
CA GLY A 83 -35.90 10.73 -19.94
C GLY A 83 -35.40 11.08 -18.54
N SER A 84 -36.33 11.13 -17.60
CA SER A 84 -36.02 11.47 -16.22
C SER A 84 -36.62 10.43 -15.29
N ASP A 85 -35.83 10.00 -14.30
CA ASP A 85 -36.27 9.02 -13.31
C ASP A 85 -37.22 9.59 -12.27
N VAL A 86 -37.58 10.87 -12.39
CA VAL A 86 -38.11 11.62 -11.26
C VAL A 86 -39.16 12.61 -11.77
N CYS A 87 -40.17 12.87 -10.92
CA CYS A 87 -41.08 14.01 -11.10
C CYS A 87 -40.94 15.02 -9.98
N TYR A 88 -41.08 14.61 -8.73
CA TYR A 88 -40.81 15.50 -7.59
C TYR A 88 -39.30 15.57 -7.37
N PRO A 89 -38.70 16.77 -7.42
CA PRO A 89 -37.23 16.87 -7.50
C PRO A 89 -36.53 16.09 -6.39
N GLY A 90 -35.48 15.38 -6.77
CA GLY A 90 -34.74 14.57 -5.83
C GLY A 90 -33.65 13.79 -6.53
N LYS A 91 -33.21 12.72 -5.89
CA LYS A 91 -32.14 11.89 -6.43
C LYS A 91 -32.33 10.46 -5.97
N PHE A 92 -31.69 9.54 -6.69
CA PHE A 92 -31.64 8.14 -6.32
C PHE A 92 -30.30 7.85 -5.66
N VAL A 93 -30.34 7.37 -4.42
CA VAL A 93 -29.11 7.01 -3.71
C VAL A 93 -28.57 5.71 -4.29
N ASN A 94 -27.28 5.73 -4.64
CA ASN A 94 -26.62 4.60 -5.30
C ASN A 94 -27.27 4.30 -6.65
N GLU A 95 -27.43 5.35 -7.47
CA GLU A 95 -28.23 5.23 -8.68
C GLU A 95 -27.47 4.54 -9.81
N GLU A 96 -26.18 4.82 -9.97
CA GLU A 96 -25.44 4.23 -11.08
C GLU A 96 -25.29 2.73 -10.91
N ALA A 97 -25.26 2.23 -9.68
CA ALA A 97 -25.27 0.79 -9.46
C ALA A 97 -26.62 0.18 -9.80
N LEU A 98 -27.71 0.85 -9.41
CA LEU A 98 -29.05 0.35 -9.68
C LEU A 98 -29.35 0.38 -11.17
N ARG A 99 -28.88 1.42 -11.88
CA ARG A 99 -29.11 1.48 -13.32
C ARG A 99 -28.42 0.31 -14.04
N GLN A 100 -27.23 -0.08 -13.58
CA GLN A 100 -26.56 -1.23 -14.18
C GLN A 100 -27.31 -2.52 -13.88
N ILE A 101 -27.93 -2.63 -12.71
CA ILE A 101 -28.78 -3.77 -12.42
C ILE A 101 -29.99 -3.77 -13.35
N LEU A 102 -30.59 -2.60 -13.55
CA LEU A 102 -31.82 -2.52 -14.35
C LEU A 102 -31.54 -2.68 -15.83
N ARG A 103 -30.34 -2.27 -16.30
CA ARG A 103 -30.04 -2.39 -17.72
C ARG A 103 -30.01 -3.84 -18.18
N GLU A 104 -29.56 -4.76 -17.31
CA GLU A 104 -29.56 -6.18 -17.66
C GLU A 104 -30.56 -6.94 -16.78
N SER A 105 -31.82 -6.51 -16.80
CA SER A 105 -32.86 -7.16 -16.02
C SER A 105 -33.82 -7.99 -16.85
N GLY A 106 -33.84 -7.82 -18.17
CA GLY A 106 -34.87 -8.43 -18.98
C GLY A 106 -36.24 -7.88 -18.76
N GLY A 107 -36.36 -6.80 -17.99
CA GLY A 107 -37.63 -6.24 -17.59
C GLY A 107 -37.83 -6.34 -16.08
N ILE A 108 -38.95 -5.81 -15.63
CA ILE A 108 -39.32 -5.84 -14.22
C ILE A 108 -40.77 -6.28 -14.10
N ASP A 109 -41.03 -7.19 -13.16
CA ASP A 109 -42.37 -7.56 -12.76
C ASP A 109 -42.66 -7.00 -11.38
N LYS A 110 -43.90 -6.59 -11.17
CA LYS A 110 -44.30 -5.95 -9.92
C LYS A 110 -45.20 -6.87 -9.11
N GLU A 111 -45.36 -6.53 -7.84
CA GLU A 111 -46.22 -7.27 -6.92
C GLU A 111 -46.50 -6.39 -5.71
N ALA A 112 -47.76 -6.32 -5.31
CA ALA A 112 -48.13 -5.52 -4.16
C ALA A 112 -47.52 -6.09 -2.88
N MET A 113 -46.98 -5.20 -2.04
CA MET A 113 -46.41 -5.61 -0.77
C MET A 113 -47.45 -5.64 0.35
N GLY A 114 -48.71 -5.30 0.06
CA GLY A 114 -49.80 -5.47 1.00
C GLY A 114 -49.73 -4.63 2.26
N PHE A 115 -49.27 -3.39 2.16
CA PHE A 115 -49.22 -2.51 3.32
C PHE A 115 -50.58 -1.88 3.59
N THR A 116 -51.01 -1.91 4.85
CA THR A 116 -52.25 -1.27 5.28
C THR A 116 -51.94 -0.30 6.41
N TYR A 117 -52.59 0.86 6.37
CA TYR A 117 -52.34 1.91 7.35
C TYR A 117 -53.63 2.40 7.96
N SER A 118 -53.55 2.82 9.23
CA SER A 118 -54.65 3.46 9.94
C SER A 118 -54.07 4.60 10.75
N GLY A 119 -54.64 5.79 10.57
CA GLY A 119 -54.22 6.96 11.32
C GLY A 119 -53.31 7.92 10.59
N ILE A 120 -53.14 7.74 9.27
CA ILE A 120 -52.35 8.64 8.45
C ILE A 120 -53.19 9.03 7.24
N ARG A 121 -52.75 10.11 6.57
CA ARG A 121 -53.41 10.55 5.34
C ARG A 121 -53.28 9.48 4.26
N THR A 122 -52.05 9.05 3.99
CA THR A 122 -51.75 7.95 3.07
C THR A 122 -52.06 8.29 1.62
N ASN A 123 -52.18 9.58 1.28
CA ASN A 123 -52.47 9.98 -0.10
C ASN A 123 -51.88 11.37 -0.37
N GLY A 124 -50.54 11.46 -0.33
CA GLY A 124 -49.90 12.70 -0.70
C GLY A 124 -49.89 12.92 -2.19
N ALA A 125 -49.65 14.16 -2.58
CA ALA A 125 -49.62 14.52 -4.00
C ALA A 125 -48.80 15.78 -4.18
N THR A 126 -48.31 15.97 -5.40
CA THR A 126 -47.50 17.13 -5.76
C THR A 126 -47.83 17.55 -7.18
N SER A 127 -47.66 18.85 -7.45
CA SER A 127 -47.95 19.40 -8.77
C SER A 127 -46.97 18.92 -9.82
N ALA A 128 -45.75 18.54 -9.42
CA ALA A 128 -44.76 18.09 -10.40
C ALA A 128 -45.18 16.76 -11.03
N CYS A 129 -45.61 15.81 -10.20
CA CYS A 129 -46.13 14.54 -10.70
C CYS A 129 -47.59 14.75 -11.05
N ARG A 130 -47.85 15.03 -12.33
CA ARG A 130 -49.17 15.42 -12.80
C ARG A 130 -49.66 14.42 -13.84
N ARG A 131 -50.83 13.83 -13.59
CA ARG A 131 -51.51 12.98 -14.57
C ARG A 131 -52.76 13.67 -15.09
N SER A 132 -53.74 13.92 -14.20
CA SER A 132 -54.90 14.77 -14.49
C SER A 132 -55.09 15.65 -13.25
N GLY A 133 -54.15 16.56 -13.04
CA GLY A 133 -54.04 17.28 -11.79
C GLY A 133 -52.88 16.75 -10.97
N SER A 134 -52.83 17.20 -9.72
CA SER A 134 -51.77 16.78 -8.82
C SER A 134 -51.86 15.29 -8.54
N SER A 135 -50.70 14.63 -8.56
CA SER A 135 -50.62 13.19 -8.31
C SER A 135 -49.26 12.90 -7.67
N PHE A 136 -48.90 11.61 -7.62
CA PHE A 136 -47.65 11.19 -7.01
C PHE A 136 -47.14 9.97 -7.76
N TYR A 137 -46.01 9.44 -7.30
CA TYR A 137 -45.43 8.25 -7.91
C TYR A 137 -46.43 7.09 -7.86
N ALA A 138 -46.53 6.37 -8.97
CA ALA A 138 -47.56 5.33 -9.10
C ALA A 138 -47.31 4.16 -8.18
N GLU A 139 -46.05 3.91 -7.80
CA GLU A 139 -45.71 2.76 -6.97
C GLU A 139 -45.37 3.15 -5.54
N MET A 140 -45.33 4.44 -5.22
CA MET A 140 -45.07 4.91 -3.87
C MET A 140 -46.31 5.58 -3.31
N LYS A 141 -46.30 5.80 -1.99
CA LYS A 141 -47.39 6.47 -1.30
C LYS A 141 -46.81 7.46 -0.30
N TRP A 142 -47.12 8.74 -0.50
CA TRP A 142 -46.69 9.79 0.42
C TRP A 142 -47.57 9.75 1.67
N LEU A 143 -46.94 9.54 2.82
CA LEU A 143 -47.65 9.43 4.09
C LEU A 143 -47.59 10.76 4.83
N LEU A 144 -48.74 11.19 5.35
CA LEU A 144 -48.85 12.42 6.11
C LEU A 144 -49.57 12.15 7.42
N SER A 145 -49.57 13.15 8.29
CA SER A 145 -50.50 13.14 9.40
C SER A 145 -51.92 13.44 8.89
N ASN A 146 -52.91 13.11 9.72
CA ASN A 146 -54.30 13.25 9.30
C ASN A 146 -54.62 14.69 8.93
N THR A 147 -54.41 15.62 9.86
CA THR A 147 -54.61 17.03 9.61
C THR A 147 -53.30 17.78 9.81
N ASP A 148 -53.31 19.07 9.45
CA ASP A 148 -52.10 19.88 9.52
C ASP A 148 -51.59 19.97 10.95
N ASN A 149 -50.28 19.77 11.11
CA ASN A 149 -49.57 19.82 12.39
C ASN A 149 -50.03 18.76 13.38
N ALA A 150 -50.80 17.77 12.93
CA ALA A 150 -51.15 16.66 13.79
C ALA A 150 -49.95 15.71 13.93
N ALA A 151 -50.03 14.83 14.92
CA ALA A 151 -48.93 13.93 15.20
C ALA A 151 -48.90 12.78 14.20
N PHE A 152 -47.69 12.26 13.97
CA PHE A 152 -47.49 11.06 13.17
C PHE A 152 -47.11 9.92 14.09
N PRO A 153 -47.92 8.88 14.20
CA PRO A 153 -47.62 7.80 15.13
C PRO A 153 -46.52 6.87 14.61
N GLN A 154 -45.74 6.34 15.55
CA GLN A 154 -44.69 5.40 15.21
C GLN A 154 -45.31 4.11 14.67
N MET A 155 -44.95 3.75 13.44
CA MET A 155 -45.46 2.56 12.78
C MET A 155 -44.32 1.62 12.42
N THR A 156 -44.68 0.37 12.17
CA THR A 156 -43.73 -0.64 11.70
C THR A 156 -44.44 -1.50 10.68
N LYS A 157 -43.88 -1.58 9.47
CA LYS A 157 -44.44 -2.38 8.39
C LYS A 157 -43.38 -3.34 7.88
N SER A 158 -43.80 -4.56 7.53
CA SER A 158 -42.89 -5.61 7.11
C SER A 158 -43.41 -6.25 5.83
N TYR A 159 -42.49 -6.86 5.08
CA TYR A 159 -42.82 -7.57 3.86
C TYR A 159 -41.80 -8.68 3.66
N LYS A 160 -42.29 -9.91 3.51
CA LYS A 160 -41.43 -11.06 3.28
C LYS A 160 -41.47 -11.45 1.81
N ASN A 161 -40.31 -11.56 1.18
CA ASN A 161 -40.20 -11.94 -0.22
C ASN A 161 -40.63 -13.39 -0.37
N THR A 162 -41.83 -13.60 -0.91
CA THR A 162 -42.38 -14.94 -1.04
C THR A 162 -41.84 -15.67 -2.27
N ARG A 163 -41.36 -14.95 -3.27
CA ARG A 163 -40.98 -15.54 -4.55
C ARG A 163 -39.62 -16.24 -4.45
N LYS A 164 -39.17 -16.75 -5.59
CA LYS A 164 -37.87 -17.39 -5.72
C LYS A 164 -36.78 -16.44 -6.20
N SER A 165 -37.14 -15.21 -6.55
CA SER A 165 -36.21 -14.20 -7.04
C SER A 165 -36.03 -13.09 -6.00
N PRO A 166 -34.86 -12.47 -5.95
CA PRO A 166 -34.68 -11.33 -5.04
C PRO A 166 -35.61 -10.18 -5.40
N ALA A 167 -36.12 -9.51 -4.37
CA ALA A 167 -37.12 -8.45 -4.53
C ALA A 167 -36.45 -7.09 -4.43
N LEU A 168 -36.47 -6.33 -5.52
CA LEU A 168 -36.04 -4.94 -5.48
C LEU A 168 -37.03 -4.12 -4.68
N ILE A 169 -36.54 -3.45 -3.64
CA ILE A 169 -37.39 -2.73 -2.69
C ILE A 169 -36.86 -1.30 -2.57
N VAL A 170 -37.75 -0.33 -2.73
CA VAL A 170 -37.39 1.08 -2.80
C VAL A 170 -38.22 1.86 -1.79
N TRP A 171 -37.58 2.71 -1.00
CA TRP A 171 -38.28 3.63 -0.11
C TRP A 171 -37.72 5.04 -0.33
N GLY A 172 -38.37 6.01 0.29
CA GLY A 172 -38.03 7.40 0.06
C GLY A 172 -37.99 8.20 1.35
N ILE A 173 -37.20 9.26 1.32
CA ILE A 173 -37.08 10.21 2.43
C ILE A 173 -37.38 11.60 1.88
N HIS A 174 -38.38 12.26 2.44
CA HIS A 174 -38.78 13.58 2.00
C HIS A 174 -38.11 14.65 2.86
N HIS A 175 -37.34 15.53 2.22
CA HIS A 175 -36.72 16.66 2.89
C HIS A 175 -37.59 17.88 2.67
N SER A 176 -38.24 18.34 3.74
CA SER A 176 -39.10 19.51 3.64
C SER A 176 -38.28 20.76 3.34
N VAL A 177 -38.98 21.83 2.94
CA VAL A 177 -38.29 23.08 2.63
C VAL A 177 -37.97 23.87 3.89
N SER A 178 -38.74 23.66 4.97
CA SER A 178 -38.52 24.36 6.22
C SER A 178 -38.83 23.41 7.37
N THR A 179 -38.50 23.85 8.58
CA THR A 179 -38.89 23.09 9.76
C THR A 179 -40.41 23.11 9.94
N ALA A 180 -41.05 24.23 9.58
CA ALA A 180 -42.49 24.34 9.74
C ALA A 180 -43.24 23.44 8.75
N GLU A 181 -42.72 23.31 7.53
CA GLU A 181 -43.34 22.39 6.57
C GLU A 181 -43.32 20.96 7.08
N GLN A 182 -42.17 20.52 7.61
CA GLN A 182 -42.09 19.19 8.19
C GLN A 182 -43.01 19.07 9.41
N THR A 183 -43.12 20.14 10.20
CA THR A 183 -44.05 20.15 11.31
C THR A 183 -45.49 20.14 10.83
N LYS A 184 -45.79 20.93 9.78
CA LYS A 184 -47.14 20.96 9.24
C LYS A 184 -47.54 19.64 8.60
N LEU A 185 -46.57 18.93 8.00
CA LEU A 185 -46.89 17.70 7.28
C LEU A 185 -46.94 16.50 8.22
N TYR A 186 -45.88 16.28 9.00
CA TYR A 186 -45.75 15.08 9.81
C TYR A 186 -45.77 15.35 11.31
N GLY A 187 -45.95 16.60 11.73
CA GLY A 187 -45.96 16.92 13.14
C GLY A 187 -44.59 17.30 13.67
N SER A 188 -44.59 17.93 14.84
CA SER A 188 -43.35 18.36 15.47
C SER A 188 -42.57 17.16 15.99
N GLY A 189 -41.30 17.41 16.30
CA GLY A 189 -40.41 16.37 16.79
C GLY A 189 -39.46 15.87 15.72
N ASN A 190 -38.41 15.19 16.17
CA ASN A 190 -37.42 14.62 15.26
C ASN A 190 -37.96 13.37 14.59
N LYS A 191 -37.74 13.27 13.28
CA LYS A 191 -38.20 12.14 12.50
C LYS A 191 -37.04 11.19 12.22
N LEU A 192 -37.36 9.90 12.17
CA LEU A 192 -36.34 8.87 11.98
C LEU A 192 -36.95 7.70 11.23
N VAL A 193 -36.29 7.28 10.15
CA VAL A 193 -36.69 6.13 9.35
C VAL A 193 -35.59 5.09 9.42
N THR A 194 -35.95 3.88 9.82
CA THR A 194 -35.02 2.76 9.93
C THR A 194 -35.47 1.62 9.03
N VAL A 195 -34.53 1.04 8.30
CA VAL A 195 -34.80 -0.04 7.36
C VAL A 195 -33.98 -1.25 7.78
N GLY A 196 -34.64 -2.40 7.91
CA GLY A 196 -33.97 -3.60 8.37
C GLY A 196 -34.31 -4.86 7.61
N SER A 197 -33.28 -5.55 7.11
CA SER A 197 -33.42 -6.86 6.51
C SER A 197 -32.44 -7.80 7.20
N SER A 198 -32.39 -9.06 6.73
CA SER A 198 -31.45 -10.01 7.31
C SER A 198 -30.00 -9.63 7.02
N ASN A 199 -29.74 -8.97 5.89
CA ASN A 199 -28.39 -8.63 5.48
C ASN A 199 -28.15 -7.12 5.42
N TYR A 200 -29.03 -6.32 6.02
CA TYR A 200 -28.89 -4.87 5.97
C TYR A 200 -29.67 -4.25 7.12
N GLN A 201 -29.13 -3.17 7.68
CA GLN A 201 -29.78 -2.44 8.77
C GLN A 201 -29.15 -1.08 8.89
N GLN A 202 -29.94 -0.03 8.64
CA GLN A 202 -29.46 1.34 8.73
C GLN A 202 -30.65 2.27 8.90
N SER A 203 -30.43 3.37 9.62
CA SER A 203 -31.47 4.35 9.89
C SER A 203 -31.17 5.65 9.15
N PHE A 204 -32.23 6.42 8.87
CA PHE A 204 -32.11 7.61 8.05
C PHE A 204 -32.91 8.74 8.68
N VAL A 205 -32.54 9.97 8.31
CA VAL A 205 -33.08 11.18 8.93
C VAL A 205 -33.29 12.25 7.86
N PRO A 206 -34.41 12.98 7.89
CA PRO A 206 -34.61 14.07 6.94
C PRO A 206 -33.90 15.35 7.36
N SER A 207 -33.38 16.07 6.39
CA SER A 207 -32.70 17.35 6.61
C SER A 207 -33.48 18.46 5.92
N PRO A 208 -34.33 19.18 6.64
CA PRO A 208 -35.15 20.21 5.98
C PRO A 208 -34.34 21.47 5.68
N GLY A 209 -34.63 22.06 4.53
CA GLY A 209 -33.94 23.27 4.12
C GLY A 209 -34.38 23.70 2.74
N ALA A 210 -34.12 24.97 2.44
CA ALA A 210 -34.47 25.57 1.16
C ALA A 210 -33.38 25.28 0.14
N ARG A 211 -33.74 24.60 -0.93
CA ARG A 211 -32.82 24.19 -1.97
C ARG A 211 -33.19 24.85 -3.30
N PRO A 212 -32.27 24.90 -4.26
CA PRO A 212 -32.57 25.59 -5.53
C PRO A 212 -33.84 25.06 -6.18
N GLN A 213 -34.62 25.99 -6.75
CA GLN A 213 -35.93 25.67 -7.29
C GLN A 213 -35.79 24.75 -8.50
N VAL A 214 -36.22 23.51 -8.34
CA VAL A 214 -36.32 22.55 -9.44
C VAL A 214 -37.78 22.16 -9.57
N ASN A 215 -38.35 22.39 -10.77
CA ASN A 215 -39.77 22.16 -11.02
C ASN A 215 -40.65 22.99 -10.08
N GLY A 216 -40.19 24.18 -9.72
CA GLY A 216 -40.97 25.04 -8.85
C GLY A 216 -40.99 24.62 -7.39
N LEU A 217 -40.09 23.74 -6.98
CA LEU A 217 -40.07 23.22 -5.62
C LEU A 217 -38.67 23.30 -5.04
N SER A 218 -38.60 23.51 -3.72
CA SER A 218 -37.35 23.43 -2.99
C SER A 218 -37.26 22.22 -2.09
N GLY A 219 -38.39 21.58 -1.78
CA GLY A 219 -38.34 20.30 -1.11
C GLY A 219 -37.76 19.21 -2.00
N ARG A 220 -37.34 18.12 -1.38
CA ARG A 220 -36.70 17.03 -2.10
C ARG A 220 -37.16 15.69 -1.55
N ILE A 221 -37.17 14.69 -2.44
CA ILE A 221 -37.48 13.31 -2.08
C ILE A 221 -36.34 12.44 -2.59
N ASP A 222 -35.58 11.86 -1.67
CA ASP A 222 -34.49 10.97 -2.01
C ASP A 222 -34.95 9.52 -1.92
N PHE A 223 -34.58 8.72 -2.91
CA PHE A 223 -34.97 7.32 -2.99
C PHE A 223 -33.78 6.43 -2.69
N HIS A 224 -33.96 5.50 -1.75
CA HIS A 224 -33.01 4.45 -1.46
C HIS A 224 -33.56 3.12 -1.94
N TRP A 225 -32.70 2.10 -2.00
CA TRP A 225 -33.11 0.80 -2.48
C TRP A 225 -32.24 -0.28 -1.85
N LEU A 226 -32.76 -1.51 -1.88
CA LEU A 226 -32.01 -2.68 -1.44
C LEU A 226 -32.63 -3.92 -2.09
N MET A 227 -31.90 -5.02 -2.05
CA MET A 227 -32.35 -6.30 -2.57
C MET A 227 -32.74 -7.20 -1.41
N LEU A 228 -33.96 -7.71 -1.44
CA LEU A 228 -34.45 -8.62 -0.40
C LEU A 228 -34.40 -10.04 -0.93
N ASN A 229 -33.74 -10.92 -0.17
CA ASN A 229 -33.59 -12.31 -0.57
C ASN A 229 -34.92 -13.05 -0.43
N PRO A 230 -35.07 -14.18 -1.11
CA PRO A 230 -36.25 -15.02 -0.88
C PRO A 230 -36.29 -15.51 0.56
N ASN A 231 -37.51 -15.67 1.08
CA ASN A 231 -37.76 -16.04 2.47
C ASN A 231 -37.11 -15.08 3.45
N ASP A 232 -36.88 -13.84 3.03
CA ASP A 232 -36.32 -12.79 3.88
C ASP A 232 -37.35 -11.67 4.01
N THR A 233 -37.27 -10.93 5.12
CA THR A 233 -38.29 -9.95 5.47
C THR A 233 -37.65 -8.58 5.67
N VAL A 234 -38.06 -7.61 4.86
CA VAL A 234 -37.71 -6.22 5.08
C VAL A 234 -38.65 -5.64 6.13
N THR A 235 -38.18 -4.62 6.86
CA THR A 235 -38.95 -4.04 7.95
C THR A 235 -38.71 -2.54 7.99
N PHE A 236 -39.77 -1.76 7.78
CA PHE A 236 -39.70 -0.30 7.82
C PHE A 236 -40.32 0.19 9.13
N SER A 237 -39.52 0.88 9.94
CA SER A 237 -39.99 1.56 11.14
C SER A 237 -39.77 3.05 10.96
N PHE A 238 -40.80 3.85 11.23
CA PHE A 238 -40.75 5.26 10.89
C PHE A 238 -41.81 6.02 11.68
N ASN A 239 -41.64 7.34 11.70
CA ASN A 239 -42.63 8.23 12.33
C ASN A 239 -42.84 9.49 11.51
N GLY A 240 -42.51 9.49 10.23
CA GLY A 240 -42.74 10.65 9.39
C GLY A 240 -41.67 10.78 8.33
N ALA A 241 -41.92 11.68 7.38
CA ALA A 241 -40.99 11.99 6.30
C ALA A 241 -40.63 10.75 5.49
N PHE A 242 -41.54 9.77 5.47
CA PHE A 242 -41.27 8.47 4.89
C PHE A 242 -42.15 8.27 3.66
N ILE A 243 -41.52 8.08 2.51
CA ILE A 243 -42.23 7.73 1.28
C ILE A 243 -42.21 6.21 1.20
N ALA A 244 -43.29 5.60 1.70
CA ALA A 244 -43.40 4.15 1.74
C ALA A 244 -43.66 3.57 0.36
N PRO A 245 -43.15 2.38 0.07
CA PRO A 245 -43.47 1.72 -1.19
C PRO A 245 -44.79 0.97 -1.13
N ASP A 246 -45.44 0.88 -2.29
CA ASP A 246 -46.64 0.08 -2.44
C ASP A 246 -46.33 -1.30 -3.01
N ARG A 247 -45.54 -1.36 -4.09
CA ARG A 247 -45.23 -2.60 -4.77
C ARG A 247 -43.72 -2.81 -4.79
N ALA A 248 -43.33 -4.07 -4.94
CA ALA A 248 -41.93 -4.45 -5.08
C ALA A 248 -41.66 -4.90 -6.51
N SER A 249 -40.40 -4.77 -6.92
CA SER A 249 -39.98 -5.12 -8.28
C SER A 249 -39.22 -6.44 -8.27
N PHE A 250 -39.31 -7.16 -9.38
CA PHE A 250 -38.60 -8.42 -9.58
C PHE A 250 -38.02 -8.45 -10.98
N LEU A 251 -36.82 -8.99 -11.11
CA LEU A 251 -36.14 -9.02 -12.39
C LEU A 251 -36.62 -10.22 -13.21
N ARG A 252 -36.92 -9.98 -14.48
CA ARG A 252 -37.47 -11.03 -15.33
C ARG A 252 -36.38 -11.95 -15.88
N GLY A 253 -35.26 -11.40 -16.34
CA GLY A 253 -34.20 -12.22 -16.88
C GLY A 253 -32.92 -11.47 -17.17
N LYS A 254 -32.47 -11.50 -18.41
CA LYS A 254 -31.27 -10.81 -18.84
C LYS A 254 -31.58 -9.92 -20.03
N SER A 255 -30.83 -8.83 -20.15
CA SER A 255 -31.05 -7.86 -21.22
C SER A 255 -29.78 -7.03 -21.40
N MET A 256 -29.87 -6.03 -22.27
CA MET A 256 -28.77 -5.12 -22.55
C MET A 256 -29.26 -3.69 -22.42
N GLY A 257 -28.43 -2.82 -21.88
CA GLY A 257 -28.85 -1.45 -21.65
C GLY A 257 -27.90 -0.41 -22.20
N ILE A 258 -28.38 0.42 -23.13
CA ILE A 258 -27.59 1.48 -23.73
C ILE A 258 -28.39 2.78 -23.69
N GLN A 259 -27.66 3.89 -23.80
CA GLN A 259 -28.23 5.21 -24.02
C GLN A 259 -27.77 5.71 -25.39
N SER A 260 -28.70 6.23 -26.17
CA SER A 260 -28.38 6.66 -27.52
C SER A 260 -29.36 7.74 -27.97
N GLY A 261 -29.08 8.30 -29.14
CA GLY A 261 -29.97 9.26 -29.77
C GLY A 261 -30.25 8.86 -31.20
N VAL A 262 -29.78 7.68 -31.60
CA VAL A 262 -29.98 7.20 -32.95
C VAL A 262 -31.37 6.57 -33.07
N GLN A 263 -31.86 6.49 -34.31
CA GLN A 263 -33.11 5.81 -34.57
C GLN A 263 -32.92 4.30 -34.42
N VAL A 264 -34.04 3.58 -34.41
CA VAL A 264 -34.05 2.13 -34.26
C VAL A 264 -34.39 1.50 -35.60
N ASP A 265 -33.62 0.49 -35.98
CA ASP A 265 -33.85 -0.25 -37.22
C ASP A 265 -34.33 -1.65 -36.88
N ALA A 266 -35.40 -2.08 -37.55
CA ALA A 266 -35.97 -3.39 -37.31
C ALA A 266 -35.43 -4.46 -38.25
N ASN A 267 -35.00 -4.07 -39.45
CA ASN A 267 -34.54 -5.04 -40.43
C ASN A 267 -33.08 -5.44 -40.23
N CYS A 268 -32.27 -4.55 -39.67
CA CYS A 268 -30.87 -4.85 -39.42
C CYS A 268 -30.71 -5.60 -38.11
N GLU A 269 -29.83 -6.59 -38.10
CA GLU A 269 -29.57 -7.43 -36.93
C GLU A 269 -28.16 -7.19 -36.43
N GLY A 270 -28.02 -6.95 -35.13
CA GLY A 270 -26.72 -6.69 -34.54
C GLY A 270 -26.57 -7.39 -33.20
N ASP A 271 -25.32 -7.50 -32.77
CA ASP A 271 -24.97 -8.13 -31.50
C ASP A 271 -24.22 -7.23 -30.55
N CYS A 272 -23.61 -6.15 -31.03
CA CYS A 272 -22.98 -5.14 -30.18
C CYS A 272 -23.59 -3.79 -30.45
N TYR A 273 -23.77 -3.01 -29.39
CA TYR A 273 -24.39 -1.70 -29.49
C TYR A 273 -23.64 -0.70 -28.62
N HIS A 274 -23.67 0.57 -29.04
CA HIS A 274 -23.10 1.66 -28.28
C HIS A 274 -23.97 2.89 -28.47
N SER A 275 -23.54 4.01 -27.89
CA SER A 275 -24.32 5.24 -27.97
C SER A 275 -24.46 5.73 -29.40
N GLY A 276 -23.47 5.45 -30.25
CA GLY A 276 -23.55 5.87 -31.63
C GLY A 276 -24.44 5.01 -32.49
N GLY A 277 -24.56 3.73 -32.16
CA GLY A 277 -25.40 2.83 -32.93
C GLY A 277 -25.06 1.36 -32.76
N THR A 278 -24.89 0.66 -33.88
CA THR A 278 -24.65 -0.78 -33.88
C THR A 278 -23.29 -1.09 -34.48
N ILE A 279 -22.54 -1.96 -33.82
CA ILE A 279 -21.26 -2.45 -34.32
C ILE A 279 -21.49 -3.79 -35.00
N ILE A 280 -21.19 -3.86 -36.29
CA ILE A 280 -21.40 -5.07 -37.09
C ILE A 280 -20.04 -5.45 -37.66
N SER A 281 -19.41 -6.46 -37.07
CA SER A 281 -18.07 -6.84 -37.50
C SER A 281 -17.76 -8.26 -37.05
N ASN A 282 -16.90 -8.92 -37.82
CA ASN A 282 -16.33 -10.20 -37.44
C ASN A 282 -14.88 -10.07 -36.98
N LEU A 283 -14.31 -8.87 -37.06
CA LEU A 283 -12.93 -8.66 -36.67
C LEU A 283 -12.80 -8.69 -35.15
N PRO A 284 -11.68 -9.20 -34.63
CA PRO A 284 -11.52 -9.32 -33.18
C PRO A 284 -11.36 -8.00 -32.44
N PHE A 285 -11.09 -6.91 -33.14
CA PHE A 285 -10.84 -5.62 -32.50
C PHE A 285 -11.72 -4.53 -33.12
N GLN A 286 -11.70 -3.37 -32.49
CA GLN A 286 -12.43 -2.19 -32.96
C GLN A 286 -11.94 -0.99 -32.19
N ASN A 287 -12.14 0.20 -32.76
CA ASN A 287 -11.68 1.44 -32.15
C ASN A 287 -12.68 2.57 -32.43
N ILE A 288 -13.94 2.32 -32.10
CA ILE A 288 -14.98 3.33 -32.27
C ILE A 288 -15.67 3.72 -30.97
N ASP A 289 -15.65 2.86 -29.95
CA ASP A 289 -16.21 3.21 -28.65
C ASP A 289 -15.62 2.26 -27.61
N SER A 290 -15.37 2.79 -26.41
CA SER A 290 -14.64 2.04 -25.39
C SER A 290 -15.54 1.26 -24.44
N ARG A 291 -16.84 1.61 -24.35
CA ARG A 291 -17.71 1.00 -23.37
C ARG A 291 -18.97 0.42 -24.01
N ALA A 292 -18.86 -0.05 -25.26
CA ALA A 292 -19.99 -0.64 -25.94
C ALA A 292 -20.38 -1.97 -25.29
N VAL A 293 -21.68 -2.15 -25.06
CA VAL A 293 -22.18 -3.36 -24.42
C VAL A 293 -22.49 -4.40 -25.48
N GLY A 294 -22.59 -5.66 -25.04
CA GLY A 294 -22.89 -6.77 -25.92
C GLY A 294 -21.63 -7.47 -26.41
N LYS A 295 -21.87 -8.62 -27.05
CA LYS A 295 -20.78 -9.39 -27.66
C LYS A 295 -20.10 -8.52 -28.71
N CYS A 296 -18.86 -8.12 -28.44
CA CYS A 296 -18.22 -7.04 -29.18
C CYS A 296 -16.74 -7.35 -29.33
N PRO A 297 -16.09 -6.80 -30.36
CA PRO A 297 -14.63 -6.94 -30.45
C PRO A 297 -13.93 -6.08 -29.41
N ARG A 298 -12.73 -6.53 -29.02
CA ARG A 298 -11.97 -5.83 -27.99
C ARG A 298 -11.57 -4.44 -28.45
N TYR A 299 -11.57 -3.50 -27.51
CA TYR A 299 -11.27 -2.11 -27.84
C TYR A 299 -9.80 -1.96 -28.19
N VAL A 300 -9.52 -1.15 -29.22
CA VAL A 300 -8.16 -0.95 -29.69
C VAL A 300 -7.77 0.53 -29.57
N GLN B 1 -19.48 23.64 19.12
CA GLN B 1 -18.43 22.66 19.33
C GLN B 1 -18.90 21.57 20.29
N VAL B 2 -19.30 20.42 19.74
CA VAL B 2 -19.82 19.32 20.54
C VAL B 2 -18.66 18.58 21.19
N GLN B 3 -18.79 18.30 22.48
CA GLN B 3 -17.76 17.60 23.24
C GLN B 3 -18.42 16.56 24.15
N LEU B 4 -17.76 15.41 24.30
CA LEU B 4 -18.27 14.28 25.06
C LEU B 4 -17.28 13.90 26.15
N VAL B 5 -17.81 13.58 27.33
CA VAL B 5 -16.99 13.22 28.49
C VAL B 5 -17.56 11.97 29.13
N GLU B 6 -16.72 10.96 29.33
CA GLU B 6 -17.14 9.73 29.97
C GLU B 6 -17.07 9.85 31.49
N SER B 7 -18.08 9.31 32.17
CA SER B 7 -18.12 9.31 33.62
C SER B 7 -18.70 7.98 34.09
N GLY B 8 -17.93 7.24 34.87
CA GLY B 8 -18.37 5.96 35.38
C GLY B 8 -17.35 5.27 36.26
N PRO B 9 -17.79 4.26 37.00
CA PRO B 9 -16.87 3.52 37.88
C PRO B 9 -15.76 2.85 37.09
N GLY B 10 -14.55 2.87 37.68
CA GLY B 10 -13.39 2.32 37.01
C GLY B 10 -13.29 0.81 37.03
N LEU B 11 -13.97 0.15 37.97
CA LEU B 11 -13.97 -1.30 38.01
C LEU B 11 -15.33 -1.79 38.52
N VAL B 12 -15.74 -2.95 38.00
CA VAL B 12 -16.97 -3.60 38.44
C VAL B 12 -16.65 -5.06 38.74
N LYS B 13 -17.50 -5.67 39.58
CA LYS B 13 -17.24 -7.05 39.95
C LYS B 13 -17.87 -8.01 38.93
N PRO B 14 -17.35 -9.23 38.82
CA PRO B 14 -17.89 -10.17 37.84
C PRO B 14 -19.37 -10.44 38.04
N SER B 15 -20.06 -10.72 36.92
CA SER B 15 -21.48 -11.03 36.91
C SER B 15 -22.31 -9.90 37.53
N GLN B 16 -21.91 -8.66 37.25
CA GLN B 16 -22.63 -7.48 37.68
C GLN B 16 -22.90 -6.59 36.47
N THR B 17 -23.63 -5.50 36.69
CA THR B 17 -24.02 -4.58 35.62
C THR B 17 -23.06 -3.39 35.61
N LEU B 18 -22.33 -3.24 34.50
CA LEU B 18 -21.43 -2.12 34.31
C LEU B 18 -22.23 -0.93 33.80
N SER B 19 -22.07 0.22 34.44
CA SER B 19 -22.82 1.42 34.09
C SER B 19 -21.87 2.59 33.85
N LEU B 20 -22.02 3.24 32.70
CA LEU B 20 -21.26 4.44 32.36
C LEU B 20 -22.24 5.54 31.96
N THR B 21 -21.69 6.74 31.75
CA THR B 21 -22.52 7.90 31.45
C THR B 21 -21.72 8.89 30.62
N CYS B 22 -22.36 9.45 29.60
CA CYS B 22 -21.74 10.41 28.71
C CYS B 22 -22.39 11.77 28.90
N THR B 23 -21.60 12.78 29.22
CA THR B 23 -22.07 14.15 29.34
C THR B 23 -21.66 14.91 28.09
N VAL B 24 -22.65 15.41 27.36
CA VAL B 24 -22.41 16.06 26.07
C VAL B 24 -22.46 17.58 26.27
N SER B 25 -21.32 18.23 26.04
CA SER B 25 -21.21 19.68 26.13
C SER B 25 -21.23 20.28 24.74
N GLY B 26 -21.51 21.59 24.68
CA GLY B 26 -21.48 22.31 23.42
C GLY B 26 -22.54 21.93 22.43
N GLY B 27 -23.69 21.43 22.89
CA GLY B 27 -24.77 21.06 21.98
C GLY B 27 -25.88 20.28 22.66
N SER B 28 -27.09 20.41 22.14
CA SER B 28 -28.24 19.71 22.70
C SER B 28 -28.22 18.24 22.29
N ILE B 29 -28.69 17.39 23.20
CA ILE B 29 -28.84 15.96 22.90
C ILE B 29 -30.05 15.69 22.02
N ASN B 30 -30.86 16.71 21.74
CA ASN B 30 -31.97 16.60 20.80
C ASN B 30 -31.60 17.10 19.41
N SER B 31 -30.33 16.99 19.04
CA SER B 31 -29.91 17.31 17.68
C SER B 31 -30.52 16.31 16.71
N SER B 32 -31.07 16.81 15.60
CA SER B 32 -31.75 15.94 14.65
C SER B 32 -30.79 15.09 13.83
N HIS B 33 -29.49 15.24 13.98
CA HIS B 33 -28.52 14.59 13.11
C HIS B 33 -27.41 13.91 13.91
N SER B 34 -27.77 13.30 15.04
CA SER B 34 -26.76 12.69 15.91
C SER B 34 -27.27 11.35 16.42
N PHE B 35 -26.51 10.29 16.13
CA PHE B 35 -26.68 8.99 16.79
C PHE B 35 -25.61 8.88 17.88
N TRP B 36 -26.03 8.98 19.13
CA TRP B 36 -25.10 8.87 20.25
C TRP B 36 -24.74 7.41 20.44
N SER B 37 -23.44 7.11 20.35
CA SER B 37 -22.97 5.74 20.23
C SER B 37 -21.97 5.40 21.34
N TRP B 38 -21.75 4.10 21.52
CA TRP B 38 -20.76 3.58 22.45
C TRP B 38 -19.88 2.58 21.72
N ILE B 39 -18.57 2.72 21.87
CA ILE B 39 -17.60 1.82 21.26
C ILE B 39 -16.54 1.46 22.29
N ARG B 40 -16.26 0.18 22.45
CA ARG B 40 -15.27 -0.29 23.40
C ARG B 40 -14.06 -0.88 22.68
N GLN B 41 -12.94 -0.93 23.40
CA GLN B 41 -11.66 -1.34 22.83
C GLN B 41 -10.87 -2.12 23.88
N PRO B 42 -10.85 -3.45 23.80
CA PRO B 42 -10.00 -4.24 24.69
C PRO B 42 -8.55 -3.83 24.56
N ALA B 43 -7.82 -3.72 25.68
CA ALA B 43 -6.44 -3.23 25.61
C ALA B 43 -5.55 -4.13 24.77
N GLY B 44 -5.01 -3.56 23.70
CA GLY B 44 -4.21 -4.31 22.76
C GLY B 44 -4.98 -4.95 21.61
N LYS B 45 -6.31 -4.85 21.62
CA LYS B 45 -7.15 -5.41 20.58
C LYS B 45 -7.75 -4.28 19.74
N GLY B 46 -8.78 -4.61 18.96
CA GLY B 46 -9.42 -3.65 18.08
C GLY B 46 -10.68 -3.04 18.68
N LEU B 47 -11.33 -2.22 17.87
CA LEU B 47 -12.53 -1.51 18.28
C LEU B 47 -13.77 -2.39 18.04
N GLU B 48 -14.74 -2.28 18.93
CA GLU B 48 -15.97 -3.07 18.87
C GLU B 48 -17.15 -2.14 19.09
N TRP B 49 -17.92 -1.90 18.03
CA TRP B 49 -19.11 -1.07 18.12
C TRP B 49 -20.14 -1.75 19.01
N ILE B 50 -20.59 -1.04 20.05
CA ILE B 50 -21.51 -1.61 21.03
C ILE B 50 -22.95 -1.31 20.60
N GLY B 51 -23.27 -0.03 20.45
CA GLY B 51 -24.62 0.34 20.09
C GLY B 51 -24.73 1.85 19.98
N ARG B 52 -25.85 2.29 19.42
CA ARG B 52 -26.12 3.71 19.24
C ARG B 52 -27.55 4.01 19.65
N ILE B 53 -27.84 5.30 19.84
CA ILE B 53 -29.16 5.75 20.24
C ILE B 53 -29.43 7.11 19.59
N TYR B 54 -30.70 7.36 19.30
CA TYR B 54 -31.16 8.61 18.75
C TYR B 54 -31.94 9.38 19.81
N SER B 55 -32.15 10.67 19.56
CA SER B 55 -32.87 11.50 20.52
C SER B 55 -34.29 11.00 20.74
N THR B 56 -34.88 10.36 19.74
CA THR B 56 -36.22 9.78 19.89
C THR B 56 -36.24 8.61 20.87
N GLY B 57 -35.08 8.03 21.17
CA GLY B 57 -34.99 6.90 22.07
C GLY B 57 -34.82 5.57 21.37
N ASN B 58 -34.97 5.52 20.05
CA ASN B 58 -34.73 4.29 19.31
C ASN B 58 -33.25 3.91 19.39
N SER B 59 -32.99 2.62 19.52
CA SER B 59 -31.63 2.14 19.73
C SER B 59 -31.35 0.95 18.81
N ASN B 60 -30.07 0.75 18.53
CA ASN B 60 -29.57 -0.42 17.83
C ASN B 60 -28.40 -0.98 18.62
N TYR B 61 -28.51 -2.24 19.02
CA TYR B 61 -27.48 -2.90 19.80
C TYR B 61 -26.74 -3.91 18.94
N ASN B 62 -25.46 -4.10 19.23
CA ASN B 62 -24.69 -5.15 18.58
C ASN B 62 -25.31 -6.50 18.92
N PRO B 63 -25.54 -7.37 17.93
CA PRO B 63 -26.25 -8.64 18.22
C PRO B 63 -25.54 -9.52 19.23
N SER B 64 -24.20 -9.48 19.29
CA SER B 64 -23.49 -10.28 20.28
C SER B 64 -23.78 -9.79 21.70
N LEU B 65 -23.95 -8.48 21.87
CA LEU B 65 -24.16 -7.88 23.17
C LEU B 65 -25.61 -7.48 23.41
N LYS B 66 -26.50 -7.68 22.44
CA LYS B 66 -27.87 -7.21 22.55
C LYS B 66 -28.58 -7.79 23.76
N SER B 67 -28.20 -9.01 24.17
CA SER B 67 -28.85 -9.62 25.33
C SER B 67 -28.51 -8.90 26.63
N ARG B 68 -27.32 -8.32 26.73
CA ARG B 68 -26.83 -7.74 27.98
C ARG B 68 -26.71 -6.22 27.94
N VAL B 69 -27.07 -5.58 26.83
CA VAL B 69 -26.82 -4.15 26.64
C VAL B 69 -28.14 -3.39 26.71
N THR B 70 -28.14 -2.28 27.45
CA THR B 70 -29.25 -1.34 27.50
C THR B 70 -28.68 0.06 27.44
N ILE B 71 -29.19 0.87 26.50
CA ILE B 71 -28.77 2.25 26.33
C ILE B 71 -29.96 3.15 26.53
N SER B 72 -29.78 4.22 27.30
CA SER B 72 -30.84 5.16 27.60
C SER B 72 -30.28 6.58 27.57
N LEU B 73 -31.17 7.56 27.43
CA LEU B 73 -30.78 8.96 27.43
C LEU B 73 -31.59 9.73 28.47
N ASP B 74 -31.02 10.86 28.89
CA ASP B 74 -31.66 11.76 29.87
C ASP B 74 -31.67 13.14 29.25
N THR B 75 -32.79 13.51 28.62
CA THR B 75 -32.88 14.79 27.92
C THR B 75 -32.72 15.96 28.87
N SER B 76 -33.10 15.80 30.15
CA SER B 76 -33.01 16.90 31.09
C SER B 76 -31.56 17.19 31.48
N LYS B 77 -30.74 16.16 31.60
CA LYS B 77 -29.35 16.32 32.01
C LYS B 77 -28.39 16.48 30.84
N ASN B 78 -28.86 16.34 29.60
CA ASN B 78 -28.00 16.31 28.42
C ASN B 78 -26.96 15.20 28.57
N GLN B 79 -27.44 13.98 28.76
CA GLN B 79 -26.59 12.82 28.97
C GLN B 79 -27.25 11.60 28.36
N PHE B 80 -26.43 10.58 28.10
CA PHE B 80 -26.91 9.24 27.77
C PHE B 80 -25.99 8.22 28.45
N SER B 81 -26.53 7.03 28.69
CA SER B 81 -25.86 6.05 29.52
C SER B 81 -25.81 4.70 28.80
N LEU B 82 -24.97 3.81 29.33
CA LEU B 82 -24.82 2.45 28.84
C LEU B 82 -24.71 1.51 30.03
N LYS B 83 -25.50 0.43 30.00
CA LYS B 83 -25.52 -0.55 31.09
C LYS B 83 -25.28 -1.93 30.49
N LEU B 84 -24.14 -2.54 30.83
CA LEU B 84 -23.76 -3.86 30.35
C LEU B 84 -23.97 -4.87 31.48
N SER B 85 -24.94 -5.75 31.30
CA SER B 85 -25.32 -6.70 32.34
C SER B 85 -24.44 -7.95 32.29
N SER B 86 -24.41 -8.66 33.42
CA SER B 86 -23.74 -9.95 33.55
C SER B 86 -22.29 -9.88 33.06
N VAL B 87 -21.56 -8.91 33.59
CA VAL B 87 -20.22 -8.63 33.08
C VAL B 87 -19.29 -9.80 33.35
N THR B 88 -18.52 -10.18 32.33
CA THR B 88 -17.50 -11.22 32.43
C THR B 88 -16.11 -10.58 32.37
N ALA B 89 -15.09 -11.43 32.48
CA ALA B 89 -13.71 -10.96 32.43
C ALA B 89 -13.33 -10.40 31.07
N ALA B 90 -14.07 -10.76 30.01
CA ALA B 90 -13.76 -10.28 28.68
C ALA B 90 -14.21 -8.84 28.44
N ASP B 91 -15.16 -8.34 29.24
CA ASP B 91 -15.65 -6.98 29.08
C ASP B 91 -14.69 -5.93 29.64
N THR B 92 -13.54 -6.35 30.17
CA THR B 92 -12.50 -5.40 30.56
C THR B 92 -11.94 -4.73 29.32
N ALA B 93 -12.18 -3.43 29.18
CA ALA B 93 -11.78 -2.69 28.00
C ALA B 93 -11.90 -1.20 28.30
N VAL B 94 -11.50 -0.39 27.32
CA VAL B 94 -11.73 1.04 27.34
C VAL B 94 -13.02 1.33 26.59
N TYR B 95 -13.90 2.12 27.18
CA TYR B 95 -15.22 2.40 26.61
C TYR B 95 -15.28 3.86 26.21
N TYR B 96 -15.70 4.13 24.97
CA TYR B 96 -15.70 5.46 24.40
C TYR B 96 -17.12 5.97 24.17
N CYS B 97 -17.33 7.25 24.49
CA CYS B 97 -18.42 7.97 23.86
C CYS B 97 -18.13 8.18 22.38
N ALA B 98 -19.20 8.38 21.62
CA ALA B 98 -19.06 8.70 20.21
C ALA B 98 -20.37 9.29 19.71
N ARG B 99 -20.27 10.24 18.81
CA ARG B 99 -21.43 10.84 18.15
C ARG B 99 -21.31 10.58 16.66
N GLU B 100 -22.32 9.92 16.10
CA GLU B 100 -22.35 9.62 14.67
C GLU B 100 -23.11 10.73 13.95
N SER B 101 -22.41 11.46 13.10
CA SER B 101 -23.00 12.63 12.44
C SER B 101 -23.80 12.19 11.22
N LEU B 102 -25.10 12.50 11.23
CA LEU B 102 -25.98 12.24 10.10
C LEU B 102 -26.13 13.45 9.19
N TRP B 103 -25.27 14.46 9.35
CA TRP B 103 -25.42 15.70 8.60
C TRP B 103 -25.13 15.54 7.11
N ASN B 104 -24.42 14.49 6.72
CA ASN B 104 -24.00 14.35 5.34
C ASN B 104 -25.20 14.17 4.42
N PRO B 105 -25.33 14.96 3.36
CA PRO B 105 -26.51 14.83 2.49
C PRO B 105 -26.49 13.58 1.61
N ASP B 106 -25.34 12.96 1.41
CA ASP B 106 -25.24 11.73 0.64
C ASP B 106 -25.34 10.48 1.51
N TYR B 107 -25.72 10.64 2.78
CA TYR B 107 -26.01 9.53 3.69
C TYR B 107 -24.77 8.70 4.03
N TYR B 108 -23.64 9.39 4.20
CA TYR B 108 -22.40 8.78 4.67
C TYR B 108 -22.15 9.25 6.10
N TYR B 109 -22.32 8.34 7.05
CA TYR B 109 -22.21 8.66 8.47
C TYR B 109 -20.81 8.33 8.98
N TYR B 110 -20.44 8.99 10.08
CA TYR B 110 -19.10 8.85 10.63
C TYR B 110 -19.07 9.33 12.07
N MET B 111 -18.19 8.74 12.86
CA MET B 111 -17.91 9.21 14.21
C MET B 111 -16.92 10.37 14.13
N ASP B 112 -17.40 11.59 14.42
CA ASP B 112 -16.56 12.77 14.37
C ASP B 112 -16.28 13.39 15.74
N VAL B 113 -16.88 12.87 16.80
CA VAL B 113 -16.64 13.34 18.17
C VAL B 113 -16.51 12.11 19.06
N TRP B 114 -15.38 11.99 19.76
CA TRP B 114 -15.14 10.89 20.68
C TRP B 114 -14.88 11.44 22.08
N GLY B 115 -15.31 10.68 23.07
CA GLY B 115 -14.91 10.95 24.43
C GLY B 115 -13.46 10.57 24.66
N LYS B 116 -12.94 10.95 25.83
CA LYS B 116 -11.56 10.64 26.15
C LYS B 116 -11.34 9.14 26.31
N GLY B 117 -12.33 8.44 26.84
CA GLY B 117 -12.22 7.00 27.08
C GLY B 117 -12.05 6.75 28.56
N THR B 118 -12.70 5.69 29.05
CA THR B 118 -12.61 5.29 30.44
C THR B 118 -12.37 3.79 30.52
N LEU B 119 -11.26 3.41 31.15
CA LEU B 119 -10.95 2.01 31.33
C LEU B 119 -11.85 1.42 32.42
N VAL B 120 -12.38 0.23 32.18
CA VAL B 120 -13.17 -0.49 33.17
C VAL B 120 -12.59 -1.89 33.28
N THR B 121 -11.73 -2.09 34.28
CA THR B 121 -11.32 -3.43 34.64
C THR B 121 -12.46 -4.13 35.37
N VAL B 122 -12.49 -5.46 35.32
CA VAL B 122 -13.43 -6.24 36.09
C VAL B 122 -12.65 -7.29 36.86
N SER B 123 -12.90 -7.38 38.16
CA SER B 123 -12.15 -8.25 39.04
C SER B 123 -12.84 -8.31 40.39
N SER B 124 -12.46 -9.30 41.20
CA SER B 124 -12.96 -9.40 42.56
C SER B 124 -12.13 -8.57 43.53
N ALA B 125 -10.90 -8.24 43.18
CA ALA B 125 -10.02 -7.49 44.08
C ALA B 125 -10.50 -6.06 44.22
N SER B 126 -10.48 -5.56 45.44
CA SER B 126 -10.83 -4.17 45.71
C SER B 126 -9.67 -3.26 45.31
N PHE B 127 -10.00 -2.00 45.03
CA PHE B 127 -9.03 -1.04 44.55
C PHE B 127 -8.16 -0.53 45.68
N LYS B 128 -6.98 -0.02 45.32
CA LYS B 128 -6.02 0.50 46.27
C LYS B 128 -5.21 1.61 45.61
N GLY B 129 -5.14 2.76 46.28
CA GLY B 129 -4.38 3.89 45.79
C GLY B 129 -2.90 3.62 45.75
N PRO B 130 -2.16 4.41 44.99
CA PRO B 130 -0.73 4.16 44.82
C PRO B 130 0.14 4.85 45.87
N SER B 131 1.30 4.25 46.10
CA SER B 131 2.39 4.90 46.81
C SER B 131 3.39 5.43 45.79
N VAL B 132 3.92 6.63 46.05
CA VAL B 132 4.83 7.29 45.12
C VAL B 132 6.09 7.67 45.87
N PHE B 133 7.24 7.24 45.36
CA PHE B 133 8.55 7.53 45.91
C PHE B 133 9.40 8.25 44.87
N PRO B 134 10.30 9.13 45.30
CA PRO B 134 11.08 9.92 44.34
C PRO B 134 12.18 9.11 43.65
N LEU B 135 12.51 9.56 42.45
CA LEU B 135 13.70 9.09 41.73
C LEU B 135 14.68 10.27 41.73
N ALA B 136 15.55 10.28 42.72
CA ALA B 136 16.40 11.45 42.95
C ALA B 136 17.37 11.64 41.78
N PRO B 137 17.68 12.89 41.42
CA PRO B 137 18.48 13.11 40.20
C PRO B 137 19.91 12.63 40.30
N SER B 138 20.56 12.84 41.44
CA SER B 138 21.97 12.50 41.64
C SER B 138 22.86 13.19 40.61
N GLY B 144 27.05 21.62 33.99
CA GLY B 144 26.78 20.24 33.63
C GLY B 144 25.85 20.11 32.44
N GLY B 145 25.46 18.88 32.13
CA GLY B 145 24.56 18.62 31.02
C GLY B 145 23.11 18.55 31.46
N THR B 146 22.40 17.51 31.04
CA THR B 146 21.02 17.29 31.45
C THR B 146 20.98 16.18 32.50
N ALA B 147 20.20 16.41 33.54
CA ALA B 147 20.00 15.44 34.61
C ALA B 147 18.61 14.82 34.48
N ALA B 148 18.47 13.60 34.99
CA ALA B 148 17.23 12.86 34.93
C ALA B 148 16.68 12.66 36.34
N LEU B 149 15.41 12.99 36.53
CA LEU B 149 14.72 12.76 37.79
C LEU B 149 13.33 12.21 37.49
N GLY B 150 12.67 11.73 38.53
CA GLY B 150 11.34 11.19 38.37
C GLY B 150 10.75 10.77 39.69
N CYS B 151 9.65 10.02 39.62
CA CYS B 151 9.01 9.49 40.81
C CYS B 151 8.35 8.16 40.46
N LEU B 152 8.54 7.17 41.33
CA LEU B 152 8.10 5.80 41.08
C LEU B 152 6.73 5.59 41.70
N VAL B 153 5.73 5.31 40.87
CA VAL B 153 4.37 5.03 41.31
C VAL B 153 4.23 3.53 41.49
N LYS B 154 3.81 3.10 42.68
CA LYS B 154 3.90 1.69 43.03
C LYS B 154 2.66 1.22 43.78
N ASP B 155 2.32 -0.06 43.57
CA ASP B 155 1.34 -0.79 44.35
C ASP B 155 -0.04 -0.12 44.31
N TYR B 156 -0.63 -0.13 43.12
CA TYR B 156 -1.98 0.38 42.92
C TYR B 156 -2.78 -0.61 42.09
N PHE B 157 -4.11 -0.45 42.16
CA PHE B 157 -5.05 -1.30 41.46
C PHE B 157 -6.43 -0.63 41.49
N PRO B 158 -7.18 -0.66 40.38
CA PRO B 158 -6.71 -1.17 39.09
C PRO B 158 -6.05 -0.06 38.28
N GLU B 159 -5.83 -0.31 36.99
CA GLU B 159 -5.50 0.76 36.08
C GLU B 159 -6.72 1.67 35.89
N PRO B 160 -6.52 2.90 35.42
CA PRO B 160 -5.27 3.58 35.06
C PRO B 160 -4.80 4.63 36.05
N VAL B 161 -3.51 4.94 36.00
CA VAL B 161 -2.95 6.06 36.74
C VAL B 161 -2.34 7.03 35.72
N THR B 162 -2.45 8.32 36.02
CA THR B 162 -2.05 9.37 35.09
C THR B 162 -1.16 10.37 35.81
N VAL B 163 0.08 10.49 35.33
CA VAL B 163 1.11 11.30 35.98
C VAL B 163 1.29 12.60 35.23
N SER B 164 1.35 13.70 35.98
CA SER B 164 1.71 15.01 35.45
C SER B 164 3.03 15.47 36.09
N TRP B 165 3.56 16.57 35.59
CA TRP B 165 4.78 17.16 36.14
C TRP B 165 4.59 18.66 36.25
N ASN B 166 4.72 19.17 37.48
CA ASN B 166 4.50 20.59 37.78
C ASN B 166 3.12 21.04 37.30
N SER B 167 2.11 20.21 37.57
CA SER B 167 0.71 20.52 37.26
C SER B 167 0.51 20.78 35.78
N GLY B 168 1.18 19.98 34.94
CA GLY B 168 1.03 20.08 33.50
C GLY B 168 1.85 21.14 32.82
N ALA B 169 2.52 22.02 33.58
CA ALA B 169 3.35 23.06 33.00
C ALA B 169 4.71 22.54 32.54
N LEU B 170 5.05 21.29 32.85
CA LEU B 170 6.28 20.66 32.40
C LEU B 170 5.89 19.42 31.59
N THR B 171 6.11 19.48 30.28
CA THR B 171 5.75 18.37 29.40
C THR B 171 6.93 17.93 28.56
N SER B 172 7.82 18.87 28.24
CA SER B 172 8.95 18.58 27.36
C SER B 172 9.97 17.69 28.08
N GLY B 173 10.19 16.49 27.55
CA GLY B 173 11.15 15.57 28.11
C GLY B 173 10.59 14.58 29.10
N VAL B 174 9.27 14.45 29.20
CA VAL B 174 8.62 13.59 30.18
C VAL B 174 8.30 12.26 29.51
N HIS B 175 8.70 11.16 30.14
CA HIS B 175 8.33 9.82 29.73
C HIS B 175 7.64 9.12 30.89
N THR B 176 6.38 8.73 30.69
CA THR B 176 5.63 7.92 31.64
C THR B 176 5.50 6.52 31.05
N PHE B 177 6.03 5.53 31.76
CA PHE B 177 6.15 4.18 31.22
C PHE B 177 4.83 3.42 31.37
N PRO B 178 4.64 2.36 30.58
CA PRO B 178 3.46 1.52 30.76
C PRO B 178 3.44 0.87 32.14
N ALA B 179 2.24 0.54 32.60
CA ALA B 179 2.11 -0.14 33.88
C ALA B 179 2.57 -1.58 33.76
N VAL B 180 3.20 -2.08 34.82
CA VAL B 180 3.66 -3.46 34.91
C VAL B 180 2.95 -4.11 36.08
N LEU B 181 2.34 -5.27 35.84
CA LEU B 181 1.67 -6.01 36.90
C LEU B 181 2.68 -6.91 37.60
N GLN B 182 2.69 -6.84 38.93
CA GLN B 182 3.66 -7.56 39.75
C GLN B 182 3.04 -8.86 40.26
N SER B 183 3.85 -9.64 40.99
CA SER B 183 3.38 -10.91 41.54
C SER B 183 2.22 -10.70 42.50
N SER B 184 2.21 -9.57 43.22
CA SER B 184 1.15 -9.27 44.17
C SER B 184 -0.18 -8.97 43.50
N GLY B 185 -0.21 -8.78 42.19
CA GLY B 185 -1.42 -8.32 41.54
C GLY B 185 -1.61 -6.83 41.60
N LEU B 186 -0.57 -6.08 41.95
CA LEU B 186 -0.60 -4.63 41.96
C LEU B 186 0.30 -4.10 40.85
N TYR B 187 0.02 -2.88 40.43
CA TYR B 187 0.74 -2.26 39.32
C TYR B 187 1.82 -1.31 39.83
N SER B 188 2.83 -1.10 38.99
CA SER B 188 3.89 -0.15 39.26
C SER B 188 4.33 0.48 37.95
N LEU B 189 4.70 1.75 38.02
CA LEU B 189 5.28 2.44 36.87
C LEU B 189 6.14 3.59 37.36
N SER B 190 7.14 3.94 36.56
CA SER B 190 7.97 5.11 36.80
C SER B 190 7.65 6.18 35.76
N SER B 191 7.78 7.44 36.18
CA SER B 191 7.66 8.58 35.29
C SER B 191 8.94 9.39 35.40
N VAL B 192 9.61 9.59 34.28
CA VAL B 192 10.92 10.25 34.27
C VAL B 192 10.82 11.54 33.47
N VAL B 193 11.78 12.42 33.73
CA VAL B 193 11.89 13.69 33.00
C VAL B 193 13.34 14.15 33.05
N THR B 194 13.89 14.50 31.90
CA THR B 194 15.22 15.09 31.81
C THR B 194 15.11 16.60 31.88
N VAL B 195 15.93 17.21 32.72
CA VAL B 195 15.91 18.65 32.93
C VAL B 195 17.35 19.17 32.91
N PRO B 196 17.54 20.46 32.68
CA PRO B 196 18.89 21.03 32.78
C PRO B 196 19.45 20.84 34.19
N SER B 197 20.70 20.37 34.26
CA SER B 197 21.34 20.15 35.55
C SER B 197 21.47 21.45 36.33
N SER B 198 21.51 22.59 35.64
CA SER B 198 21.54 23.88 36.32
C SER B 198 20.21 24.20 36.97
N SER B 199 19.10 23.75 36.37
CA SER B 199 17.76 24.03 36.88
C SER B 199 17.41 23.22 38.11
N LEU B 200 18.31 22.35 38.59
CA LEU B 200 17.99 21.48 39.71
C LEU B 200 17.75 22.28 40.98
N GLY B 201 18.69 23.15 41.35
CA GLY B 201 18.54 23.92 42.57
C GLY B 201 17.46 24.97 42.47
N THR B 202 17.32 25.60 41.30
CA THR B 202 16.39 26.72 41.15
C THR B 202 14.95 26.22 41.10
N GLN B 203 14.61 25.45 40.07
CA GLN B 203 13.23 25.04 39.84
C GLN B 203 12.87 23.83 40.69
N THR B 204 11.63 23.82 41.17
CA THR B 204 11.09 22.67 41.88
C THR B 204 10.32 21.76 40.92
N TYR B 205 10.33 20.46 41.21
CA TYR B 205 9.68 19.47 40.36
C TYR B 205 8.78 18.59 41.24
N ILE B 206 7.47 18.80 41.13
CA ILE B 206 6.48 17.97 41.80
C ILE B 206 5.77 17.15 40.73
N CYS B 207 5.62 15.85 40.98
CA CYS B 207 4.93 14.95 40.06
C CYS B 207 3.52 14.68 40.59
N ASN B 208 2.54 14.79 39.71
CA ASN B 208 1.12 14.71 40.08
C ASN B 208 0.58 13.35 39.65
N VAL B 209 0.42 12.45 40.62
CA VAL B 209 -0.06 11.10 40.38
C VAL B 209 -1.55 11.09 40.69
N ASN B 210 -2.37 10.86 39.65
CA ASN B 210 -3.82 10.84 39.80
C ASN B 210 -4.33 9.43 39.54
N HIS B 211 -5.09 8.90 40.50
CA HIS B 211 -5.64 7.55 40.43
C HIS B 211 -7.15 7.65 40.65
N LYS B 212 -7.90 7.84 39.57
CA LYS B 212 -9.34 7.98 39.66
C LYS B 212 -10.06 6.77 40.24
N PRO B 213 -9.65 5.52 39.98
CA PRO B 213 -10.31 4.39 40.64
C PRO B 213 -10.27 4.44 42.16
N SER B 214 -9.30 5.13 42.76
CA SER B 214 -9.21 5.24 44.21
C SER B 214 -9.66 6.59 44.74
N ASN B 215 -9.99 7.55 43.86
CA ASN B 215 -10.22 8.95 44.22
C ASN B 215 -9.00 9.57 44.89
N THR B 216 -7.85 8.94 44.76
CA THR B 216 -6.61 9.41 45.38
C THR B 216 -5.78 10.18 44.36
N LYS B 217 -5.07 11.20 44.84
CA LYS B 217 -4.17 11.97 43.99
C LYS B 217 -3.00 12.41 44.86
N VAL B 218 -1.83 11.83 44.63
CA VAL B 218 -0.63 12.12 45.41
C VAL B 218 0.22 13.11 44.65
N ASP B 219 0.85 14.03 45.38
CA ASP B 219 1.75 15.02 44.81
C ASP B 219 3.10 14.89 45.52
N LYS B 220 4.11 14.44 44.78
CA LYS B 220 5.42 14.14 45.33
C LYS B 220 6.44 15.14 44.79
N LYS B 221 7.08 15.87 45.69
CA LYS B 221 8.17 16.77 45.33
C LYS B 221 9.48 16.01 45.40
N VAL B 222 10.31 16.17 44.36
CA VAL B 222 11.55 15.40 44.26
C VAL B 222 12.74 16.22 44.75
N ASP C 1 -22.88 -9.96 9.57
CA ASP C 1 -21.88 -8.94 9.83
C ASP C 1 -20.88 -8.86 8.69
N ILE C 2 -20.33 -7.66 8.47
CA ILE C 2 -19.41 -7.41 7.38
C ILE C 2 -17.99 -7.50 7.93
N VAL C 3 -17.25 -8.54 7.52
CA VAL C 3 -15.87 -8.69 7.95
C VAL C 3 -14.99 -7.67 7.23
N MET C 4 -14.05 -7.08 7.97
CA MET C 4 -13.14 -6.07 7.47
C MET C 4 -11.70 -6.56 7.65
N THR C 5 -11.10 -7.08 6.58
CA THR C 5 -9.72 -7.53 6.61
C THR C 5 -8.81 -6.38 6.15
N GLN C 6 -7.97 -5.90 7.05
CA GLN C 6 -7.14 -4.73 6.85
C GLN C 6 -5.69 -5.17 6.86
N SER C 7 -4.96 -4.85 5.81
CA SER C 7 -3.66 -5.44 5.57
C SER C 7 -2.56 -4.47 5.99
N PRO C 8 -1.29 -4.92 5.94
CA PRO C 8 -0.24 -4.35 6.80
C PRO C 8 -0.71 -4.28 8.26
N SER C 9 -0.43 -5.33 9.04
CA SER C 9 -0.73 -5.30 10.47
C SER C 9 0.20 -4.35 11.21
N SER C 10 1.48 -4.38 10.87
CA SER C 10 2.45 -3.42 11.36
C SER C 10 3.43 -3.13 10.23
N LEU C 11 4.02 -1.93 10.25
CA LEU C 11 4.96 -1.57 9.21
C LEU C 11 5.91 -0.50 9.73
N SER C 12 7.03 -0.37 9.05
CA SER C 12 8.05 0.63 9.33
C SER C 12 8.29 1.45 8.06
N ALA C 13 8.29 2.77 8.21
CA ALA C 13 8.55 3.68 7.10
C ALA C 13 9.31 4.89 7.61
N SER C 14 10.15 5.45 6.75
CA SER C 14 10.97 6.60 7.09
C SER C 14 10.20 7.90 6.87
N VAL C 15 10.67 8.96 7.51
CA VAL C 15 10.02 10.26 7.39
C VAL C 15 10.11 10.74 5.95
N GLY C 16 8.97 11.05 5.35
CA GLY C 16 8.90 11.45 3.97
C GLY C 16 8.45 10.37 3.02
N ASP C 17 8.34 9.13 3.48
CA ASP C 17 7.90 8.03 2.63
C ASP C 17 6.42 8.20 2.29
N ARG C 18 5.96 7.37 1.35
CA ARG C 18 4.57 7.36 0.90
C ARG C 18 3.95 6.03 1.32
N VAL C 19 3.30 6.02 2.48
CA VAL C 19 2.76 4.80 3.06
C VAL C 19 1.36 4.56 2.54
N THR C 20 1.04 3.29 2.28
CA THR C 20 -0.28 2.89 1.80
C THR C 20 -0.81 1.77 2.69
N ILE C 21 -2.03 1.94 3.18
CA ILE C 21 -2.71 0.97 4.02
C ILE C 21 -4.00 0.56 3.32
N THR C 22 -4.25 -0.75 3.26
CA THR C 22 -5.40 -1.28 2.53
C THR C 22 -6.42 -1.89 3.48
N CYS C 23 -7.68 -1.84 3.07
CA CYS C 23 -8.80 -2.42 3.80
C CYS C 23 -9.75 -3.04 2.79
N ARG C 24 -10.19 -4.28 3.05
CA ARG C 24 -10.98 -5.04 2.10
C ARG C 24 -12.23 -5.60 2.79
N ALA C 25 -13.36 -5.51 2.09
CA ALA C 25 -14.67 -5.83 2.63
C ALA C 25 -15.13 -7.22 2.20
N SER C 26 -16.03 -7.78 2.99
CA SER C 26 -16.72 -9.01 2.60
C SER C 26 -17.87 -8.74 1.65
N GLN C 27 -18.42 -7.53 1.66
CA GLN C 27 -19.46 -7.10 0.74
C GLN C 27 -18.92 -6.01 -0.17
N SER C 28 -19.82 -5.36 -0.91
CA SER C 28 -19.53 -4.15 -1.68
C SER C 28 -20.60 -3.14 -1.30
N PHE C 29 -20.20 -2.09 -0.59
CA PHE C 29 -21.15 -1.16 0.04
C PHE C 29 -21.01 0.27 -0.48
N SER C 30 -20.58 0.43 -1.73
CA SER C 30 -20.54 1.73 -2.39
C SER C 30 -19.76 2.77 -1.57
N SER C 31 -18.62 2.35 -1.04
CA SER C 31 -17.65 3.24 -0.40
C SER C 31 -18.21 3.89 0.88
N HIS C 32 -18.88 3.09 1.70
CA HIS C 32 -19.26 3.51 3.05
C HIS C 32 -18.14 3.12 4.03
N LEU C 33 -16.99 3.75 3.83
CA LEU C 33 -15.79 3.41 4.58
C LEU C 33 -15.15 4.66 5.16
N ASN C 34 -14.82 4.60 6.45
CA ASN C 34 -14.19 5.71 7.16
C ASN C 34 -12.84 5.25 7.71
N TRP C 35 -11.90 6.19 7.79
CA TRP C 35 -10.56 5.94 8.31
C TRP C 35 -10.34 6.75 9.58
N TYR C 36 -9.73 6.11 10.58
CA TYR C 36 -9.45 6.75 11.85
C TYR C 36 -7.98 6.60 12.20
N GLN C 37 -7.42 7.66 12.79
CA GLN C 37 -6.06 7.66 13.31
C GLN C 37 -6.12 7.71 14.82
N GLN C 38 -5.56 6.70 15.49
CA GLN C 38 -5.54 6.62 16.94
C GLN C 38 -4.10 6.64 17.42
N LYS C 39 -3.72 7.75 18.06
CA LYS C 39 -2.42 7.87 18.68
C LYS C 39 -2.44 7.19 20.05
N PRO C 40 -1.28 6.88 20.63
CA PRO C 40 -1.26 6.16 21.90
C PRO C 40 -1.95 6.94 23.02
N GLY C 41 -2.82 6.23 23.74
CA GLY C 41 -3.53 6.81 24.87
C GLY C 41 -4.70 7.70 24.52
N ARG C 42 -5.03 7.87 23.25
CA ARG C 42 -6.08 8.77 22.83
C ARG C 42 -7.21 8.00 22.16
N ALA C 43 -8.33 8.69 21.98
CA ALA C 43 -9.43 8.15 21.21
C ALA C 43 -9.15 8.31 19.72
N PRO C 44 -9.66 7.40 18.88
CA PRO C 44 -9.44 7.53 17.44
C PRO C 44 -10.04 8.83 16.90
N ASP C 45 -9.25 9.51 16.08
CA ASP C 45 -9.68 10.72 15.40
C ASP C 45 -10.01 10.40 13.95
N LEU C 46 -11.11 10.97 13.46
CA LEU C 46 -11.57 10.70 12.10
C LEU C 46 -10.68 11.42 11.10
N LEU C 47 -10.09 10.65 10.18
CA LEU C 47 -9.30 11.19 9.09
C LEU C 47 -10.10 11.38 7.81
N ILE C 48 -10.81 10.34 7.38
CA ILE C 48 -11.45 10.32 6.06
C ILE C 48 -12.81 9.67 6.20
N TYR C 49 -13.83 10.30 5.63
CA TYR C 49 -15.17 9.72 5.55
C TYR C 49 -15.58 9.59 4.09
N ALA C 50 -16.47 8.63 3.83
CA ALA C 50 -16.94 8.35 2.47
C ALA C 50 -15.77 8.05 1.54
N ALA C 51 -14.81 7.26 2.04
CA ALA C 51 -13.70 6.72 1.27
C ALA C 51 -12.68 7.77 0.83
N SER C 52 -13.15 8.88 0.26
CA SER C 52 -12.25 9.82 -0.40
C SER C 52 -12.30 11.26 0.11
N SER C 53 -13.31 11.63 0.89
CA SER C 53 -13.47 13.02 1.33
C SER C 53 -12.73 13.25 2.64
N LEU C 54 -11.89 14.28 2.67
CA LEU C 54 -11.12 14.60 3.86
C LEU C 54 -12.00 15.25 4.92
N HIS C 55 -11.83 14.82 6.17
CA HIS C 55 -12.47 15.50 7.29
C HIS C 55 -11.80 16.85 7.52
N SER C 56 -12.61 17.85 7.86
CA SER C 56 -12.08 19.20 8.07
C SER C 56 -11.13 19.21 9.26
N GLY C 57 -9.91 19.70 9.04
CA GLY C 57 -8.92 19.84 10.07
C GLY C 57 -7.72 18.93 9.93
N VAL C 58 -7.84 17.85 9.17
CA VAL C 58 -6.74 16.91 8.99
C VAL C 58 -5.83 17.43 7.88
N PRO C 59 -4.53 17.15 7.93
CA PRO C 59 -3.62 17.68 6.90
C PRO C 59 -3.93 17.10 5.53
N SER C 60 -3.41 17.78 4.50
CA SER C 60 -3.68 17.42 3.12
C SER C 60 -2.92 16.19 2.65
N ARG C 61 -2.00 15.67 3.46
CA ARG C 61 -1.19 14.51 3.05
C ARG C 61 -1.91 13.19 3.25
N PHE C 62 -3.16 13.20 3.70
CA PHE C 62 -3.94 11.99 3.87
C PHE C 62 -4.92 11.87 2.72
N SER C 63 -4.86 10.76 1.99
CA SER C 63 -5.71 10.51 0.84
C SER C 63 -6.42 9.17 0.99
N GLY C 64 -7.56 9.05 0.33
CA GLY C 64 -8.33 7.82 0.38
C GLY C 64 -8.93 7.42 -0.96
N SER C 65 -8.39 6.36 -1.56
CA SER C 65 -8.90 5.83 -2.81
C SER C 65 -9.52 4.46 -2.58
N GLY C 66 -10.51 4.12 -3.40
CA GLY C 66 -11.14 2.82 -3.27
C GLY C 66 -12.49 2.70 -3.94
N SER C 67 -12.77 1.52 -4.51
CA SER C 67 -14.02 1.26 -5.20
C SER C 67 -14.50 -0.14 -4.84
N GLY C 68 -15.81 -0.28 -4.63
CA GLY C 68 -16.41 -1.57 -4.38
C GLY C 68 -16.04 -2.20 -3.06
N THR C 69 -15.01 -3.06 -3.05
CA THR C 69 -14.62 -3.80 -1.87
C THR C 69 -13.19 -3.56 -1.42
N ASP C 70 -12.38 -2.82 -2.19
CA ASP C 70 -10.99 -2.59 -1.85
C ASP C 70 -10.74 -1.09 -1.74
N PHE C 71 -10.18 -0.66 -0.61
CA PHE C 71 -9.93 0.75 -0.33
C PHE C 71 -8.55 0.90 0.27
N THR C 72 -7.90 2.04 -0.03
CA THR C 72 -6.55 2.30 0.42
C THR C 72 -6.46 3.68 1.06
N LEU C 73 -5.90 3.74 2.26
CA LEU C 73 -5.46 4.99 2.87
C LEU C 73 -4.00 5.23 2.51
N THR C 74 -3.68 6.46 2.16
CA THR C 74 -2.34 6.80 1.67
C THR C 74 -1.85 8.06 2.37
N ILE C 75 -0.63 8.00 2.89
CA ILE C 75 0.02 9.14 3.54
C ILE C 75 1.22 9.53 2.69
N SER C 76 1.07 10.56 1.88
CA SER C 76 2.19 11.08 1.10
C SER C 76 3.08 11.92 2.01
N SER C 77 4.39 11.76 1.86
CA SER C 77 5.34 12.43 2.75
C SER C 77 5.01 12.17 4.23
N LEU C 78 5.38 11.00 4.73
CA LEU C 78 5.09 10.65 6.11
C LEU C 78 5.91 11.51 7.07
N GLN C 79 5.25 12.02 8.14
CA GLN C 79 5.89 12.84 9.15
C GLN C 79 5.99 12.10 10.49
N PRO C 80 6.96 12.45 11.35
CA PRO C 80 7.14 11.68 12.59
C PRO C 80 5.93 11.67 13.49
N GLU C 81 5.12 12.73 13.48
CA GLU C 81 3.93 12.76 14.32
C GLU C 81 2.80 11.88 13.79
N ASP C 82 2.95 11.27 12.61
CA ASP C 82 1.94 10.37 12.09
C ASP C 82 2.01 8.99 12.70
N PHE C 83 2.94 8.74 13.62
CA PHE C 83 3.02 7.47 14.31
C PHE C 83 1.74 7.23 15.10
N ALA C 84 0.99 6.19 14.70
CA ALA C 84 -0.28 5.87 15.33
C ALA C 84 -0.73 4.51 14.79
N VAL C 85 -1.93 4.09 15.20
CA VAL C 85 -2.59 2.91 14.68
C VAL C 85 -3.82 3.38 13.91
N TYR C 86 -3.94 2.94 12.66
CA TYR C 86 -4.99 3.40 11.77
C TYR C 86 -6.02 2.29 11.57
N TYR C 87 -7.30 2.66 11.59
CA TYR C 87 -8.40 1.72 11.49
C TYR C 87 -9.34 2.14 10.37
N CYS C 88 -9.85 1.16 9.62
CA CYS C 88 -10.92 1.39 8.66
C CYS C 88 -12.24 0.98 9.32
N GLN C 89 -13.29 1.73 9.02
CA GLN C 89 -14.62 1.47 9.56
C GLN C 89 -15.63 1.34 8.44
N GLN C 90 -16.48 0.33 8.52
CA GLN C 90 -17.60 0.17 7.61
C GLN C 90 -18.79 0.96 8.16
N SER C 91 -19.31 1.88 7.35
CA SER C 91 -20.42 2.74 7.74
C SER C 91 -21.69 2.43 6.96
N TYR C 92 -21.83 1.19 6.50
CA TYR C 92 -22.93 0.80 5.63
C TYR C 92 -24.13 0.27 6.41
N SER C 93 -23.90 -0.66 7.33
CA SER C 93 -24.99 -1.28 8.07
C SER C 93 -24.50 -1.70 9.45
N VAL C 94 -25.27 -1.38 10.48
CA VAL C 94 -24.93 -1.80 11.84
C VAL C 94 -25.26 -3.27 11.97
N PRO C 95 -24.53 -4.05 12.78
CA PRO C 95 -23.41 -3.62 13.63
C PRO C 95 -22.18 -3.16 12.85
N TYR C 96 -21.73 -1.94 13.12
CA TYR C 96 -20.55 -1.40 12.47
C TYR C 96 -19.32 -2.23 12.84
N THR C 97 -18.44 -2.43 11.86
CA THR C 97 -17.26 -3.25 12.06
C THR C 97 -16.01 -2.46 11.67
N PHE C 98 -14.90 -2.78 12.33
CA PHE C 98 -13.63 -2.12 12.11
C PHE C 98 -12.60 -3.11 11.59
N GLY C 99 -11.56 -2.58 10.97
CA GLY C 99 -10.41 -3.39 10.65
C GLY C 99 -9.60 -3.72 11.89
N GLN C 100 -8.69 -4.68 11.74
CA GLN C 100 -7.86 -5.09 12.88
C GLN C 100 -6.88 -4.00 13.30
N GLY C 101 -6.61 -3.04 12.43
CA GLY C 101 -5.71 -1.95 12.76
C GLY C 101 -4.34 -2.13 12.12
N THR C 102 -3.64 -1.00 11.97
CA THR C 102 -2.30 -0.98 11.37
C THR C 102 -1.42 -0.06 12.21
N LYS C 103 -0.44 -0.64 12.90
CA LYS C 103 0.50 0.16 13.66
C LYS C 103 1.59 0.66 12.71
N LEU C 104 1.66 1.99 12.55
CA LEU C 104 2.63 2.62 11.66
C LEU C 104 3.80 3.10 12.51
N GLN C 105 4.95 2.44 12.38
CA GLN C 105 6.13 2.78 13.14
C GLN C 105 7.12 3.55 12.28
N ILE C 106 7.82 4.50 12.89
CA ILE C 106 8.72 5.38 12.17
C ILE C 106 10.13 4.82 12.22
N LYS C 107 10.81 4.88 11.08
CA LYS C 107 12.19 4.42 10.96
C LYS C 107 13.11 5.63 10.91
N ARG C 108 14.07 5.69 11.83
CA ARG C 108 15.00 6.79 11.92
C ARG C 108 16.42 6.24 12.05
N THR C 109 17.39 7.15 12.10
CA THR C 109 18.77 6.75 12.30
C THR C 109 19.00 6.27 13.73
N VAL C 110 19.95 5.33 13.88
CA VAL C 110 20.20 4.73 15.18
C VAL C 110 20.70 5.78 16.16
N ALA C 111 20.17 5.74 17.38
CA ALA C 111 20.56 6.66 18.44
C ALA C 111 20.86 5.87 19.71
N ALA C 112 21.90 6.30 20.43
CA ALA C 112 22.38 5.64 21.64
C ALA C 112 21.59 6.11 22.87
N PRO C 113 21.35 5.22 23.82
CA PRO C 113 20.58 5.61 25.00
C PRO C 113 21.43 6.31 26.06
N SER C 114 20.81 7.26 26.74
CA SER C 114 21.38 7.87 27.93
C SER C 114 20.96 7.03 29.13
N VAL C 115 21.94 6.51 29.87
CA VAL C 115 21.69 5.56 30.95
C VAL C 115 21.76 6.28 32.29
N PHE C 116 20.72 6.12 33.09
CA PHE C 116 20.67 6.67 34.45
C PHE C 116 20.25 5.56 35.40
N ILE C 117 20.85 5.54 36.59
CA ILE C 117 20.50 4.58 37.63
C ILE C 117 19.96 5.36 38.83
N PHE C 118 18.92 4.81 39.47
CA PHE C 118 18.24 5.47 40.58
C PHE C 118 18.20 4.53 41.77
N PRO C 119 18.81 4.88 42.89
CA PRO C 119 18.74 4.03 44.08
C PRO C 119 17.34 4.05 44.67
N PRO C 120 17.00 3.08 45.52
CA PRO C 120 15.69 3.11 46.18
C PRO C 120 15.66 4.13 47.30
N SER C 121 14.47 4.70 47.51
CA SER C 121 14.30 5.76 48.50
C SER C 121 14.36 5.20 49.92
N ASP C 122 14.82 6.04 50.84
CA ASP C 122 14.80 5.66 52.25
C ASP C 122 13.38 5.40 52.73
N GLU C 123 12.41 6.11 52.15
CA GLU C 123 11.01 5.92 52.56
C GLU C 123 10.48 4.56 52.12
N GLN C 124 10.83 4.13 50.91
CA GLN C 124 10.35 2.84 50.44
C GLN C 124 10.94 1.68 51.22
N LEU C 125 12.20 1.82 51.67
CA LEU C 125 12.84 0.74 52.42
C LEU C 125 12.09 0.42 53.70
N LYS C 126 11.33 1.39 54.24
CA LYS C 126 10.52 1.12 55.42
C LYS C 126 9.46 0.07 55.15
N SER C 127 8.98 -0.01 53.91
CA SER C 127 8.00 -1.04 53.56
C SER C 127 8.59 -2.44 53.57
N GLY C 128 9.91 -2.57 53.49
CA GLY C 128 10.56 -3.85 53.46
C GLY C 128 11.04 -4.30 52.10
N THR C 129 10.73 -3.54 51.04
CA THR C 129 11.17 -3.86 49.69
C THR C 129 12.01 -2.72 49.14
N ALA C 130 12.83 -3.03 48.15
CA ALA C 130 13.71 -2.06 47.52
C ALA C 130 13.53 -2.12 46.01
N SER C 131 13.40 -0.96 45.37
CA SER C 131 13.23 -0.85 43.93
C SER C 131 14.36 0.00 43.38
N VAL C 132 15.28 -0.64 42.66
CA VAL C 132 16.37 0.04 41.98
C VAL C 132 16.00 0.16 40.51
N VAL C 133 15.96 1.38 39.99
CA VAL C 133 15.45 1.68 38.66
C VAL C 133 16.62 2.11 37.78
N CYS C 134 16.70 1.54 36.57
CA CYS C 134 17.67 1.95 35.57
C CYS C 134 16.92 2.50 34.36
N LEU C 135 17.37 3.64 33.84
CA LEU C 135 16.68 4.34 32.77
C LEU C 135 17.53 4.41 31.52
N LEU C 136 16.97 3.94 30.40
CA LEU C 136 17.53 4.13 29.08
C LEU C 136 16.64 5.13 28.34
N ASN C 137 17.22 6.26 27.93
CA ASN C 137 16.42 7.38 27.44
C ASN C 137 16.77 7.71 25.99
N ASN C 138 15.73 7.79 25.16
CA ASN C 138 15.81 8.34 23.80
C ASN C 138 16.87 7.60 22.96
N PHE C 139 16.53 6.37 22.60
CA PHE C 139 17.39 5.54 21.78
C PHE C 139 16.59 4.92 20.65
N TYR C 140 17.31 4.53 19.59
CA TYR C 140 16.74 3.84 18.46
C TYR C 140 17.81 2.91 17.93
N PRO C 141 17.46 1.66 17.58
CA PRO C 141 16.10 1.10 17.57
C PRO C 141 15.62 0.55 18.91
N ARG C 142 14.53 -0.21 18.85
CA ARG C 142 13.85 -0.69 20.05
C ARG C 142 14.69 -1.68 20.83
N GLU C 143 15.50 -2.49 20.15
CA GLU C 143 16.20 -3.58 20.79
C GLU C 143 17.30 -3.06 21.71
N ALA C 144 17.33 -3.55 22.94
CA ALA C 144 18.35 -3.19 23.91
C ALA C 144 18.37 -4.22 25.02
N LYS C 145 19.56 -4.44 25.60
CA LYS C 145 19.77 -5.41 26.66
C LYS C 145 20.27 -4.71 27.92
N VAL C 146 19.63 -5.00 29.04
CA VAL C 146 19.99 -4.41 30.33
C VAL C 146 20.36 -5.53 31.28
N GLN C 147 21.54 -5.41 31.91
CA GLN C 147 22.03 -6.40 32.86
C GLN C 147 22.15 -5.76 34.24
N TRP C 148 21.75 -6.51 35.26
CA TRP C 148 21.81 -6.05 36.64
C TRP C 148 22.93 -6.78 37.38
N LYS C 149 23.79 -6.03 38.04
CA LYS C 149 24.88 -6.57 38.82
C LYS C 149 24.81 -6.03 40.24
N VAL C 150 24.80 -6.92 41.23
CA VAL C 150 24.80 -6.56 42.64
C VAL C 150 26.06 -7.18 43.23
N ASP C 151 27.04 -6.33 43.55
CA ASP C 151 28.38 -6.78 43.96
C ASP C 151 29.00 -7.69 42.91
N ASN C 152 28.87 -7.27 41.65
CA ASN C 152 29.40 -8.01 40.50
C ASN C 152 28.80 -9.41 40.40
N ALA C 153 27.58 -9.59 40.90
CA ALA C 153 26.87 -10.85 40.79
C ALA C 153 25.71 -10.66 39.82
N LEU C 154 25.66 -11.50 38.79
CA LEU C 154 24.61 -11.39 37.79
C LEU C 154 23.24 -11.70 38.38
N GLN C 155 22.24 -10.94 37.97
CA GLN C 155 20.88 -11.05 38.50
C GLN C 155 19.98 -11.70 37.46
N SER C 156 19.00 -12.48 37.95
CA SER C 156 18.20 -13.32 37.08
C SER C 156 16.77 -12.85 37.12
N GLY C 157 15.90 -13.46 37.93
CA GLY C 157 14.47 -13.24 37.81
C GLY C 157 13.87 -12.22 38.75
N ASN C 158 14.60 -11.13 39.02
CA ASN C 158 14.09 -10.04 39.84
C ASN C 158 13.98 -8.74 39.06
N SER C 159 14.15 -8.79 37.75
CA SER C 159 14.06 -7.61 36.90
C SER C 159 12.69 -7.56 36.20
N GLN C 160 12.33 -6.37 35.74
CA GLN C 160 11.09 -6.18 34.98
C GLN C 160 11.24 -4.90 34.17
N GLU C 161 11.14 -5.02 32.85
CA GLU C 161 11.38 -3.90 31.95
C GLU C 161 10.08 -3.52 31.23
N SER C 162 10.05 -2.28 30.75
CA SER C 162 8.92 -1.79 29.98
C SER C 162 9.36 -0.57 29.18
N VAL C 163 9.02 -0.55 27.89
CA VAL C 163 9.46 0.51 26.99
C VAL C 163 8.27 1.39 26.64
N THR C 164 8.56 2.65 26.33
CA THR C 164 7.53 3.61 25.98
C THR C 164 7.12 3.45 24.52
N GLU C 165 5.98 4.05 24.17
CA GLU C 165 5.64 4.25 22.77
C GLU C 165 6.61 5.24 22.16
N GLN C 166 7.04 4.98 20.94
CA GLN C 166 8.07 5.80 20.33
C GLN C 166 7.55 7.23 20.13
N ASP C 167 8.44 8.20 20.30
CA ASP C 167 8.03 9.57 20.52
C ASP C 167 7.42 10.18 19.27
N SER C 168 6.45 11.08 19.49
CA SER C 168 5.80 11.78 18.39
C SER C 168 6.69 12.84 17.76
N LYS C 169 7.82 13.18 18.38
CA LYS C 169 8.73 14.21 17.87
C LYS C 169 10.01 13.63 17.28
N ASP C 170 10.75 12.81 18.03
CA ASP C 170 12.01 12.26 17.55
C ASP C 170 11.96 10.76 17.30
N SER C 171 10.82 10.12 17.53
CA SER C 171 10.62 8.71 17.22
C SER C 171 11.63 7.81 17.93
N THR C 172 11.91 8.12 19.18
CA THR C 172 12.85 7.36 19.99
C THR C 172 12.13 6.64 21.12
N TYR C 173 12.65 5.47 21.47
CA TYR C 173 12.12 4.70 22.59
C TYR C 173 12.87 5.04 23.88
N SER C 174 12.27 4.66 25.00
CA SER C 174 12.90 4.73 26.31
C SER C 174 12.31 3.62 27.16
N LEU C 175 13.17 2.89 27.86
CA LEU C 175 12.72 1.78 28.68
C LEU C 175 13.29 1.92 30.08
N SER C 176 12.67 1.20 31.02
CA SER C 176 13.03 1.26 32.43
C SER C 176 13.09 -0.17 32.97
N SER C 177 14.31 -0.62 33.28
CA SER C 177 14.52 -1.88 33.99
C SER C 177 14.55 -1.57 35.48
N THR C 178 13.55 -2.07 36.21
CA THR C 178 13.42 -1.81 37.64
C THR C 178 13.67 -3.12 38.40
N LEU C 179 14.81 -3.18 39.08
CA LEU C 179 15.18 -4.35 39.85
C LEU C 179 14.56 -4.28 41.24
N THR C 180 13.88 -5.36 41.64
CA THR C 180 13.16 -5.41 42.91
C THR C 180 13.86 -6.39 43.85
N LEU C 181 14.25 -5.90 45.01
CA LEU C 181 14.88 -6.69 46.05
C LEU C 181 14.06 -6.60 47.33
N SER C 182 14.54 -7.29 48.36
CA SER C 182 14.05 -7.12 49.72
C SER C 182 15.01 -6.22 50.48
N LYS C 183 14.49 -5.57 51.52
CA LYS C 183 15.34 -4.70 52.34
C LYS C 183 16.52 -5.47 52.91
N ALA C 184 16.26 -6.65 53.47
CA ALA C 184 17.33 -7.46 54.05
C ALA C 184 18.41 -7.76 53.02
N ASP C 185 18.00 -8.17 51.82
CA ASP C 185 18.97 -8.43 50.75
C ASP C 185 19.65 -7.16 50.29
N TYR C 186 18.91 -6.05 50.26
CA TYR C 186 19.48 -4.80 49.77
C TYR C 186 20.58 -4.28 50.71
N GLU C 187 20.37 -4.39 52.02
CA GLU C 187 21.37 -3.92 52.97
C GLU C 187 22.58 -4.83 53.06
N LYS C 188 22.55 -6.00 52.40
CA LYS C 188 23.66 -6.93 52.50
C LYS C 188 24.78 -6.63 51.51
N HIS C 189 24.46 -5.96 50.41
CA HIS C 189 25.43 -5.69 49.35
C HIS C 189 25.56 -4.19 49.13
N LYS C 190 26.70 -3.80 48.53
CA LYS C 190 27.09 -2.40 48.45
C LYS C 190 27.00 -1.82 47.05
N VAL C 191 27.56 -2.51 46.06
CA VAL C 191 27.67 -1.98 44.70
C VAL C 191 26.48 -2.47 43.87
N TYR C 192 25.72 -1.53 43.30
CA TYR C 192 24.59 -1.83 42.44
C TYR C 192 24.84 -1.19 41.08
N ALA C 193 24.95 -2.02 40.05
CA ALA C 193 25.34 -1.55 38.72
C ALA C 193 24.30 -1.98 37.69
N CYS C 194 24.03 -1.08 36.74
CA CYS C 194 23.18 -1.36 35.59
C CYS C 194 24.02 -1.27 34.32
N GLU C 195 24.18 -2.40 33.64
CA GLU C 195 25.00 -2.47 32.43
C GLU C 195 24.09 -2.58 31.21
N VAL C 196 24.31 -1.71 30.24
CA VAL C 196 23.46 -1.60 29.06
C VAL C 196 24.30 -1.88 27.82
N THR C 197 23.79 -2.79 26.97
CA THR C 197 24.38 -3.06 25.67
C THR C 197 23.35 -2.69 24.61
N HIS C 198 23.68 -1.71 23.77
CA HIS C 198 22.80 -1.27 22.70
C HIS C 198 23.60 -1.14 21.41
N GLN C 199 22.90 -1.33 20.29
CA GLN C 199 23.57 -1.43 19.00
C GLN C 199 24.24 -0.13 18.56
N GLY C 200 23.88 1.00 19.17
CA GLY C 200 24.51 2.25 18.81
C GLY C 200 25.50 2.76 19.84
N LEU C 201 26.26 1.85 20.45
CA LEU C 201 27.09 2.20 21.59
C LEU C 201 28.56 1.83 21.43
N SER C 202 28.89 0.82 20.63
CA SER C 202 30.25 0.31 20.45
C SER C 202 30.72 -0.45 21.69
N SER C 203 30.72 0.22 22.85
CA SER C 203 31.08 -0.43 24.10
C SER C 203 29.92 -0.37 25.09
N PRO C 204 29.64 -1.46 25.79
CA PRO C 204 28.51 -1.45 26.74
C PRO C 204 28.73 -0.44 27.86
N VAL C 205 27.65 0.23 28.25
CA VAL C 205 27.68 1.25 29.29
C VAL C 205 27.18 0.65 30.59
N THR C 206 27.88 0.96 31.69
CA THR C 206 27.51 0.51 33.02
C THR C 206 27.43 1.73 33.94
N LYS C 207 26.26 1.92 34.55
CA LYS C 207 26.06 2.98 35.54
C LYS C 207 25.82 2.33 36.89
N SER C 208 26.61 2.72 37.89
CA SER C 208 26.60 2.06 39.18
C SER C 208 26.43 3.08 40.29
N PHE C 209 26.12 2.57 41.48
CA PHE C 209 26.11 3.38 42.70
C PHE C 209 26.40 2.46 43.88
N ASN C 210 26.90 3.05 44.95
CA ASN C 210 27.19 2.33 46.18
C ASN C 210 26.10 2.61 47.21
N ARG C 211 25.74 1.57 47.98
CA ARG C 211 24.61 1.68 48.88
C ARG C 211 24.85 2.74 49.95
N GLY C 212 25.94 2.62 50.69
CA GLY C 212 26.26 3.57 51.75
C GLY C 212 26.74 4.91 51.24
N THR D 32 -27.54 26.87 -14.28
CA THR D 32 -26.38 26.83 -13.40
C THR D 32 -25.19 26.17 -14.09
N VAL D 33 -25.48 25.33 -15.08
CA VAL D 33 -24.45 24.62 -15.84
C VAL D 33 -24.81 24.68 -17.31
N GLU D 34 -23.87 25.12 -18.14
CA GLU D 34 -24.11 25.28 -19.57
C GLU D 34 -24.27 23.93 -20.25
N ARG D 35 -25.07 23.92 -21.32
CA ARG D 35 -25.27 22.72 -22.11
C ARG D 35 -25.43 23.00 -23.60
N THR D 36 -25.42 24.26 -24.03
CA THR D 36 -25.51 24.63 -25.44
C THR D 36 -24.13 25.05 -25.91
N ASN D 37 -23.54 24.25 -26.80
CA ASN D 37 -22.19 24.49 -27.30
C ASN D 37 -22.25 24.79 -28.80
N ILE D 38 -21.58 25.87 -29.21
CA ILE D 38 -21.54 26.22 -30.63
C ILE D 38 -20.75 25.18 -31.39
N PRO D 39 -21.26 24.66 -32.51
CA PRO D 39 -20.58 23.57 -33.22
C PRO D 39 -19.58 24.07 -34.27
N ARG D 40 -18.61 24.86 -33.82
CA ARG D 40 -17.58 25.39 -34.69
C ARG D 40 -16.43 25.92 -33.86
N ILE D 41 -15.20 25.67 -34.32
CA ILE D 41 -14.01 26.19 -33.65
C ILE D 41 -13.98 27.70 -33.83
N CYS D 42 -14.32 28.43 -32.78
CA CYS D 42 -14.38 29.89 -32.83
C CYS D 42 -12.96 30.45 -32.72
N SER D 43 -12.44 30.97 -33.83
CA SER D 43 -11.02 31.29 -33.95
C SER D 43 -10.75 32.80 -34.03
N LYS D 44 -11.72 33.63 -33.65
CA LYS D 44 -11.53 35.07 -33.72
C LYS D 44 -10.46 35.53 -32.73
N GLY D 45 -9.48 36.27 -33.23
CA GLY D 45 -8.46 36.85 -32.37
C GLY D 45 -7.34 35.91 -31.96
N LYS D 46 -7.32 34.69 -32.48
CA LYS D 46 -6.30 33.71 -32.13
C LYS D 46 -5.77 33.08 -33.39
N ARG D 47 -4.44 33.00 -33.50
CA ARG D 47 -3.82 32.34 -34.65
C ARG D 47 -4.15 30.86 -34.61
N THR D 48 -4.85 30.39 -35.63
CA THR D 48 -5.40 29.04 -35.66
C THR D 48 -4.83 28.27 -36.84
N VAL D 49 -4.27 27.10 -36.58
CA VAL D 49 -3.66 26.24 -37.60
C VAL D 49 -4.47 24.96 -37.67
N ASP D 50 -5.14 24.74 -38.80
CA ASP D 50 -5.85 23.49 -39.06
C ASP D 50 -4.87 22.55 -39.74
N LEU D 51 -4.36 21.58 -38.97
CA LEU D 51 -3.33 20.68 -39.47
C LEU D 51 -3.81 19.83 -40.63
N GLY D 52 -5.11 19.61 -40.75
CA GLY D 52 -5.63 18.97 -41.94
C GLY D 52 -5.20 17.52 -42.01
N GLN D 53 -4.55 17.16 -43.12
CA GLN D 53 -4.22 15.77 -43.41
C GLN D 53 -2.95 15.27 -42.73
N CYS D 54 -2.28 16.09 -41.93
CA CYS D 54 -1.05 15.68 -41.27
C CYS D 54 -1.22 15.77 -39.75
N GLY D 55 -0.77 14.74 -39.05
CA GLY D 55 -0.85 14.72 -37.61
C GLY D 55 0.15 15.66 -36.96
N LEU D 56 0.01 15.80 -35.65
CA LEU D 56 0.81 16.77 -34.91
C LEU D 56 2.27 16.33 -34.80
N LEU D 57 2.50 15.06 -34.46
CA LEU D 57 3.87 14.56 -34.37
C LEU D 57 4.57 14.53 -35.73
N GLY D 58 3.81 14.64 -36.82
CA GLY D 58 4.43 14.66 -38.14
C GLY D 58 5.30 15.89 -38.36
N THR D 59 4.92 17.02 -37.78
CA THR D 59 5.70 18.25 -37.95
C THR D 59 7.13 18.09 -37.46
N ILE D 60 7.41 17.09 -36.63
CA ILE D 60 8.76 16.84 -36.15
C ILE D 60 9.48 15.92 -37.12
N THR D 61 8.92 14.72 -37.34
CA THR D 61 9.53 13.79 -38.28
C THR D 61 9.55 14.37 -39.69
N GLY D 62 8.40 14.84 -40.16
CA GLY D 62 8.31 15.53 -41.43
C GLY D 62 7.94 14.65 -42.61
N PRO D 63 6.78 13.99 -42.55
CA PRO D 63 6.33 13.21 -43.70
C PRO D 63 5.87 14.14 -44.81
N PRO D 64 5.61 13.62 -46.01
CA PRO D 64 5.20 14.49 -47.13
C PRO D 64 3.99 15.36 -46.84
N GLN D 65 3.08 14.93 -45.95
CA GLN D 65 1.87 15.68 -45.69
C GLN D 65 2.06 16.85 -44.72
N CYS D 66 3.20 16.93 -44.03
CA CYS D 66 3.50 18.06 -43.13
C CYS D 66 4.51 19.03 -43.72
N ASP D 67 4.64 19.08 -45.04
CA ASP D 67 5.60 20.01 -45.64
C ASP D 67 5.20 21.46 -45.43
N GLN D 68 3.90 21.74 -45.22
CA GLN D 68 3.49 23.10 -44.93
C GLN D 68 3.79 23.49 -43.49
N PHE D 69 3.91 22.51 -42.59
CA PHE D 69 3.97 22.76 -41.15
C PHE D 69 5.28 22.29 -40.53
N LEU D 70 6.37 22.31 -41.31
CA LEU D 70 7.67 21.99 -40.71
C LEU D 70 8.12 23.06 -39.73
N GLU D 71 7.71 24.31 -39.96
CA GLU D 71 7.92 25.39 -39.00
C GLU D 71 6.65 26.23 -38.99
N PHE D 72 5.89 26.16 -37.91
CA PHE D 72 4.65 26.90 -37.79
C PHE D 72 4.59 27.62 -36.45
N SER D 73 3.66 28.57 -36.36
CA SER D 73 3.40 29.32 -35.14
C SER D 73 1.90 29.48 -35.00
N ALA D 74 1.38 29.19 -33.81
CA ALA D 74 -0.07 29.20 -33.62
C ALA D 74 -0.40 29.39 -32.15
N ASP D 75 -1.61 29.88 -31.91
CA ASP D 75 -2.21 29.88 -30.58
C ASP D 75 -3.18 28.72 -30.39
N LEU D 76 -3.83 28.29 -31.47
CA LEU D 76 -4.78 27.19 -31.43
C LEU D 76 -4.42 26.20 -32.54
N ILE D 77 -4.20 24.94 -32.16
CA ILE D 77 -3.84 23.90 -33.10
C ILE D 77 -4.99 22.90 -33.17
N ILE D 78 -5.59 22.78 -34.35
CA ILE D 78 -6.75 21.91 -34.56
C ILE D 78 -6.28 20.70 -35.36
N GLU D 79 -6.24 19.55 -34.72
CA GLU D 79 -5.90 18.31 -35.40
C GLU D 79 -7.14 17.71 -36.06
N ARG D 80 -6.91 16.75 -36.96
CA ARG D 80 -7.98 16.07 -37.66
C ARG D 80 -7.78 14.56 -37.52
N ARG D 81 -8.83 13.82 -37.86
CA ARG D 81 -8.78 12.36 -37.77
C ARG D 81 -7.95 11.75 -38.91
N GLU D 82 -8.09 12.30 -40.12
CA GLU D 82 -7.36 11.78 -41.27
C GLU D 82 -5.88 12.10 -41.23
N GLY D 83 -5.42 12.89 -40.25
CA GLY D 83 -4.01 13.18 -40.14
C GLY D 83 -3.21 11.96 -39.71
N SER D 84 -2.02 11.81 -40.29
CA SER D 84 -1.14 10.68 -40.01
C SER D 84 0.24 11.22 -39.69
N ASP D 85 0.73 10.91 -38.47
CA ASP D 85 2.07 11.31 -38.08
C ASP D 85 3.16 10.56 -38.85
N VAL D 86 2.81 9.51 -39.57
CA VAL D 86 3.80 8.65 -40.22
C VAL D 86 3.41 8.44 -41.68
N CYS D 87 4.43 8.32 -42.52
CA CYS D 87 4.28 7.85 -43.90
C CYS D 87 4.83 6.45 -44.10
N TYR D 88 6.02 6.18 -43.57
CA TYR D 88 6.49 4.81 -43.45
C TYR D 88 5.80 4.15 -42.26
N PRO D 89 5.45 2.86 -42.37
CA PRO D 89 4.78 2.19 -41.25
C PRO D 89 5.66 2.20 -39.99
N GLY D 90 5.10 2.69 -38.90
CA GLY D 90 5.86 2.77 -37.66
C GLY D 90 5.03 3.41 -36.57
N LYS D 91 5.72 3.82 -35.51
CA LYS D 91 5.05 4.45 -34.36
C LYS D 91 6.05 5.32 -33.62
N PHE D 92 5.53 6.12 -32.70
CA PHE D 92 6.32 6.97 -31.83
C PHE D 92 6.38 6.35 -30.44
N VAL D 93 7.58 5.99 -30.00
CA VAL D 93 7.76 5.44 -28.66
C VAL D 93 7.47 6.53 -27.63
N ASN D 94 6.53 6.27 -26.72
CA ASN D 94 6.08 7.23 -25.72
C ASN D 94 5.54 8.49 -26.42
N GLU D 95 4.43 8.29 -27.13
CA GLU D 95 3.92 9.33 -28.03
C GLU D 95 2.86 10.22 -27.39
N GLU D 96 2.15 9.76 -26.37
CA GLU D 96 1.06 10.55 -25.82
C GLU D 96 1.57 11.80 -25.11
N ALA D 97 2.73 11.70 -24.46
CA ALA D 97 3.30 12.87 -23.80
C ALA D 97 3.75 13.91 -24.82
N LEU D 98 4.27 13.46 -25.96
CA LEU D 98 4.76 14.39 -26.97
C LEU D 98 3.63 15.22 -27.56
N ARG D 99 2.45 14.64 -27.70
CA ARG D 99 1.30 15.41 -28.20
C ARG D 99 0.95 16.53 -27.24
N GLN D 100 0.86 16.22 -25.95
CA GLN D 100 0.55 17.26 -24.96
C GLN D 100 1.61 18.35 -24.95
N ILE D 101 2.88 17.98 -25.15
CA ILE D 101 3.94 18.98 -25.24
C ILE D 101 3.73 19.85 -26.47
N LEU D 102 3.42 19.22 -27.61
CA LEU D 102 3.27 19.96 -28.86
C LEU D 102 1.95 20.72 -28.93
N ARG D 103 0.89 20.20 -28.30
CA ARG D 103 -0.41 20.86 -28.39
C ARG D 103 -0.38 22.25 -27.77
N GLU D 104 0.50 22.49 -26.82
CA GLU D 104 0.68 23.80 -26.20
C GLU D 104 2.09 24.31 -26.41
N SER D 105 2.64 24.09 -27.61
CA SER D 105 3.98 24.54 -27.94
C SER D 105 4.00 25.90 -28.63
N GLY D 106 2.84 26.43 -29.00
CA GLY D 106 2.80 27.66 -29.77
C GLY D 106 3.38 27.55 -31.16
N GLY D 107 3.68 26.35 -31.61
CA GLY D 107 4.43 26.12 -32.83
C GLY D 107 5.83 25.64 -32.53
N ILE D 108 6.57 25.34 -33.60
CA ILE D 108 7.93 24.84 -33.49
C ILE D 108 8.84 25.63 -34.42
N ASP D 109 10.10 25.75 -34.02
CA ASP D 109 11.15 26.33 -34.83
C ASP D 109 12.25 25.29 -35.02
N LYS D 110 12.73 25.15 -36.24
CA LYS D 110 13.70 24.13 -36.58
C LYS D 110 15.10 24.75 -36.70
N GLU D 111 16.11 23.94 -36.37
CA GLU D 111 17.51 24.33 -36.49
C GLU D 111 18.32 23.11 -36.88
N ALA D 112 19.20 23.28 -37.86
CA ALA D 112 20.04 22.17 -38.30
C ALA D 112 20.96 21.71 -37.17
N MET D 113 21.26 20.41 -37.16
CA MET D 113 22.11 19.82 -36.14
C MET D 113 23.54 19.57 -36.63
N GLY D 114 23.82 19.82 -37.90
CA GLY D 114 25.17 19.81 -38.41
C GLY D 114 25.81 18.45 -38.58
N PHE D 115 25.03 17.37 -38.56
CA PHE D 115 25.59 16.04 -38.78
C PHE D 115 26.10 15.90 -40.21
N THR D 116 27.31 15.38 -40.34
CA THR D 116 27.90 15.04 -41.63
C THR D 116 28.52 13.65 -41.54
N TYR D 117 28.40 12.88 -42.62
CA TYR D 117 28.84 11.49 -42.62
C TYR D 117 29.75 11.21 -43.82
N SER D 118 30.54 10.15 -43.67
CA SER D 118 31.34 9.62 -44.76
C SER D 118 31.49 8.12 -44.54
N GLY D 119 31.62 7.38 -45.62
CA GLY D 119 31.64 5.92 -45.55
C GLY D 119 30.28 5.28 -45.46
N ILE D 120 29.20 6.05 -45.66
CA ILE D 120 27.84 5.54 -45.60
C ILE D 120 27.00 6.27 -46.64
N ARG D 121 25.86 5.69 -46.96
CA ARG D 121 24.88 6.34 -47.82
C ARG D 121 23.88 7.12 -46.97
N THR D 122 23.59 8.35 -47.40
CA THR D 122 22.71 9.24 -46.67
C THR D 122 21.35 9.43 -47.33
N ASN D 123 21.08 8.73 -48.42
CA ASN D 123 19.90 9.01 -49.22
C ASN D 123 18.92 7.85 -49.29
N GLY D 124 18.60 7.24 -48.16
CA GLY D 124 17.58 6.20 -48.14
C GLY D 124 16.21 6.78 -48.40
N ALA D 125 15.41 6.04 -49.16
CA ALA D 125 14.07 6.48 -49.52
C ALA D 125 13.13 5.28 -49.56
N THR D 126 11.84 5.55 -49.33
CA THR D 126 10.82 4.51 -49.31
C THR D 126 9.68 4.89 -50.25
N SER D 127 8.97 3.88 -50.74
CA SER D 127 7.85 4.13 -51.63
C SER D 127 6.66 4.72 -50.89
N ALA D 128 6.57 4.49 -49.58
CA ALA D 128 5.43 4.98 -48.82
C ALA D 128 5.47 6.51 -48.68
N CYS D 129 6.65 7.05 -48.36
CA CYS D 129 6.83 8.50 -48.26
C CYS D 129 7.18 9.01 -49.65
N ARG D 130 6.17 9.51 -50.37
CA ARG D 130 6.32 9.88 -51.77
C ARG D 130 6.02 11.36 -51.97
N ARG D 131 6.92 12.06 -52.64
CA ARG D 131 6.69 13.43 -53.08
C ARG D 131 7.41 13.60 -54.42
N SER D 132 6.69 13.38 -55.52
CA SER D 132 7.26 13.34 -56.85
C SER D 132 8.37 12.29 -56.93
N GLY D 133 7.98 11.05 -56.63
CA GLY D 133 8.92 9.95 -56.52
C GLY D 133 9.15 9.55 -55.07
N SER D 134 9.92 8.47 -54.91
CA SER D 134 10.22 7.97 -53.58
C SER D 134 11.06 8.97 -52.80
N SER D 135 10.66 9.23 -51.55
CA SER D 135 11.40 10.14 -50.69
C SER D 135 11.38 9.64 -49.25
N PHE D 136 11.45 10.56 -48.28
CA PHE D 136 11.57 10.20 -46.88
C PHE D 136 11.15 11.42 -46.04
N TYR D 137 11.17 11.23 -44.72
CA TYR D 137 10.91 12.33 -43.80
C TYR D 137 11.91 13.47 -44.04
N ALA D 138 11.38 14.68 -44.26
CA ALA D 138 12.21 15.81 -44.63
C ALA D 138 13.18 16.21 -43.52
N GLU D 139 12.89 15.86 -42.27
CA GLU D 139 13.74 16.22 -41.15
C GLU D 139 14.61 15.07 -40.66
N MET D 140 14.53 13.91 -41.31
CA MET D 140 15.34 12.75 -40.96
C MET D 140 16.17 12.33 -42.17
N LYS D 141 17.20 11.53 -41.90
CA LYS D 141 18.03 10.96 -42.96
C LYS D 141 18.21 9.48 -42.70
N TRP D 142 17.90 8.66 -43.70
CA TRP D 142 17.98 7.20 -43.59
C TRP D 142 19.40 6.79 -43.95
N LEU D 143 20.20 6.45 -42.94
CA LEU D 143 21.58 6.06 -43.17
C LEU D 143 21.64 4.63 -43.69
N LEU D 144 22.70 4.32 -44.43
CA LEU D 144 22.78 3.09 -45.19
C LEU D 144 24.23 2.82 -45.55
N SER D 145 24.50 1.57 -45.94
CA SER D 145 25.81 1.20 -46.44
C SER D 145 25.93 1.60 -47.91
N ASN D 146 27.17 1.82 -48.35
CA ASN D 146 27.41 2.32 -49.71
C ASN D 146 26.93 1.32 -50.75
N THR D 147 27.46 0.10 -50.72
CA THR D 147 27.00 -0.97 -51.59
C THR D 147 26.09 -1.91 -50.80
N ASP D 148 25.35 -2.74 -51.54
CA ASP D 148 24.52 -3.74 -50.89
C ASP D 148 25.37 -4.74 -50.13
N ASN D 149 24.90 -5.13 -48.95
CA ASN D 149 25.55 -6.07 -48.05
C ASN D 149 26.91 -5.58 -47.56
N ALA D 150 27.28 -4.34 -47.84
CA ALA D 150 28.53 -3.80 -47.36
C ALA D 150 28.45 -3.56 -45.84
N ALA D 151 29.61 -3.28 -45.25
CA ALA D 151 29.68 -3.07 -43.81
C ALA D 151 29.29 -1.64 -43.46
N PHE D 152 28.61 -1.49 -42.32
CA PHE D 152 28.28 -0.17 -41.79
C PHE D 152 29.27 0.16 -40.69
N PRO D 153 30.10 1.18 -40.86
CA PRO D 153 31.13 1.47 -39.86
C PRO D 153 30.54 2.02 -38.57
N GLN D 154 31.25 1.77 -37.47
CA GLN D 154 30.88 2.34 -36.18
C GLN D 154 31.10 3.84 -36.19
N MET D 155 30.03 4.61 -36.02
CA MET D 155 30.09 6.06 -36.05
C MET D 155 29.61 6.63 -34.71
N THR D 156 29.85 7.93 -34.54
CA THR D 156 29.37 8.63 -33.36
C THR D 156 29.27 10.12 -33.69
N LYS D 157 28.08 10.68 -33.53
CA LYS D 157 27.82 12.09 -33.81
C LYS D 157 27.30 12.78 -32.56
N SER D 158 27.42 14.10 -32.53
CA SER D 158 27.04 14.89 -31.36
C SER D 158 26.45 16.22 -31.79
N TYR D 159 25.66 16.81 -30.90
CA TYR D 159 25.02 18.10 -31.14
C TYR D 159 24.79 18.78 -29.79
N LYS D 160 25.30 20.00 -29.64
CA LYS D 160 25.16 20.76 -28.41
C LYS D 160 24.07 21.82 -28.58
N ASN D 161 23.11 21.83 -27.67
CA ASN D 161 22.03 22.81 -27.70
C ASN D 161 22.58 24.17 -27.32
N THR D 162 22.63 25.08 -28.29
CA THR D 162 23.19 26.41 -28.08
C THR D 162 22.16 27.44 -27.65
N ARG D 163 20.87 27.13 -27.79
CA ARG D 163 19.83 28.12 -27.60
C ARG D 163 19.30 28.09 -26.17
N LYS D 164 18.34 28.98 -25.87
CA LYS D 164 17.87 29.20 -24.52
C LYS D 164 16.70 28.29 -24.12
N SER D 165 16.11 27.59 -25.07
CA SER D 165 15.03 26.65 -24.79
C SER D 165 15.53 25.22 -24.98
N PRO D 166 14.86 24.24 -24.36
CA PRO D 166 15.24 22.84 -24.60
C PRO D 166 15.03 22.45 -26.06
N ALA D 167 15.88 21.56 -26.54
CA ALA D 167 15.84 21.11 -27.92
C ALA D 167 15.11 19.77 -28.00
N LEU D 168 14.04 19.73 -28.79
CA LEU D 168 13.34 18.48 -29.04
C LEU D 168 14.06 17.70 -30.12
N ILE D 169 14.58 16.53 -29.78
CA ILE D 169 15.44 15.76 -30.67
C ILE D 169 14.82 14.38 -30.85
N VAL D 170 14.71 13.94 -32.11
CA VAL D 170 14.03 12.69 -32.46
C VAL D 170 14.97 11.83 -33.29
N TRP D 171 14.97 10.52 -33.00
CA TRP D 171 15.70 9.56 -33.80
C TRP D 171 14.80 8.34 -34.04
N GLY D 172 15.21 7.50 -34.99
CA GLY D 172 14.40 6.38 -35.40
C GLY D 172 15.19 5.10 -35.48
N ILE D 173 14.50 3.99 -35.20
CA ILE D 173 15.05 2.64 -35.32
C ILE D 173 14.28 1.91 -36.40
N HIS D 174 15.00 1.35 -37.38
CA HIS D 174 14.38 0.64 -38.49
C HIS D 174 14.37 -0.86 -38.22
N HIS D 175 13.19 -1.45 -38.32
CA HIS D 175 13.01 -2.89 -38.13
C HIS D 175 12.80 -3.52 -39.50
N SER D 176 13.83 -4.18 -40.00
CA SER D 176 13.76 -4.80 -41.31
C SER D 176 12.79 -5.99 -41.30
N VAL D 177 12.29 -6.33 -42.48
CA VAL D 177 11.34 -7.44 -42.60
C VAL D 177 12.03 -8.78 -42.38
N SER D 178 13.34 -8.86 -42.58
CA SER D 178 14.08 -10.09 -42.38
C SER D 178 15.53 -9.75 -42.07
N THR D 179 16.20 -10.68 -41.40
CA THR D 179 17.63 -10.53 -41.19
C THR D 179 18.37 -10.43 -42.52
N ALA D 180 17.83 -11.08 -43.57
CA ALA D 180 18.40 -10.95 -44.90
C ALA D 180 18.31 -9.52 -45.40
N GLU D 181 17.15 -8.88 -45.20
CA GLU D 181 17.02 -7.47 -45.60
C GLU D 181 17.87 -6.58 -44.70
N GLN D 182 18.00 -6.93 -43.43
CA GLN D 182 18.81 -6.13 -42.52
C GLN D 182 20.29 -6.25 -42.85
N THR D 183 20.77 -7.48 -43.02
CA THR D 183 22.18 -7.68 -43.35
C THR D 183 22.51 -7.11 -44.73
N LYS D 184 21.52 -7.00 -45.60
CA LYS D 184 21.74 -6.40 -46.92
C LYS D 184 21.89 -4.89 -46.81
N LEU D 185 21.06 -4.25 -45.97
CA LEU D 185 21.06 -2.80 -45.88
C LEU D 185 22.24 -2.28 -45.06
N TYR D 186 22.54 -2.92 -43.93
CA TYR D 186 23.52 -2.40 -42.98
C TYR D 186 24.69 -3.32 -42.73
N GLY D 187 24.69 -4.52 -43.29
CA GLY D 187 25.81 -5.44 -43.12
C GLY D 187 25.52 -6.54 -42.12
N SER D 188 26.34 -7.58 -42.18
CA SER D 188 26.17 -8.72 -41.29
C SER D 188 26.58 -8.37 -39.87
N GLY D 189 25.97 -9.06 -38.92
CA GLY D 189 26.26 -8.87 -37.51
C GLY D 189 25.16 -8.10 -36.80
N ASN D 190 25.28 -8.08 -35.48
CA ASN D 190 24.30 -7.39 -34.65
C ASN D 190 24.50 -5.88 -34.72
N LYS D 191 23.40 -5.14 -34.65
CA LYS D 191 23.41 -3.69 -34.69
C LYS D 191 22.92 -3.14 -33.36
N LEU D 192 23.45 -1.98 -32.98
CA LEU D 192 23.14 -1.38 -31.69
C LEU D 192 23.21 0.14 -31.80
N VAL D 193 22.21 0.82 -31.25
CA VAL D 193 22.13 2.28 -31.21
C VAL D 193 22.13 2.71 -29.76
N THR D 194 23.03 3.62 -29.41
CA THR D 194 23.12 4.18 -28.06
C THR D 194 22.95 5.69 -28.14
N VAL D 195 22.07 6.23 -27.29
CA VAL D 195 21.76 7.65 -27.27
C VAL D 195 22.07 8.18 -25.88
N GLY D 196 22.84 9.27 -25.82
CA GLY D 196 23.28 9.77 -24.54
C GLY D 196 23.31 11.27 -24.36
N SER D 197 22.66 11.76 -23.31
CA SER D 197 22.81 13.14 -22.86
C SER D 197 23.29 13.12 -21.41
N SER D 198 23.14 14.23 -20.69
CA SER D 198 23.59 14.29 -19.31
C SER D 198 22.56 13.78 -18.31
N ASN D 199 21.29 13.68 -18.71
CA ASN D 199 20.24 13.16 -17.84
C ASN D 199 19.55 11.94 -18.43
N TYR D 200 20.03 11.42 -19.56
CA TYR D 200 19.44 10.25 -20.20
C TYR D 200 20.55 9.45 -20.88
N GLN D 201 20.44 8.12 -20.78
CA GLN D 201 21.40 7.23 -21.43
C GLN D 201 20.76 5.86 -21.54
N GLN D 202 20.51 5.41 -22.77
CA GLN D 202 19.86 4.14 -23.00
C GLN D 202 20.17 3.68 -24.42
N SER D 203 20.34 2.38 -24.59
CA SER D 203 20.68 1.79 -25.87
C SER D 203 19.50 1.01 -26.44
N PHE D 204 19.54 0.79 -27.76
CA PHE D 204 18.44 0.17 -28.47
C PHE D 204 18.98 -0.82 -29.50
N VAL D 205 18.25 -1.90 -29.71
CA VAL D 205 18.60 -2.90 -30.71
C VAL D 205 17.38 -3.14 -31.59
N PRO D 206 17.55 -3.31 -32.90
CA PRO D 206 16.40 -3.57 -33.78
C PRO D 206 16.01 -5.04 -33.80
N SER D 207 14.72 -5.32 -33.67
CA SER D 207 14.23 -6.69 -33.80
C SER D 207 13.57 -6.87 -35.16
N PRO D 208 14.31 -7.36 -36.15
CA PRO D 208 13.73 -7.48 -37.49
C PRO D 208 12.74 -8.63 -37.57
N GLY D 209 11.79 -8.50 -38.49
CA GLY D 209 10.78 -9.52 -38.67
C GLY D 209 9.63 -9.10 -39.56
N ALA D 210 8.88 -10.08 -40.06
CA ALA D 210 7.75 -9.81 -40.93
C ALA D 210 6.53 -9.41 -40.11
N ARG D 211 5.96 -8.26 -40.44
CA ARG D 211 4.82 -7.70 -39.73
C ARG D 211 3.67 -7.48 -40.70
N PRO D 212 2.41 -7.45 -40.21
CA PRO D 212 1.26 -7.22 -41.11
C PRO D 212 1.44 -5.99 -41.97
N GLN D 213 1.34 -6.16 -43.29
CA GLN D 213 1.72 -5.08 -44.20
C GLN D 213 0.78 -3.89 -44.03
N VAL D 214 1.37 -2.71 -43.95
CA VAL D 214 0.64 -1.44 -43.88
C VAL D 214 1.34 -0.47 -44.81
N ASN D 215 0.57 0.18 -45.68
CA ASN D 215 1.10 1.02 -46.74
C ASN D 215 2.05 0.24 -47.66
N GLY D 216 1.78 -1.05 -47.83
CA GLY D 216 2.56 -1.88 -48.73
C GLY D 216 3.88 -2.37 -48.19
N LEU D 217 4.24 -2.03 -46.95
CA LEU D 217 5.52 -2.40 -46.37
C LEU D 217 5.30 -3.18 -45.08
N SER D 218 6.18 -4.14 -44.82
CA SER D 218 6.15 -4.92 -43.59
C SER D 218 7.23 -4.53 -42.61
N GLY D 219 8.22 -3.74 -43.01
CA GLY D 219 9.17 -3.20 -42.07
C GLY D 219 8.55 -2.12 -41.21
N ARG D 220 9.31 -1.68 -40.21
CA ARG D 220 8.83 -0.67 -39.29
C ARG D 220 9.94 0.31 -38.95
N ILE D 221 9.53 1.53 -38.59
CA ILE D 221 10.45 2.59 -38.16
C ILE D 221 9.83 3.24 -36.93
N ASP D 222 10.46 3.04 -35.77
CA ASP D 222 9.96 3.59 -34.51
C ASP D 222 10.77 4.83 -34.15
N PHE D 223 10.06 5.93 -33.87
CA PHE D 223 10.69 7.20 -33.53
C PHE D 223 10.74 7.37 -32.02
N HIS D 224 11.90 7.80 -31.52
CA HIS D 224 12.10 8.10 -30.12
C HIS D 224 12.48 9.58 -29.98
N TRP D 225 12.15 10.16 -28.84
CA TRP D 225 12.40 11.59 -28.62
C TRP D 225 12.90 11.81 -27.20
N LEU D 226 13.80 12.78 -27.06
CA LEU D 226 14.22 13.30 -25.77
C LEU D 226 14.25 14.81 -25.83
N MET D 227 14.51 15.43 -24.68
CA MET D 227 14.60 16.88 -24.56
C MET D 227 16.01 17.24 -24.11
N LEU D 228 16.72 18.00 -24.94
CA LEU D 228 18.10 18.39 -24.66
C LEU D 228 18.12 19.75 -23.97
N ASN D 229 18.59 19.78 -22.73
CA ASN D 229 18.69 21.01 -21.98
C ASN D 229 19.70 21.96 -22.64
N PRO D 230 19.59 23.27 -22.37
CA PRO D 230 20.54 24.22 -22.97
C PRO D 230 21.96 23.94 -22.52
N ASN D 231 22.91 24.15 -23.44
CA ASN D 231 24.33 23.90 -23.25
C ASN D 231 24.63 22.43 -22.95
N ASP D 232 23.68 21.54 -23.20
CA ASP D 232 23.89 20.11 -23.10
C ASP D 232 24.12 19.53 -24.49
N THR D 233 24.70 18.33 -24.53
CA THR D 233 25.09 17.70 -25.78
C THR D 233 24.56 16.27 -25.81
N VAL D 234 23.74 15.97 -26.81
CA VAL D 234 23.26 14.61 -27.07
C VAL D 234 24.29 13.90 -27.95
N THR D 235 24.43 12.59 -27.75
CA THR D 235 25.46 11.83 -28.44
C THR D 235 24.86 10.52 -28.96
N PHE D 236 24.90 10.33 -30.27
CA PHE D 236 24.44 9.11 -30.93
C PHE D 236 25.64 8.27 -31.33
N SER D 237 25.65 7.01 -30.90
CA SER D 237 26.62 6.03 -31.35
C SER D 237 25.87 4.84 -31.93
N PHE D 238 26.28 4.40 -33.11
CA PHE D 238 25.48 3.42 -33.85
C PHE D 238 26.35 2.80 -34.93
N ASN D 239 25.84 1.69 -35.48
CA ASN D 239 26.51 0.98 -36.58
C ASN D 239 25.50 0.41 -37.57
N GLY D 240 24.33 1.03 -37.70
CA GLY D 240 23.31 0.53 -38.60
C GLY D 240 21.89 0.58 -38.04
N ALA D 241 20.90 0.45 -38.91
CA ALA D 241 19.49 0.47 -38.51
C ALA D 241 19.11 1.73 -37.76
N PHE D 242 19.94 2.77 -37.86
CA PHE D 242 19.73 4.03 -37.16
C PHE D 242 19.26 5.08 -38.15
N ILE D 243 18.12 5.70 -37.85
CA ILE D 243 17.60 6.81 -38.63
C ILE D 243 17.89 8.10 -37.87
N ALA D 244 18.75 8.95 -38.44
CA ALA D 244 19.30 10.11 -37.78
C ALA D 244 18.44 11.35 -38.03
N PRO D 245 18.44 12.30 -37.09
CA PRO D 245 17.79 13.59 -37.34
C PRO D 245 18.71 14.56 -38.07
N ASP D 246 18.11 15.34 -38.95
CA ASP D 246 18.85 16.42 -39.60
C ASP D 246 18.73 17.73 -38.84
N ARG D 247 17.56 17.99 -38.25
CA ARG D 247 17.30 19.22 -37.53
C ARG D 247 16.67 18.89 -36.19
N ALA D 248 16.57 19.92 -35.34
CA ALA D 248 15.97 19.80 -34.02
C ALA D 248 14.91 20.87 -33.85
N SER D 249 13.87 20.54 -33.08
CA SER D 249 12.73 21.43 -32.90
C SER D 249 12.83 22.14 -31.55
N PHE D 250 12.42 23.41 -31.55
CA PHE D 250 12.29 24.20 -30.34
C PHE D 250 10.87 24.75 -30.26
N LEU D 251 10.35 24.89 -29.05
CA LEU D 251 8.98 25.32 -28.86
C LEU D 251 8.88 26.84 -28.88
N ARG D 252 7.88 27.37 -29.59
CA ARG D 252 7.78 28.80 -29.80
C ARG D 252 7.11 29.52 -28.65
N GLY D 253 6.20 28.86 -27.93
CA GLY D 253 5.54 29.51 -26.81
C GLY D 253 4.50 28.65 -26.12
N LYS D 254 3.26 29.10 -26.11
CA LYS D 254 2.16 28.39 -25.47
C LYS D 254 0.94 28.39 -26.38
N SER D 255 0.40 27.21 -26.64
CA SER D 255 -0.78 27.09 -27.48
C SER D 255 -1.87 26.29 -26.80
N MET D 256 -2.90 25.91 -27.55
CA MET D 256 -3.96 25.03 -27.07
C MET D 256 -4.34 24.11 -28.22
N GLY D 257 -4.20 22.81 -28.00
CA GLY D 257 -4.43 21.82 -29.04
C GLY D 257 -5.75 21.08 -28.82
N ILE D 258 -6.52 20.97 -29.90
CA ILE D 258 -7.78 20.24 -29.89
C ILE D 258 -7.85 19.33 -31.09
N GLN D 259 -8.77 18.37 -31.04
CA GLN D 259 -9.03 17.46 -32.15
C GLN D 259 -10.53 17.41 -32.37
N SER D 260 -10.96 17.83 -33.55
CA SER D 260 -12.39 17.98 -33.81
C SER D 260 -12.67 17.71 -35.29
N GLY D 261 -13.95 17.73 -35.63
CA GLY D 261 -14.39 17.60 -37.01
C GLY D 261 -15.25 18.78 -37.41
N VAL D 262 -15.46 19.70 -36.47
CA VAL D 262 -16.26 20.89 -36.76
C VAL D 262 -15.46 21.88 -37.59
N GLN D 263 -16.16 22.76 -38.29
CA GLN D 263 -15.52 23.77 -39.09
C GLN D 263 -14.99 24.90 -38.20
N VAL D 264 -14.22 25.79 -38.82
CA VAL D 264 -13.61 26.91 -38.11
C VAL D 264 -14.40 28.18 -38.45
N ASP D 265 -14.81 28.90 -37.41
CA ASP D 265 -15.55 30.15 -37.57
C ASP D 265 -14.63 31.30 -37.18
N ALA D 266 -14.25 32.11 -38.17
CA ALA D 266 -13.37 33.24 -37.92
C ALA D 266 -14.10 34.39 -37.26
N ASN D 267 -15.41 34.52 -37.49
CA ASN D 267 -16.18 35.61 -36.89
C ASN D 267 -16.44 35.37 -35.40
N CYS D 268 -16.75 34.13 -35.02
CA CYS D 268 -17.07 33.82 -33.65
C CYS D 268 -15.81 33.78 -32.80
N GLU D 269 -15.85 34.40 -31.63
CA GLU D 269 -14.77 34.35 -30.67
C GLU D 269 -15.04 33.25 -29.63
N GLY D 270 -13.97 32.80 -28.99
CA GLY D 270 -14.10 31.71 -28.03
C GLY D 270 -12.99 31.73 -27.01
N ASP D 271 -13.24 31.01 -25.92
CA ASP D 271 -12.25 30.84 -24.85
C ASP D 271 -12.10 29.43 -24.34
N CYS D 272 -13.06 28.53 -24.57
CA CYS D 272 -12.90 27.11 -24.28
C CYS D 272 -13.35 26.30 -25.48
N TYR D 273 -12.64 25.21 -25.75
CA TYR D 273 -12.89 24.40 -26.93
C TYR D 273 -12.91 22.92 -26.55
N HIS D 274 -13.65 22.15 -27.35
CA HIS D 274 -13.71 20.70 -27.18
C HIS D 274 -13.88 20.08 -28.56
N SER D 275 -14.01 18.75 -28.58
CA SER D 275 -14.10 18.03 -29.85
C SER D 275 -15.36 18.36 -30.63
N GLY D 276 -16.41 18.85 -29.96
CA GLY D 276 -17.65 19.17 -30.63
C GLY D 276 -17.70 20.59 -31.16
N GLY D 277 -16.97 21.50 -30.52
CA GLY D 277 -16.95 22.88 -30.94
C GLY D 277 -16.43 23.83 -29.90
N THR D 278 -17.22 24.86 -29.57
CA THR D 278 -16.82 25.90 -28.63
C THR D 278 -17.80 25.94 -27.46
N ILE D 279 -17.29 26.18 -26.26
CA ILE D 279 -18.09 26.37 -25.07
C ILE D 279 -17.95 27.83 -24.65
N ILE D 280 -19.02 28.60 -24.82
CA ILE D 280 -19.04 30.02 -24.49
C ILE D 280 -20.16 30.23 -23.48
N SER D 281 -19.79 30.38 -22.20
CA SER D 281 -20.77 30.58 -21.15
C SER D 281 -20.07 31.16 -19.93
N ASN D 282 -20.76 32.07 -19.24
CA ASN D 282 -20.28 32.61 -17.98
C ASN D 282 -20.63 31.74 -16.79
N LEU D 283 -21.36 30.64 -17.01
CA LEU D 283 -21.72 29.75 -15.92
C LEU D 283 -20.48 29.03 -15.39
N PRO D 284 -20.46 28.71 -14.09
CA PRO D 284 -19.26 28.10 -13.50
C PRO D 284 -19.15 26.60 -13.73
N PHE D 285 -20.19 25.95 -14.22
CA PHE D 285 -20.18 24.50 -14.44
C PHE D 285 -20.73 24.21 -15.83
N GLN D 286 -20.52 22.97 -16.27
CA GLN D 286 -20.99 22.53 -17.57
C GLN D 286 -20.91 21.01 -17.62
N ASN D 287 -21.73 20.42 -18.49
CA ASN D 287 -21.77 18.97 -18.67
C ASN D 287 -21.89 18.64 -20.14
N ILE D 288 -21.02 19.23 -20.96
CA ILE D 288 -21.01 18.96 -22.39
C ILE D 288 -19.81 18.10 -22.80
N ASP D 289 -18.68 18.18 -22.09
CA ASP D 289 -17.52 17.36 -22.35
C ASP D 289 -16.58 17.47 -21.16
N SER D 290 -15.85 16.40 -20.89
CA SER D 290 -14.98 16.33 -19.72
C SER D 290 -13.53 16.66 -20.02
N ARG D 291 -13.14 16.71 -21.29
CA ARG D 291 -11.74 16.91 -21.67
C ARG D 291 -11.52 18.24 -22.39
N ALA D 292 -12.46 19.19 -22.24
CA ALA D 292 -12.32 20.47 -22.92
C ALA D 292 -11.11 21.23 -22.40
N VAL D 293 -10.36 21.83 -23.31
CA VAL D 293 -9.14 22.54 -22.98
C VAL D 293 -9.43 24.03 -22.93
N GLY D 294 -8.51 24.77 -22.31
CA GLY D 294 -8.66 26.20 -22.16
C GLY D 294 -9.46 26.57 -20.92
N LYS D 295 -9.55 27.87 -20.69
CA LYS D 295 -10.35 28.40 -19.57
C LYS D 295 -11.81 28.01 -19.76
N CYS D 296 -12.30 27.09 -18.93
CA CYS D 296 -13.57 26.43 -19.15
C CYS D 296 -14.26 26.23 -17.80
N PRO D 297 -15.59 26.11 -17.79
CA PRO D 297 -16.29 25.78 -16.54
C PRO D 297 -16.06 24.34 -16.13
N ARG D 298 -16.26 24.08 -14.85
CA ARG D 298 -16.05 22.75 -14.30
C ARG D 298 -17.05 21.76 -14.87
N TYR D 299 -16.65 20.49 -14.92
CA TYR D 299 -17.47 19.44 -15.49
C TYR D 299 -18.41 18.87 -14.43
N VAL D 300 -19.59 18.43 -14.89
CA VAL D 300 -20.58 17.85 -14.00
C VAL D 300 -20.80 16.37 -14.36
N GLN E 1 16.02 -21.85 -22.92
CA GLN E 1 16.22 -21.74 -21.48
C GLN E 1 17.62 -21.21 -21.16
N VAL E 2 17.79 -19.89 -21.25
CA VAL E 2 19.09 -19.29 -20.97
C VAL E 2 19.34 -19.30 -19.47
N GLN E 3 20.51 -19.78 -19.07
CA GLN E 3 20.89 -19.88 -17.68
C GLN E 3 22.31 -19.33 -17.49
N LEU E 4 22.57 -18.78 -16.31
CA LEU E 4 23.83 -18.11 -16.02
C LEU E 4 24.46 -18.73 -14.79
N VAL E 5 25.77 -19.01 -14.86
CA VAL E 5 26.53 -19.60 -13.78
C VAL E 5 27.71 -18.69 -13.49
N GLU E 6 27.71 -18.07 -12.31
CA GLU E 6 28.78 -17.16 -11.91
C GLU E 6 29.96 -17.96 -11.37
N SER E 7 31.15 -17.67 -11.89
CA SER E 7 32.37 -18.37 -11.51
C SER E 7 33.46 -17.38 -11.18
N GLY E 8 34.24 -17.67 -10.13
CA GLY E 8 35.34 -16.84 -9.74
C GLY E 8 35.79 -17.05 -8.31
N PRO E 9 36.89 -16.40 -7.93
CA PRO E 9 37.44 -16.60 -6.59
C PRO E 9 36.59 -15.94 -5.52
N GLY E 10 36.61 -16.55 -4.33
CA GLY E 10 35.79 -16.09 -3.22
C GLY E 10 36.39 -14.97 -2.40
N LEU E 11 37.66 -14.63 -2.61
CA LEU E 11 38.27 -13.54 -1.86
C LEU E 11 39.43 -12.94 -2.67
N VAL E 12 39.59 -11.63 -2.55
CA VAL E 12 40.69 -10.89 -3.17
C VAL E 12 41.33 -10.00 -2.12
N LYS E 13 42.62 -9.72 -2.32
CA LYS E 13 43.35 -8.89 -1.37
C LYS E 13 43.09 -7.41 -1.66
N PRO E 14 43.16 -6.56 -0.63
CA PRO E 14 42.88 -5.13 -0.82
C PRO E 14 43.79 -4.52 -1.87
N SER E 15 43.22 -3.59 -2.64
CA SER E 15 43.93 -2.85 -3.69
C SER E 15 44.43 -3.78 -4.80
N GLN E 16 43.74 -4.91 -5.01
CA GLN E 16 44.03 -5.81 -6.11
C GLN E 16 42.77 -6.01 -6.95
N THR E 17 42.98 -6.38 -8.21
CA THR E 17 41.87 -6.50 -9.15
C THR E 17 41.05 -7.75 -8.86
N LEU E 18 39.74 -7.56 -8.71
CA LEU E 18 38.80 -8.65 -8.51
C LEU E 18 38.32 -9.15 -9.87
N SER E 19 38.46 -10.45 -10.10
CA SER E 19 38.05 -11.06 -11.36
C SER E 19 36.89 -12.02 -11.12
N LEU E 20 35.94 -12.03 -12.06
CA LEU E 20 34.79 -12.92 -12.02
C LEU E 20 34.37 -13.22 -13.45
N THR E 21 33.74 -14.37 -13.65
CA THR E 21 33.38 -14.82 -15.00
C THR E 21 32.02 -15.51 -14.96
N CYS E 22 31.18 -15.19 -15.94
CA CYS E 22 29.87 -15.81 -16.11
C CYS E 22 29.86 -16.66 -17.37
N THR E 23 29.40 -17.90 -17.25
CA THR E 23 29.29 -18.82 -18.37
C THR E 23 27.81 -19.01 -18.69
N VAL E 24 27.39 -18.56 -19.86
CA VAL E 24 25.99 -18.56 -20.24
C VAL E 24 25.64 -19.91 -20.86
N SER E 25 24.76 -20.66 -20.20
CA SER E 25 24.29 -21.95 -20.70
C SER E 25 22.94 -21.79 -21.38
N GLY E 26 22.68 -22.65 -22.36
CA GLY E 26 21.39 -22.68 -23.02
C GLY E 26 21.13 -21.52 -23.96
N GLY E 27 22.16 -20.99 -24.59
CA GLY E 27 21.99 -19.89 -25.53
C GLY E 27 23.29 -19.26 -25.96
N SER E 28 23.31 -18.66 -27.14
CA SER E 28 24.50 -18.01 -27.65
C SER E 28 24.71 -16.66 -26.96
N ILE E 29 25.97 -16.38 -26.60
CA ILE E 29 26.31 -15.07 -26.07
C ILE E 29 26.17 -13.97 -27.11
N ASN E 30 26.02 -14.35 -28.38
CA ASN E 30 25.75 -13.40 -29.46
C ASN E 30 24.26 -13.17 -29.67
N SER E 31 23.45 -13.35 -28.63
CA SER E 31 22.03 -13.06 -28.73
C SER E 31 21.80 -11.58 -29.05
N SER E 32 21.01 -11.33 -30.09
CA SER E 32 20.80 -9.97 -30.57
C SER E 32 19.96 -9.12 -29.63
N HIS E 33 19.46 -9.68 -28.53
CA HIS E 33 18.56 -8.97 -27.62
C HIS E 33 18.96 -9.18 -26.17
N SER E 34 20.26 -9.19 -25.90
CA SER E 34 20.75 -9.48 -24.56
C SER E 34 21.89 -8.52 -24.20
N PHE E 35 21.68 -7.72 -23.15
CA PHE E 35 22.75 -6.97 -22.51
C PHE E 35 23.25 -7.79 -21.33
N TRP E 36 24.47 -8.30 -21.44
CA TRP E 36 25.07 -9.10 -20.38
C TRP E 36 25.56 -8.15 -19.28
N SER E 37 24.94 -8.22 -18.11
CA SER E 37 25.12 -7.23 -17.07
C SER E 37 25.61 -7.86 -15.78
N TRP E 38 26.19 -7.01 -14.92
CA TRP E 38 26.66 -7.38 -13.59
C TRP E 38 25.99 -6.51 -12.55
N ILE E 39 25.55 -7.13 -11.46
CA ILE E 39 24.86 -6.44 -10.38
C ILE E 39 25.37 -7.01 -9.06
N ARG E 40 25.83 -6.14 -8.17
CA ARG E 40 26.33 -6.57 -6.87
C ARG E 40 25.39 -6.11 -5.76
N GLN E 41 25.54 -6.74 -4.60
CA GLN E 41 24.67 -6.51 -3.45
C GLN E 41 25.41 -6.79 -2.15
N PRO E 42 25.76 -5.75 -1.38
CA PRO E 42 26.39 -5.96 -0.08
C PRO E 42 25.44 -6.68 0.86
N ALA E 43 25.94 -7.60 1.69
CA ALA E 43 25.04 -8.36 2.58
C ALA E 43 24.29 -7.42 3.52
N GLY E 44 22.97 -7.56 3.51
CA GLY E 44 22.10 -6.72 4.31
C GLY E 44 21.67 -5.43 3.63
N LYS E 45 22.41 -4.98 2.62
CA LYS E 45 22.07 -3.75 1.90
C LYS E 45 21.37 -4.10 0.58
N GLY E 46 21.03 -3.06 -0.18
CA GLY E 46 20.29 -3.22 -1.41
C GLY E 46 21.17 -3.61 -2.59
N LEU E 47 20.62 -3.43 -3.78
CA LEU E 47 21.28 -3.82 -5.02
C LEU E 47 21.94 -2.62 -5.68
N GLU E 48 22.98 -2.90 -6.46
CA GLU E 48 23.74 -1.87 -7.16
C GLU E 48 24.08 -2.37 -8.55
N TRP E 49 23.64 -1.65 -9.57
CA TRP E 49 23.93 -1.99 -10.95
C TRP E 49 25.36 -1.57 -11.29
N ILE E 50 26.17 -2.52 -11.75
CA ILE E 50 27.57 -2.26 -12.01
C ILE E 50 27.77 -1.86 -13.47
N GLY E 51 27.32 -2.70 -14.39
CA GLY E 51 27.49 -2.39 -15.80
C GLY E 51 26.94 -3.50 -16.67
N ARG E 52 26.95 -3.25 -17.97
CA ARG E 52 26.45 -4.19 -18.96
C ARG E 52 27.30 -4.11 -20.21
N ILE E 53 27.22 -5.15 -21.03
CA ILE E 53 27.95 -5.21 -22.29
C ILE E 53 27.11 -5.95 -23.32
N TYR E 54 27.14 -5.46 -24.55
CA TYR E 54 26.42 -6.08 -25.65
C TYR E 54 27.30 -7.12 -26.34
N SER E 55 26.68 -7.94 -27.18
CA SER E 55 27.42 -8.99 -27.89
C SER E 55 28.49 -8.42 -28.81
N THR E 56 28.37 -7.14 -29.20
CA THR E 56 29.36 -6.50 -30.05
C THR E 56 30.52 -5.90 -29.28
N GLY E 57 30.45 -5.87 -27.95
CA GLY E 57 31.52 -5.35 -27.12
C GLY E 57 31.26 -3.98 -26.53
N ASN E 58 30.22 -3.28 -26.99
CA ASN E 58 29.89 -1.99 -26.41
C ASN E 58 29.45 -2.15 -24.96
N SER E 59 30.09 -1.41 -24.06
CA SER E 59 29.86 -1.54 -22.64
C SER E 59 29.42 -0.23 -22.03
N ASN E 60 28.70 -0.33 -20.92
CA ASN E 60 28.26 0.83 -20.15
C ASN E 60 28.46 0.52 -18.67
N TYR E 61 29.27 1.33 -17.99
CA TYR E 61 29.61 1.11 -16.60
C TYR E 61 28.95 2.18 -15.72
N ASN E 62 28.58 1.79 -14.52
CA ASN E 62 28.06 2.73 -13.53
C ASN E 62 29.12 3.78 -13.25
N PRO E 63 28.83 5.07 -13.44
CA PRO E 63 29.88 6.10 -13.29
C PRO E 63 30.52 6.13 -11.92
N SER E 64 29.85 5.64 -10.88
CA SER E 64 30.47 5.59 -9.56
C SER E 64 31.64 4.61 -9.53
N LEU E 65 31.60 3.57 -10.37
CA LEU E 65 32.62 2.54 -10.42
C LEU E 65 33.42 2.57 -11.71
N LYS E 66 33.10 3.48 -12.63
CA LYS E 66 33.68 3.43 -13.98
C LYS E 66 35.20 3.56 -13.95
N SER E 67 35.76 4.21 -12.94
CA SER E 67 37.20 4.42 -12.89
C SER E 67 37.96 3.10 -12.79
N ARG E 68 37.34 2.06 -12.22
CA ARG E 68 38.04 0.82 -11.92
C ARG E 68 37.26 -0.41 -12.40
N VAL E 69 36.27 -0.24 -13.27
CA VAL E 69 35.47 -1.34 -13.78
C VAL E 69 35.81 -1.53 -15.26
N THR E 70 36.15 -2.76 -15.63
CA THR E 70 36.35 -3.13 -17.03
C THR E 70 35.75 -4.51 -17.22
N ILE E 71 34.70 -4.60 -18.03
CA ILE E 71 34.02 -5.86 -18.30
C ILE E 71 34.16 -6.18 -19.78
N SER E 72 34.28 -7.47 -20.09
CA SER E 72 34.56 -7.93 -21.44
C SER E 72 33.88 -9.28 -21.62
N LEU E 73 33.84 -9.75 -22.87
CA LEU E 73 33.26 -11.03 -23.19
C LEU E 73 34.26 -11.88 -23.98
N ASP E 74 33.90 -13.15 -24.15
CA ASP E 74 34.70 -14.12 -24.89
C ASP E 74 33.72 -14.93 -25.76
N THR E 75 33.57 -14.49 -27.01
CA THR E 75 32.60 -15.12 -27.92
C THR E 75 32.95 -16.56 -28.24
N SER E 76 34.13 -17.04 -27.85
CA SER E 76 34.54 -18.41 -28.12
C SER E 76 34.12 -19.37 -27.02
N LYS E 77 34.29 -18.98 -25.76
CA LYS E 77 33.94 -19.83 -24.62
C LYS E 77 32.54 -19.54 -24.08
N ASN E 78 31.77 -18.69 -24.75
CA ASN E 78 30.43 -18.30 -24.31
C ASN E 78 30.47 -17.73 -22.89
N GLN E 79 31.37 -16.76 -22.68
CA GLN E 79 31.59 -16.18 -21.37
C GLN E 79 31.78 -14.69 -21.48
N PHE E 80 31.45 -13.98 -20.39
CA PHE E 80 31.83 -12.58 -20.23
C PHE E 80 32.27 -12.38 -18.79
N SER E 81 33.26 -11.51 -18.60
CA SER E 81 33.95 -11.36 -17.33
C SER E 81 33.81 -9.94 -16.80
N LEU E 82 34.09 -9.79 -15.51
CA LEU E 82 34.08 -8.52 -14.81
C LEU E 82 35.39 -8.35 -14.05
N LYS E 83 35.96 -7.15 -14.10
CA LYS E 83 37.22 -6.85 -13.42
C LYS E 83 37.07 -5.54 -12.66
N LEU E 84 37.24 -5.61 -11.33
CA LEU E 84 37.14 -4.45 -10.45
C LEU E 84 38.52 -4.18 -9.86
N SER E 85 39.11 -3.04 -10.21
CA SER E 85 40.48 -2.71 -9.84
C SER E 85 40.52 -1.93 -8.52
N SER E 86 41.70 -1.95 -7.90
CA SER E 86 41.98 -1.19 -6.68
C SER E 86 40.90 -1.41 -5.62
N VAL E 87 40.64 -2.68 -5.33
CA VAL E 87 39.51 -3.07 -4.48
C VAL E 87 39.76 -2.60 -3.05
N THR E 88 38.72 -2.03 -2.45
CA THR E 88 38.72 -1.63 -1.05
C THR E 88 37.80 -2.55 -0.25
N ALA E 89 37.67 -2.26 1.05
CA ALA E 89 36.82 -3.07 1.91
C ALA E 89 35.34 -2.86 1.62
N ALA E 90 34.98 -1.80 0.89
CA ALA E 90 33.60 -1.53 0.54
C ALA E 90 33.12 -2.36 -0.66
N ASP E 91 34.00 -3.12 -1.28
CA ASP E 91 33.64 -3.97 -2.41
C ASP E 91 33.25 -5.38 -2.01
N THR E 92 33.24 -5.68 -0.71
CA THR E 92 32.78 -6.98 -0.23
C THR E 92 31.28 -7.08 -0.43
N ALA E 93 30.85 -7.92 -1.37
CA ALA E 93 29.43 -8.05 -1.69
C ALA E 93 29.22 -9.33 -2.47
N VAL E 94 27.95 -9.72 -2.60
CA VAL E 94 27.56 -10.78 -3.50
C VAL E 94 27.44 -10.20 -4.90
N TYR E 95 28.03 -10.89 -5.88
CA TYR E 95 28.05 -10.41 -7.26
C TYR E 95 27.16 -11.32 -8.11
N TYR E 96 26.17 -10.73 -8.77
CA TYR E 96 25.20 -11.46 -9.56
C TYR E 96 25.47 -11.25 -11.04
N CYS E 97 25.61 -12.35 -11.78
CA CYS E 97 25.53 -12.31 -13.23
C CYS E 97 24.08 -12.23 -13.66
N ALA E 98 23.81 -11.46 -14.70
CA ALA E 98 22.43 -11.23 -15.10
C ALA E 98 22.35 -10.97 -16.59
N ARG E 99 21.17 -11.20 -17.15
CA ARG E 99 20.89 -11.02 -18.57
C ARG E 99 19.74 -10.03 -18.71
N GLU E 100 20.00 -8.91 -19.38
CA GLU E 100 18.98 -7.90 -19.63
C GLU E 100 18.32 -8.18 -20.99
N SER E 101 17.03 -8.47 -20.97
CA SER E 101 16.30 -8.84 -22.18
C SER E 101 15.86 -7.60 -22.94
N LEU E 102 16.13 -7.58 -24.25
CA LEU E 102 15.70 -6.51 -25.13
C LEU E 102 14.56 -6.95 -26.04
N TRP E 103 13.96 -8.10 -25.79
CA TRP E 103 12.96 -8.68 -26.68
C TRP E 103 11.64 -7.91 -26.67
N ASN E 104 11.41 -7.02 -25.71
CA ASN E 104 10.13 -6.34 -25.62
C ASN E 104 9.95 -5.39 -26.80
N PRO E 105 8.81 -5.45 -27.49
CA PRO E 105 8.62 -4.60 -28.68
C PRO E 105 8.39 -3.14 -28.36
N ASP E 106 8.15 -2.79 -27.09
CA ASP E 106 7.96 -1.40 -26.68
C ASP E 106 9.17 -0.85 -25.91
N TYR E 107 10.32 -1.50 -26.06
CA TYR E 107 11.59 -1.01 -25.51
C TYR E 107 11.57 -0.95 -23.99
N TYR E 108 10.87 -1.88 -23.36
CA TYR E 108 10.83 -2.00 -21.90
C TYR E 108 11.77 -3.14 -21.50
N TYR E 109 12.93 -2.77 -20.95
CA TYR E 109 13.97 -3.73 -20.64
C TYR E 109 13.81 -4.26 -19.22
N TYR E 110 14.24 -5.50 -19.01
CA TYR E 110 14.15 -6.15 -17.71
C TYR E 110 15.20 -7.24 -17.64
N MET E 111 15.30 -7.85 -16.46
CA MET E 111 16.31 -8.88 -16.20
C MET E 111 15.59 -10.16 -15.78
N ASP E 112 15.52 -11.13 -16.70
CA ASP E 112 14.75 -12.34 -16.49
C ASP E 112 15.60 -13.54 -16.07
N VAL E 113 16.90 -13.52 -16.36
CA VAL E 113 17.79 -14.63 -16.03
C VAL E 113 18.89 -14.08 -15.13
N TRP E 114 18.93 -14.53 -13.88
CA TRP E 114 19.92 -14.12 -12.90
C TRP E 114 20.80 -15.29 -12.53
N GLY E 115 22.10 -15.02 -12.36
CA GLY E 115 23.02 -16.04 -11.92
C GLY E 115 22.76 -16.46 -10.48
N LYS E 116 23.48 -17.51 -10.07
CA LYS E 116 23.37 -17.99 -8.69
C LYS E 116 23.87 -16.95 -7.70
N GLY E 117 24.90 -16.20 -8.06
CA GLY E 117 25.46 -15.20 -7.17
C GLY E 117 26.58 -15.76 -6.33
N THR E 118 27.76 -15.14 -6.39
CA THR E 118 28.92 -15.59 -5.64
C THR E 118 29.42 -14.46 -4.74
N LEU E 119 29.70 -14.80 -3.48
CA LEU E 119 30.22 -13.83 -2.54
C LEU E 119 31.70 -13.60 -2.77
N VAL E 120 32.14 -12.36 -2.63
CA VAL E 120 33.56 -12.01 -2.67
C VAL E 120 33.86 -11.14 -1.45
N THR E 121 34.51 -11.74 -0.45
CA THR E 121 34.99 -11.00 0.70
C THR E 121 36.42 -10.56 0.43
N VAL E 122 36.72 -9.30 0.72
CA VAL E 122 38.06 -8.76 0.53
C VAL E 122 38.72 -8.64 1.90
N SER E 123 39.98 -9.06 1.98
CA SER E 123 40.67 -9.17 3.25
C SER E 123 42.11 -9.55 3.00
N SER E 124 42.94 -9.36 4.02
CA SER E 124 44.33 -9.80 3.97
C SER E 124 44.51 -11.23 4.43
N ALA E 125 43.70 -11.68 5.38
CA ALA E 125 43.83 -13.02 5.93
C ALA E 125 43.57 -14.08 4.86
N SER E 126 44.32 -15.17 4.94
CA SER E 126 44.17 -16.26 3.99
C SER E 126 43.00 -17.16 4.39
N PHE E 127 42.51 -17.92 3.43
CA PHE E 127 41.33 -18.74 3.67
C PHE E 127 41.68 -19.93 4.55
N LYS E 128 40.64 -20.60 5.05
CA LYS E 128 40.81 -21.76 5.91
C LYS E 128 39.54 -22.59 5.89
N GLY E 129 39.70 -23.90 5.65
CA GLY E 129 38.59 -24.82 5.67
C GLY E 129 38.01 -24.97 7.06
N PRO E 130 36.79 -25.46 7.15
CA PRO E 130 36.14 -25.57 8.46
C PRO E 130 36.37 -26.90 9.13
N SER E 131 36.31 -26.87 10.45
CA SER E 131 36.18 -28.07 11.27
C SER E 131 34.71 -28.26 11.61
N VAL E 132 34.24 -29.49 11.48
CA VAL E 132 32.84 -29.81 11.75
C VAL E 132 32.77 -30.92 12.80
N PHE E 133 32.00 -30.68 13.85
CA PHE E 133 31.79 -31.60 14.95
C PHE E 133 30.30 -31.91 15.07
N PRO E 134 29.93 -33.05 15.66
CA PRO E 134 28.52 -33.41 15.71
C PRO E 134 27.76 -32.76 16.85
N LEU E 135 26.48 -32.50 16.58
CA LEU E 135 25.50 -32.16 17.61
C LEU E 135 24.69 -33.43 17.86
N ALA E 136 25.21 -34.26 18.76
CA ALA E 136 24.64 -35.58 18.96
C ALA E 136 23.24 -35.47 19.54
N PRO E 137 22.29 -36.29 19.09
CA PRO E 137 20.95 -36.26 19.66
C PRO E 137 20.90 -37.06 20.96
N SER E 138 19.77 -36.94 21.65
CA SER E 138 19.54 -37.69 22.88
C SER E 138 18.04 -37.82 23.16
N GLY E 144 5.25 -40.82 16.97
CA GLY E 144 5.96 -40.74 18.22
C GLY E 144 6.57 -39.37 18.48
N GLY E 145 7.70 -39.34 19.18
CA GLY E 145 8.38 -38.10 19.47
C GLY E 145 9.44 -37.76 18.44
N THR E 146 9.70 -36.47 18.30
CA THR E 146 10.68 -35.97 17.33
C THR E 146 11.97 -35.63 18.06
N ALA E 147 13.08 -36.18 17.57
CA ALA E 147 14.41 -35.89 18.08
C ALA E 147 15.15 -34.94 17.16
N ALA E 148 16.14 -34.25 17.72
CA ALA E 148 16.87 -33.22 16.99
C ALA E 148 18.36 -33.51 17.06
N LEU E 149 19.04 -33.40 15.91
CA LEU E 149 20.47 -33.59 15.80
C LEU E 149 21.04 -32.53 14.88
N GLY E 150 22.35 -32.57 14.69
CA GLY E 150 23.00 -31.63 13.79
C GLY E 150 24.49 -31.79 13.83
N CYS E 151 25.19 -30.86 13.16
CA CYS E 151 26.63 -30.83 13.15
C CYS E 151 27.11 -29.39 13.12
N LEU E 152 28.01 -29.04 14.03
CA LEU E 152 28.49 -27.67 14.18
C LEU E 152 29.71 -27.46 13.29
N VAL E 153 29.62 -26.47 12.39
CA VAL E 153 30.72 -26.07 11.53
C VAL E 153 31.44 -24.90 12.19
N LYS E 154 32.76 -24.96 12.27
CA LYS E 154 33.50 -23.99 13.07
C LYS E 154 34.83 -23.65 12.42
N ASP E 155 35.23 -22.39 12.60
CA ASP E 155 36.59 -21.92 12.31
C ASP E 155 36.92 -22.01 10.82
N TYR E 156 36.15 -21.29 10.01
CA TYR E 156 36.42 -21.17 8.58
C TYR E 156 36.42 -19.71 8.18
N PHE E 157 37.06 -19.44 7.03
CA PHE E 157 37.18 -18.10 6.49
C PHE E 157 37.56 -18.22 5.02
N PRO E 158 36.94 -17.42 4.13
CA PRO E 158 35.82 -16.53 4.46
C PRO E 158 34.47 -17.19 4.21
N GLU E 159 33.42 -16.39 4.16
CA GLU E 159 32.11 -16.91 3.79
C GLU E 159 32.14 -17.41 2.35
N PRO E 160 31.25 -18.34 1.98
CA PRO E 160 30.27 -19.03 2.82
C PRO E 160 30.49 -20.54 2.95
N VAL E 161 29.76 -21.17 3.86
CA VAL E 161 29.70 -22.62 3.98
C VAL E 161 28.26 -23.05 3.79
N THR E 162 28.03 -23.98 2.86
CA THR E 162 26.70 -24.46 2.54
C THR E 162 26.57 -25.90 3.02
N VAL E 163 25.57 -26.15 3.87
CA VAL E 163 25.38 -27.45 4.50
C VAL E 163 24.26 -28.20 3.81
N SER E 164 24.49 -29.49 3.55
CA SER E 164 23.49 -30.41 3.06
C SER E 164 23.28 -31.51 4.09
N TRP E 165 22.26 -32.34 3.86
CA TRP E 165 21.98 -33.46 4.73
C TRP E 165 21.61 -34.68 3.89
N ASN E 166 22.30 -35.79 4.16
CA ASN E 166 22.14 -37.02 3.39
C ASN E 166 22.29 -36.75 1.89
N SER E 167 23.26 -35.90 1.55
CA SER E 167 23.58 -35.54 0.17
C SER E 167 22.38 -34.94 -0.57
N GLY E 168 21.49 -34.27 0.17
CA GLY E 168 20.37 -33.58 -0.41
C GLY E 168 19.04 -34.31 -0.30
N ALA E 169 19.05 -35.62 0.00
CA ALA E 169 17.81 -36.36 0.11
C ALA E 169 16.99 -35.97 1.33
N LEU E 170 17.62 -35.39 2.35
CA LEU E 170 16.95 -34.98 3.57
C LEU E 170 16.85 -33.47 3.58
N THR E 171 15.64 -32.95 3.35
CA THR E 171 15.40 -31.51 3.33
C THR E 171 14.37 -31.05 4.36
N SER E 172 13.42 -31.91 4.74
CA SER E 172 12.38 -31.49 5.66
C SER E 172 12.94 -31.34 7.07
N GLY E 173 12.66 -30.19 7.69
CA GLY E 173 13.07 -29.94 9.05
C GLY E 173 14.50 -29.46 9.21
N VAL E 174 15.19 -29.15 8.12
CA VAL E 174 16.58 -28.72 8.17
C VAL E 174 16.62 -27.21 8.38
N HIS E 175 17.41 -26.77 9.37
CA HIS E 175 17.62 -25.35 9.64
C HIS E 175 19.12 -25.10 9.72
N THR E 176 19.66 -24.41 8.71
CA THR E 176 21.05 -24.00 8.69
C THR E 176 21.12 -22.52 9.05
N PHE E 177 21.79 -22.22 10.16
CA PHE E 177 21.78 -20.88 10.74
C PHE E 177 22.78 -19.96 10.03
N PRO E 178 22.66 -18.66 10.23
CA PRO E 178 23.65 -17.74 9.67
C PRO E 178 24.99 -17.85 10.40
N ALA E 179 26.04 -17.43 9.71
CA ALA E 179 27.38 -17.45 10.28
C ALA E 179 27.57 -16.31 11.27
N VAL E 180 28.26 -16.60 12.37
CA VAL E 180 28.58 -15.62 13.39
C VAL E 180 30.09 -15.48 13.44
N LEU E 181 30.59 -14.28 13.16
CA LEU E 181 32.04 -14.05 13.16
C LEU E 181 32.55 -14.02 14.60
N GLN E 182 33.46 -14.94 14.91
CA GLN E 182 33.97 -15.07 16.27
C GLN E 182 35.12 -14.10 16.52
N SER E 183 35.56 -14.05 17.78
CA SER E 183 36.65 -13.15 18.15
C SER E 183 37.92 -13.44 17.38
N SER E 184 38.14 -14.70 17.01
CA SER E 184 39.33 -15.10 16.27
C SER E 184 39.34 -14.61 14.84
N GLY E 185 38.24 -14.04 14.36
CA GLY E 185 38.12 -13.67 12.96
C GLY E 185 37.63 -14.77 12.06
N LEU E 186 37.15 -15.88 12.62
CA LEU E 186 36.66 -17.01 11.85
C LEU E 186 35.19 -17.24 12.13
N TYR E 187 34.46 -17.72 11.13
CA TYR E 187 33.03 -17.94 11.25
C TYR E 187 32.74 -19.31 11.85
N SER E 188 31.52 -19.45 12.37
CA SER E 188 31.09 -20.71 12.98
C SER E 188 29.56 -20.74 12.97
N LEU E 189 28.98 -21.58 12.11
CA LEU E 189 27.55 -21.78 12.06
C LEU E 189 27.21 -23.22 12.42
N SER E 190 26.04 -23.42 13.01
CA SER E 190 25.50 -24.74 13.26
C SER E 190 24.37 -25.04 12.28
N SER E 191 24.09 -26.32 12.10
CA SER E 191 23.02 -26.77 11.22
C SER E 191 22.31 -27.93 11.90
N VAL E 192 20.99 -27.80 12.08
CA VAL E 192 20.22 -28.78 12.82
C VAL E 192 19.10 -29.31 11.94
N VAL E 193 18.52 -30.43 12.36
CA VAL E 193 17.40 -31.05 11.66
C VAL E 193 16.63 -31.95 12.62
N THR E 194 15.31 -31.76 12.70
CA THR E 194 14.47 -32.62 13.51
C THR E 194 14.11 -33.88 12.74
N VAL E 195 14.08 -35.02 13.44
CA VAL E 195 13.85 -36.31 12.79
C VAL E 195 13.01 -37.19 13.70
N PRO E 196 12.26 -38.12 13.10
CA PRO E 196 11.54 -39.11 13.91
C PRO E 196 12.49 -39.89 14.80
N SER E 197 12.20 -39.91 16.10
CA SER E 197 13.08 -40.57 17.06
C SER E 197 13.15 -42.07 16.82
N SER E 198 12.12 -42.65 16.21
CA SER E 198 12.16 -44.07 15.89
C SER E 198 13.19 -44.38 14.82
N SER E 199 13.36 -43.46 13.86
CA SER E 199 14.30 -43.66 12.77
C SER E 199 15.75 -43.41 13.16
N LEU E 200 16.03 -43.09 14.43
CA LEU E 200 17.41 -42.85 14.85
C LEU E 200 18.25 -44.11 14.71
N GLY E 201 17.67 -45.28 15.04
CA GLY E 201 18.39 -46.52 14.84
C GLY E 201 18.39 -46.99 13.40
N THR E 202 17.34 -46.67 12.64
CA THR E 202 17.22 -47.18 11.29
C THR E 202 18.05 -46.37 10.30
N GLN E 203 17.95 -45.04 10.35
CA GLN E 203 18.49 -44.17 9.32
C GLN E 203 19.85 -43.60 9.72
N THR E 204 20.74 -43.48 8.75
CA THR E 204 22.02 -42.81 8.94
C THR E 204 21.88 -41.35 8.56
N TYR E 205 22.57 -40.48 9.29
CA TYR E 205 22.50 -39.03 9.08
C TYR E 205 23.92 -38.50 8.91
N ILE E 206 24.21 -38.00 7.70
CA ILE E 206 25.50 -37.42 7.38
C ILE E 206 25.27 -36.02 6.83
N CYS E 207 25.95 -35.03 7.41
CA CYS E 207 25.86 -33.65 6.96
C CYS E 207 27.03 -33.34 6.03
N ASN E 208 26.75 -32.57 4.98
CA ASN E 208 27.72 -32.27 3.93
C ASN E 208 28.05 -30.78 4.00
N VAL E 209 29.23 -30.46 4.53
CA VAL E 209 29.71 -29.10 4.63
C VAL E 209 30.64 -28.85 3.44
N ASN E 210 30.28 -27.87 2.62
CA ASN E 210 31.08 -27.49 1.45
C ASN E 210 31.57 -26.06 1.63
N HIS E 211 32.88 -25.89 1.64
CA HIS E 211 33.52 -24.58 1.77
C HIS E 211 34.32 -24.34 0.50
N LYS E 212 33.70 -23.68 -0.48
CA LYS E 212 34.36 -23.44 -1.75
C LYS E 212 35.58 -22.54 -1.67
N PRO E 213 35.63 -21.49 -0.82
CA PRO E 213 36.84 -20.65 -0.79
C PRO E 213 38.12 -21.40 -0.41
N SER E 214 38.02 -22.56 0.24
CA SER E 214 39.20 -23.33 0.60
C SER E 214 39.28 -24.66 -0.15
N ASN E 215 38.37 -24.91 -1.10
CA ASN E 215 38.30 -26.16 -1.85
C ASN E 215 38.16 -27.38 -0.94
N THR E 216 37.66 -27.18 0.28
CA THR E 216 37.46 -28.26 1.23
C THR E 216 35.98 -28.62 1.31
N LYS E 217 35.71 -29.92 1.43
CA LYS E 217 34.35 -30.42 1.58
C LYS E 217 34.39 -31.56 2.59
N VAL E 218 33.63 -31.43 3.68
CA VAL E 218 33.69 -32.37 4.79
C VAL E 218 32.31 -32.99 4.98
N ASP E 219 32.29 -34.32 5.16
CA ASP E 219 31.07 -35.06 5.48
C ASP E 219 31.22 -35.63 6.89
N LYS E 220 30.27 -35.32 7.76
CA LYS E 220 30.29 -35.75 9.15
C LYS E 220 29.06 -36.59 9.43
N LYS E 221 29.28 -37.83 9.90
CA LYS E 221 28.19 -38.75 10.22
C LYS E 221 27.81 -38.56 11.68
N VAL E 222 26.62 -38.01 11.91
CA VAL E 222 26.14 -37.73 13.26
C VAL E 222 25.44 -38.97 13.81
N GLU E 223 25.88 -39.42 14.98
CA GLU E 223 25.29 -40.60 15.62
C GLU E 223 24.91 -40.28 17.06
N ASP F 1 22.00 10.77 -10.66
CA ASP F 1 21.25 9.60 -11.09
C ASP F 1 19.78 9.77 -10.75
N ILE F 2 18.99 8.74 -11.06
CA ILE F 2 17.58 8.70 -10.69
C ILE F 2 17.47 8.02 -9.33
N VAL F 3 16.94 8.75 -8.34
CA VAL F 3 16.76 8.21 -7.01
C VAL F 3 15.39 7.54 -6.93
N MET F 4 15.37 6.32 -6.39
CA MET F 4 14.15 5.54 -6.25
C MET F 4 13.94 5.28 -4.75
N THR F 5 12.84 5.80 -4.21
CA THR F 5 12.54 5.70 -2.79
C THR F 5 11.35 4.78 -2.59
N GLN F 6 11.63 3.59 -2.06
CA GLN F 6 10.62 2.57 -1.81
C GLN F 6 10.08 2.72 -0.39
N SER F 7 8.77 2.65 -0.26
CA SER F 7 8.05 2.86 0.99
C SER F 7 7.56 1.54 1.56
N PRO F 8 7.01 1.55 2.81
CA PRO F 8 7.02 0.34 3.64
C PRO F 8 8.38 -0.34 3.63
N SER F 9 9.30 0.11 4.48
CA SER F 9 10.64 -0.48 4.54
C SER F 9 10.58 -1.93 5.01
N SER F 10 9.66 -2.25 5.92
CA SER F 10 9.40 -3.61 6.36
C SER F 10 8.01 -3.64 6.97
N LEU F 11 7.33 -4.78 6.82
CA LEU F 11 5.95 -4.86 7.26
C LEU F 11 5.60 -6.27 7.65
N SER F 12 4.50 -6.41 8.39
CA SER F 12 3.93 -7.68 8.79
C SER F 12 2.54 -7.80 8.21
N ALA F 13 2.18 -9.00 7.77
CA ALA F 13 0.87 -9.23 7.19
C ALA F 13 0.53 -10.71 7.28
N SER F 14 -0.76 -11.00 7.40
CA SER F 14 -1.25 -12.36 7.58
C SER F 14 -1.56 -13.01 6.25
N VAL F 15 -1.69 -14.34 6.27
CA VAL F 15 -2.02 -15.10 5.07
C VAL F 15 -3.43 -14.72 4.60
N GLY F 16 -3.58 -14.55 3.29
CA GLY F 16 -4.85 -14.16 2.72
C GLY F 16 -5.09 -12.67 2.65
N ASP F 17 -4.20 -11.86 3.22
CA ASP F 17 -4.35 -10.42 3.21
C ASP F 17 -4.07 -9.87 1.81
N ARG F 18 -4.15 -8.54 1.68
CA ARG F 18 -3.95 -7.86 0.40
C ARG F 18 -2.95 -6.73 0.63
N VAL F 19 -1.68 -6.98 0.31
CA VAL F 19 -0.59 -6.09 0.67
C VAL F 19 -0.23 -5.20 -0.51
N THR F 20 -0.05 -3.91 -0.25
CA THR F 20 0.36 -2.93 -1.27
C THR F 20 1.70 -2.34 -0.88
N ILE F 21 2.60 -2.23 -1.86
CA ILE F 21 3.94 -1.69 -1.67
C ILE F 21 4.14 -0.55 -2.66
N THR F 22 4.55 0.61 -2.16
CA THR F 22 4.73 1.80 -2.97
C THR F 22 6.20 1.97 -3.39
N CYS F 23 6.39 2.71 -4.48
CA CYS F 23 7.72 3.04 -4.98
C CYS F 23 7.61 4.34 -5.76
N ARG F 24 8.44 5.33 -5.40
CA ARG F 24 8.32 6.69 -5.90
C ARG F 24 9.66 7.15 -6.45
N ALA F 25 9.65 7.68 -7.67
CA ALA F 25 10.85 8.08 -8.39
C ALA F 25 11.05 9.60 -8.32
N SER F 26 12.29 10.01 -8.59
CA SER F 26 12.61 11.43 -8.66
C SER F 26 12.25 12.02 -10.01
N GLN F 27 12.51 11.28 -11.09
CA GLN F 27 12.09 11.69 -12.43
C GLN F 27 10.69 11.16 -12.69
N SER F 28 10.26 11.19 -13.96
CA SER F 28 8.97 10.68 -14.39
C SER F 28 9.18 9.87 -15.67
N PHE F 29 9.84 8.72 -15.53
CA PHE F 29 9.96 7.81 -16.66
C PHE F 29 8.58 7.31 -17.07
N SER F 30 8.43 7.01 -18.36
CA SER F 30 7.14 6.55 -18.88
C SER F 30 6.86 5.13 -18.42
N SER F 31 6.80 4.92 -17.10
CA SER F 31 6.49 3.62 -16.51
C SER F 31 7.53 2.56 -16.89
N HIS F 32 8.81 2.94 -16.85
CA HIS F 32 9.90 1.98 -16.99
C HIS F 32 10.29 1.44 -15.62
N LEU F 33 9.37 0.64 -15.07
CA LEU F 33 9.53 0.13 -13.71
C LEU F 33 9.39 -1.38 -13.70
N ASN F 34 10.31 -2.05 -13.01
CA ASN F 34 10.27 -3.49 -12.81
C ASN F 34 10.23 -3.81 -11.33
N TRP F 35 9.58 -4.91 -10.99
CA TRP F 35 9.50 -5.40 -9.61
C TRP F 35 10.13 -6.78 -9.53
N TYR F 36 11.06 -6.94 -8.59
CA TYR F 36 11.72 -8.22 -8.35
C TYR F 36 11.39 -8.71 -6.95
N GLN F 37 11.46 -10.03 -6.78
CA GLN F 37 11.24 -10.69 -5.49
C GLN F 37 12.48 -11.52 -5.16
N GLN F 38 13.13 -11.20 -4.05
CA GLN F 38 14.33 -11.90 -3.62
C GLN F 38 14.03 -12.63 -2.31
N LYS F 39 13.84 -13.94 -2.40
CA LYS F 39 13.73 -14.79 -1.24
C LYS F 39 15.11 -14.98 -0.60
N PRO F 40 15.17 -15.35 0.67
CA PRO F 40 16.47 -15.42 1.35
C PRO F 40 17.44 -16.38 0.68
N GLY F 41 18.67 -15.92 0.48
CA GLY F 41 19.72 -16.75 -0.08
C GLY F 41 19.66 -16.97 -1.57
N ARG F 42 18.76 -16.29 -2.27
CA ARG F 42 18.60 -16.47 -3.71
C ARG F 42 18.79 -15.16 -4.44
N ALA F 43 18.80 -15.24 -5.76
CA ALA F 43 18.86 -14.07 -6.61
C ALA F 43 17.48 -13.44 -6.74
N PRO F 44 17.41 -12.16 -7.14
CA PRO F 44 16.11 -11.56 -7.42
C PRO F 44 15.43 -12.27 -8.59
N ASP F 45 14.15 -12.59 -8.40
CA ASP F 45 13.32 -13.15 -9.47
C ASP F 45 12.39 -12.06 -9.98
N LEU F 46 12.28 -11.94 -11.30
CA LEU F 46 11.44 -10.92 -11.88
C LEU F 46 9.96 -11.24 -11.64
N LEU F 47 9.21 -10.24 -11.20
CA LEU F 47 7.77 -10.36 -11.00
C LEU F 47 6.98 -9.62 -12.06
N ILE F 48 7.30 -8.35 -12.30
CA ILE F 48 6.52 -7.47 -13.15
C ILE F 48 7.47 -6.57 -13.92
N TYR F 49 7.33 -6.52 -15.24
CA TYR F 49 8.08 -5.59 -16.07
C TYR F 49 7.13 -4.55 -16.66
N ALA F 50 7.69 -3.38 -16.95
CA ALA F 50 6.93 -2.27 -17.52
C ALA F 50 5.73 -1.91 -16.66
N ALA F 51 5.98 -1.79 -15.35
CA ALA F 51 5.01 -1.31 -14.36
C ALA F 51 3.82 -2.25 -14.15
N SER F 52 3.18 -2.70 -15.23
CA SER F 52 1.94 -3.45 -15.11
C SER F 52 1.96 -4.81 -15.79
N SER F 53 2.93 -5.08 -16.67
CA SER F 53 2.96 -6.35 -17.39
C SER F 53 3.49 -7.45 -16.48
N LEU F 54 2.76 -8.57 -16.43
CA LEU F 54 3.09 -9.69 -15.57
C LEU F 54 4.10 -10.59 -16.28
N HIS F 55 5.22 -10.85 -15.61
CA HIS F 55 6.25 -11.72 -16.18
C HIS F 55 5.74 -13.15 -16.31
N SER F 56 6.28 -13.87 -17.28
CA SER F 56 5.86 -15.23 -17.54
C SER F 56 6.22 -16.15 -16.37
N GLY F 57 5.23 -16.89 -15.88
CA GLY F 57 5.47 -17.91 -14.88
C GLY F 57 5.21 -17.49 -13.45
N VAL F 58 4.92 -16.23 -13.18
CA VAL F 58 4.68 -15.78 -11.82
C VAL F 58 3.18 -15.86 -11.53
N PRO F 59 2.78 -16.11 -10.29
CA PRO F 59 1.35 -16.26 -10.00
C PRO F 59 0.57 -14.98 -10.25
N SER F 60 -0.74 -15.14 -10.45
CA SER F 60 -1.61 -14.03 -10.78
C SER F 60 -1.87 -13.10 -9.59
N ARG F 61 -1.48 -13.49 -8.38
CA ARG F 61 -1.73 -12.66 -7.21
C ARG F 61 -0.92 -11.36 -7.24
N PHE F 62 0.10 -11.28 -8.08
CA PHE F 62 0.96 -10.10 -8.13
C PHE F 62 0.45 -9.13 -9.19
N SER F 63 0.30 -7.87 -8.82
CA SER F 63 -0.25 -6.85 -9.70
C SER F 63 0.54 -5.56 -9.56
N GLY F 64 0.82 -4.93 -10.69
CA GLY F 64 1.53 -3.66 -10.69
C GLY F 64 0.71 -2.55 -11.32
N SER F 65 0.55 -1.44 -10.61
CA SER F 65 -0.24 -0.31 -11.11
C SER F 65 0.43 0.99 -10.68
N GLY F 66 0.50 1.95 -11.61
CA GLY F 66 1.11 3.23 -11.32
C GLY F 66 1.34 4.08 -12.55
N SER F 67 1.36 5.40 -12.35
CA SER F 67 1.53 6.34 -13.44
C SER F 67 2.49 7.44 -13.01
N GLY F 68 3.25 7.95 -13.97
CA GLY F 68 4.16 9.05 -13.73
C GLY F 68 5.34 8.70 -12.85
N THR F 69 5.20 8.96 -11.54
CA THR F 69 6.28 8.74 -10.60
C THR F 69 5.92 7.82 -9.43
N ASP F 70 4.65 7.46 -9.26
CA ASP F 70 4.19 6.70 -8.10
C ASP F 70 3.59 5.39 -8.57
N PHE F 71 4.13 4.27 -8.07
CA PHE F 71 3.72 2.94 -8.49
C PHE F 71 3.46 2.08 -7.27
N THR F 72 2.52 1.15 -7.40
CA THR F 72 2.07 0.31 -6.29
C THR F 72 2.10 -1.15 -6.72
N LEU F 73 3.05 -1.91 -6.17
CA LEU F 73 3.03 -3.37 -6.29
C LEU F 73 2.06 -3.93 -5.26
N THR F 74 1.15 -4.79 -5.72
CA THR F 74 0.08 -5.29 -4.87
C THR F 74 0.04 -6.81 -4.90
N ILE F 75 -0.13 -7.41 -3.72
CA ILE F 75 -0.26 -8.85 -3.57
C ILE F 75 -1.64 -9.13 -2.99
N SER F 76 -2.49 -9.79 -3.76
CA SER F 76 -3.81 -10.19 -3.31
C SER F 76 -3.76 -11.63 -2.80
N SER F 77 -4.46 -11.89 -1.69
CA SER F 77 -4.46 -13.19 -1.03
C SER F 77 -3.02 -13.65 -0.75
N LEU F 78 -2.41 -12.95 0.21
CA LEU F 78 -1.02 -13.19 0.56
C LEU F 78 -0.81 -14.65 0.99
N GLN F 79 0.27 -15.25 0.48
CA GLN F 79 0.59 -16.63 0.76
C GLN F 79 1.85 -16.73 1.62
N PRO F 80 1.97 -17.77 2.44
CA PRO F 80 3.10 -17.83 3.39
C PRO F 80 4.47 -17.93 2.72
N GLU F 81 4.54 -18.44 1.49
CA GLU F 81 5.80 -18.51 0.77
C GLU F 81 6.21 -17.19 0.14
N ASP F 82 5.43 -16.13 0.35
CA ASP F 82 5.74 -14.81 -0.20
C ASP F 82 6.65 -13.99 0.70
N PHE F 83 7.15 -14.57 1.79
CA PHE F 83 8.16 -13.91 2.58
C PHE F 83 9.42 -13.70 1.75
N ALA F 84 9.75 -12.45 1.49
CA ALA F 84 10.91 -12.10 0.66
C ALA F 84 11.15 -10.60 0.80
N VAL F 85 12.16 -10.12 0.09
CA VAL F 85 12.46 -8.70 -0.02
C VAL F 85 12.15 -8.27 -1.45
N TYR F 86 11.25 -7.30 -1.60
CA TYR F 86 10.77 -6.87 -2.90
C TYR F 86 11.43 -5.55 -3.28
N TYR F 87 11.93 -5.47 -4.50
CA TYR F 87 12.64 -4.31 -5.01
C TYR F 87 11.94 -3.77 -6.25
N CYS F 88 11.88 -2.45 -6.38
CA CYS F 88 11.52 -1.82 -7.64
C CYS F 88 12.79 -1.34 -8.33
N GLN F 89 12.79 -1.42 -9.66
CA GLN F 89 13.93 -1.02 -10.47
C GLN F 89 13.46 -0.16 -11.63
N GLN F 90 14.15 0.96 -11.85
CA GLN F 90 13.90 1.81 -13.00
C GLN F 90 14.70 1.30 -14.19
N SER F 91 14.02 1.08 -15.32
CA SER F 91 14.63 0.61 -16.55
C SER F 91 14.63 1.70 -17.62
N TYR F 92 14.74 2.96 -17.21
CA TYR F 92 14.64 4.10 -18.12
C TYR F 92 16.00 4.51 -18.67
N SER F 93 16.92 4.85 -17.77
CA SER F 93 18.25 5.29 -18.17
C SER F 93 19.29 4.64 -17.25
N VAL F 94 20.42 4.26 -17.82
CA VAL F 94 21.52 3.72 -17.03
C VAL F 94 22.32 4.91 -16.50
N PRO F 95 22.93 4.81 -15.31
CA PRO F 95 22.98 3.64 -14.43
C PRO F 95 21.63 3.28 -13.81
N TYR F 96 21.25 2.01 -13.90
CA TYR F 96 20.00 1.56 -13.33
C TYR F 96 20.04 1.67 -11.81
N THR F 97 18.97 2.21 -11.24
CA THR F 97 18.86 2.38 -9.79
C THR F 97 17.72 1.52 -9.27
N PHE F 98 17.95 0.91 -8.11
CA PHE F 98 16.96 0.08 -7.44
C PHE F 98 16.41 0.79 -6.22
N GLY F 99 15.21 0.39 -5.81
CA GLY F 99 14.67 0.83 -4.55
C GLY F 99 15.44 0.25 -3.38
N GLN F 100 15.28 0.89 -2.22
CA GLN F 100 15.98 0.44 -1.03
C GLN F 100 15.54 -0.96 -0.60
N GLY F 101 14.35 -1.38 -0.97
CA GLY F 101 13.90 -2.72 -0.66
C GLY F 101 12.85 -2.73 0.42
N THR F 102 11.94 -3.70 0.33
CA THR F 102 10.86 -3.88 1.29
C THR F 102 10.85 -5.33 1.75
N LYS F 103 11.05 -5.54 3.05
CA LYS F 103 11.03 -6.88 3.62
C LYS F 103 9.61 -7.18 4.09
N LEU F 104 9.00 -8.21 3.49
CA LEU F 104 7.63 -8.62 3.78
C LEU F 104 7.68 -9.84 4.69
N GLN F 105 7.18 -9.68 5.92
CA GLN F 105 7.15 -10.75 6.90
C GLN F 105 5.71 -11.23 7.09
N ILE F 106 5.58 -12.52 7.38
CA ILE F 106 4.28 -13.16 7.55
C ILE F 106 3.91 -13.17 9.02
N LYS F 107 2.66 -12.82 9.31
CA LYS F 107 2.11 -12.86 10.66
C LYS F 107 1.31 -14.15 10.84
N ARG F 108 1.52 -14.81 11.97
CA ARG F 108 0.93 -16.12 12.22
C ARG F 108 0.53 -16.23 13.69
N THR F 109 -0.27 -17.25 13.98
CA THR F 109 -0.59 -17.58 15.37
C THR F 109 0.68 -17.99 16.10
N VAL F 110 0.86 -17.45 17.30
CA VAL F 110 2.11 -17.62 18.03
C VAL F 110 2.36 -19.10 18.32
N ALA F 111 3.63 -19.49 18.31
CA ALA F 111 4.03 -20.87 18.56
C ALA F 111 5.21 -20.90 19.51
N ALA F 112 5.18 -21.83 20.46
CA ALA F 112 6.23 -21.96 21.44
C ALA F 112 7.41 -22.75 20.87
N PRO F 113 8.63 -22.48 21.34
CA PRO F 113 9.80 -23.16 20.77
C PRO F 113 10.05 -24.51 21.42
N SER F 114 10.38 -25.49 20.58
CA SER F 114 10.96 -26.73 21.06
C SER F 114 12.43 -26.47 21.37
N VAL F 115 12.84 -26.79 22.60
CA VAL F 115 14.17 -26.48 23.09
C VAL F 115 14.99 -27.75 23.17
N PHE F 116 16.21 -27.71 22.62
CA PHE F 116 17.17 -28.81 22.70
C PHE F 116 18.52 -28.24 23.09
N ILE F 117 19.30 -29.05 23.80
CA ILE F 117 20.64 -28.66 24.24
C ILE F 117 21.63 -29.73 23.82
N PHE F 118 22.78 -29.30 23.30
CA PHE F 118 23.81 -30.20 22.81
C PHE F 118 25.11 -30.00 23.58
N PRO F 119 25.67 -31.03 24.18
CA PRO F 119 27.00 -30.91 24.79
C PRO F 119 28.07 -30.83 23.72
N PRO F 120 29.25 -30.35 24.06
CA PRO F 120 30.33 -30.30 23.07
C PRO F 120 30.95 -31.68 22.84
N SER F 121 31.48 -31.86 21.63
CA SER F 121 32.08 -33.13 21.25
C SER F 121 33.40 -33.34 21.98
N ASP F 122 33.69 -34.61 22.30
CA ASP F 122 34.99 -34.95 22.84
C ASP F 122 36.11 -34.69 21.84
N GLU F 123 35.79 -34.62 20.55
CA GLU F 123 36.78 -34.26 19.54
C GLU F 123 37.19 -32.80 19.67
N GLN F 124 36.19 -31.89 19.75
CA GLN F 124 36.50 -30.47 19.84
C GLN F 124 37.22 -30.11 21.12
N LEU F 125 37.02 -30.90 22.18
CA LEU F 125 37.70 -30.62 23.44
C LEU F 125 39.21 -30.74 23.31
N LYS F 126 39.69 -31.55 22.36
CA LYS F 126 41.12 -31.60 22.09
C LYS F 126 41.64 -30.28 21.54
N SER F 127 40.79 -29.46 20.95
CA SER F 127 41.23 -28.18 20.41
C SER F 127 41.41 -27.13 21.49
N GLY F 128 40.90 -27.37 22.70
CA GLY F 128 40.98 -26.43 23.79
C GLY F 128 39.71 -25.66 24.05
N THR F 129 38.86 -25.51 23.04
CA THR F 129 37.58 -24.82 23.17
C THR F 129 36.45 -25.84 23.27
N ALA F 130 35.30 -25.38 23.76
CA ALA F 130 34.13 -26.23 23.93
C ALA F 130 32.89 -25.41 23.64
N SER F 131 32.09 -25.86 22.68
CA SER F 131 30.88 -25.14 22.25
C SER F 131 29.66 -25.92 22.72
N VAL F 132 28.95 -25.36 23.70
CA VAL F 132 27.66 -25.89 24.12
C VAL F 132 26.57 -25.15 23.36
N VAL F 133 25.69 -25.89 22.69
CA VAL F 133 24.70 -25.33 21.78
C VAL F 133 23.31 -25.58 22.34
N CYS F 134 22.46 -24.55 22.28
CA CYS F 134 21.07 -24.63 22.69
C CYS F 134 20.20 -24.15 21.53
N LEU F 135 19.19 -24.94 21.19
CA LEU F 135 18.40 -24.73 19.98
C LEU F 135 16.95 -24.44 20.34
N LEU F 136 16.46 -23.29 19.89
CA LEU F 136 15.03 -22.95 19.96
C LEU F 136 14.47 -23.13 18.56
N ASN F 137 13.55 -24.08 18.40
CA ASN F 137 13.16 -24.56 17.08
C ASN F 137 11.68 -24.28 16.82
N ASN F 138 11.40 -23.62 15.69
CA ASN F 138 10.05 -23.47 15.14
C ASN F 138 9.12 -22.75 16.12
N PHE F 139 9.37 -21.44 16.26
CA PHE F 139 8.59 -20.60 17.15
C PHE F 139 8.24 -19.29 16.46
N TYR F 140 7.28 -18.58 17.05
CA TYR F 140 6.83 -17.28 16.60
C TYR F 140 6.14 -16.59 17.77
N PRO F 141 6.37 -15.29 18.00
CA PRO F 141 7.22 -14.37 17.22
C PRO F 141 8.71 -14.50 17.50
N ARG F 142 9.52 -13.65 16.86
CA ARG F 142 10.97 -13.82 16.88
C ARG F 142 11.57 -13.51 18.25
N GLU F 143 10.90 -12.67 19.05
CA GLU F 143 11.46 -12.25 20.33
C GLU F 143 11.58 -13.43 21.28
N ALA F 144 12.77 -13.59 21.87
CA ALA F 144 13.03 -14.63 22.85
C ALA F 144 14.36 -14.32 23.54
N LYS F 145 14.55 -14.90 24.72
CA LYS F 145 15.76 -14.70 25.51
C LYS F 145 16.29 -16.04 25.96
N VAL F 146 17.58 -16.30 25.71
CA VAL F 146 18.24 -17.52 26.11
C VAL F 146 19.27 -17.18 27.18
N GLN F 147 19.09 -17.75 28.37
CA GLN F 147 19.96 -17.49 29.50
C GLN F 147 20.80 -18.72 29.80
N TRP F 148 22.12 -18.54 29.84
CA TRP F 148 23.05 -19.63 30.09
C TRP F 148 23.43 -19.63 31.56
N LYS F 149 23.18 -20.76 32.23
CA LYS F 149 23.58 -20.96 33.62
C LYS F 149 24.51 -22.17 33.70
N VAL F 150 25.76 -21.94 34.06
CA VAL F 150 26.75 -22.99 34.26
C VAL F 150 26.74 -23.37 35.73
N ASP F 151 26.63 -24.67 36.01
CA ASP F 151 26.24 -25.16 37.33
C ASP F 151 24.93 -24.48 37.70
N ASN F 152 25.00 -23.38 38.47
CA ASN F 152 23.84 -22.50 38.63
C ASN F 152 24.22 -21.03 38.48
N ALA F 153 25.46 -20.74 38.06
CA ALA F 153 25.88 -19.35 37.90
C ALA F 153 25.47 -18.84 36.53
N LEU F 154 24.76 -17.71 36.52
CA LEU F 154 24.34 -17.08 35.28
C LEU F 154 25.57 -16.63 34.50
N GLN F 155 25.50 -16.77 33.18
CA GLN F 155 26.62 -16.45 32.29
C GLN F 155 26.25 -15.28 31.39
N SER F 156 27.24 -14.46 31.08
CA SER F 156 27.07 -13.32 30.19
C SER F 156 28.41 -12.97 29.56
N GLY F 157 28.38 -12.68 28.26
CA GLY F 157 29.58 -12.31 27.52
C GLY F 157 30.21 -13.43 26.73
N ASN F 158 29.82 -14.68 26.99
CA ASN F 158 30.38 -15.82 26.28
C ASN F 158 29.35 -16.52 25.39
N SER F 159 28.20 -15.89 25.16
CA SER F 159 27.15 -16.45 24.32
C SER F 159 27.13 -15.76 22.96
N GLN F 160 26.41 -16.37 22.03
CA GLN F 160 26.27 -15.81 20.69
C GLN F 160 25.05 -16.45 20.03
N GLU F 161 24.16 -15.62 19.51
CA GLU F 161 22.91 -16.07 18.92
C GLU F 161 22.86 -15.74 17.43
N SER F 162 22.08 -16.52 16.70
CA SER F 162 21.80 -16.25 15.29
C SER F 162 20.46 -16.92 14.95
N VAL F 163 19.67 -16.24 14.13
CA VAL F 163 18.30 -16.63 13.85
C VAL F 163 18.13 -16.89 12.35
N THR F 164 17.39 -17.93 12.02
CA THR F 164 17.05 -18.19 10.62
C THR F 164 15.99 -17.21 10.13
N GLU F 165 15.93 -17.05 8.81
CA GLU F 165 14.78 -16.40 8.20
C GLU F 165 13.56 -17.28 8.38
N GLN F 166 12.40 -16.67 8.58
CA GLN F 166 11.20 -17.44 8.91
C GLN F 166 10.84 -18.36 7.75
N ASP F 167 10.32 -19.55 8.11
CA ASP F 167 10.14 -20.61 7.15
C ASP F 167 9.13 -20.24 6.07
N SER F 168 9.41 -20.65 4.84
CA SER F 168 8.51 -20.37 3.72
C SER F 168 7.21 -21.16 3.80
N LYS F 169 7.13 -22.17 4.67
CA LYS F 169 5.95 -23.01 4.80
C LYS F 169 5.13 -22.73 6.05
N ASP F 170 5.74 -22.78 7.23
CA ASP F 170 5.03 -22.57 8.48
C ASP F 170 5.30 -21.21 9.12
N SER F 171 6.18 -20.40 8.53
CA SER F 171 6.45 -19.02 8.95
C SER F 171 7.04 -18.94 10.37
N THR F 172 7.59 -20.04 10.88
CA THR F 172 8.20 -20.03 12.20
C THR F 172 9.68 -19.67 12.10
N TYR F 173 10.23 -19.26 13.23
CA TYR F 173 11.65 -18.95 13.34
C TYR F 173 12.38 -20.07 14.09
N SER F 174 13.70 -20.04 14.01
CA SER F 174 14.56 -20.91 14.79
C SER F 174 15.77 -20.12 15.24
N LEU F 175 16.28 -20.45 16.43
CA LEU F 175 17.36 -19.71 17.04
C LEU F 175 18.35 -20.65 17.70
N SER F 176 19.63 -20.42 17.45
CA SER F 176 20.71 -21.18 18.07
C SER F 176 21.54 -20.24 18.93
N SER F 177 21.73 -20.62 20.20
CA SER F 177 22.60 -19.89 21.12
C SER F 177 23.73 -20.83 21.53
N THR F 178 24.96 -20.45 21.16
CA THR F 178 26.13 -21.27 21.41
C THR F 178 26.98 -20.64 22.51
N LEU F 179 27.34 -21.44 23.51
CA LEU F 179 28.17 -21.01 24.62
C LEU F 179 29.59 -21.49 24.39
N THR F 180 30.56 -20.57 24.49
CA THR F 180 31.96 -20.87 24.20
C THR F 180 32.77 -20.78 25.48
N LEU F 181 33.32 -21.92 25.91
CA LEU F 181 34.22 -21.98 27.05
C LEU F 181 35.51 -22.68 26.63
N SER F 182 36.55 -22.51 27.43
CA SER F 182 37.78 -23.25 27.21
C SER F 182 37.67 -24.66 27.79
N LYS F 183 38.64 -25.50 27.44
CA LYS F 183 38.64 -26.87 27.94
C LYS F 183 38.75 -26.89 29.47
N ALA F 184 39.58 -26.02 30.03
CA ALA F 184 39.75 -25.99 31.49
C ALA F 184 38.47 -25.56 32.17
N ASP F 185 37.87 -24.45 31.72
CA ASP F 185 36.64 -23.97 32.34
C ASP F 185 35.51 -24.97 32.18
N TYR F 186 35.39 -25.59 31.01
CA TYR F 186 34.28 -26.51 30.77
C TYR F 186 34.34 -27.71 31.70
N GLU F 187 35.54 -28.24 31.93
CA GLU F 187 35.69 -29.44 32.74
C GLU F 187 35.63 -29.17 34.24
N LYS F 188 35.50 -27.91 34.66
CA LYS F 188 35.39 -27.61 36.08
C LYS F 188 33.99 -27.90 36.61
N HIS F 189 32.97 -27.66 35.80
CA HIS F 189 31.59 -27.63 36.27
C HIS F 189 30.83 -28.86 35.78
N LYS F 190 29.66 -29.08 36.39
CA LYS F 190 28.88 -30.29 36.17
C LYS F 190 27.61 -30.03 35.37
N VAL F 191 26.74 -29.16 35.85
CA VAL F 191 25.42 -28.94 35.26
C VAL F 191 25.49 -27.77 34.29
N TYR F 192 25.12 -28.02 33.03
CA TYR F 192 25.03 -26.98 32.02
C TYR F 192 23.58 -26.86 31.59
N ALA F 193 22.98 -25.70 31.85
CA ALA F 193 21.55 -25.50 31.63
C ALA F 193 21.32 -24.30 30.73
N CYS F 194 20.30 -24.42 29.88
CA CYS F 194 19.88 -23.36 28.96
C CYS F 194 18.43 -23.01 29.26
N GLU F 195 18.20 -21.77 29.71
CA GLU F 195 16.88 -21.32 30.15
C GLU F 195 16.26 -20.44 29.06
N VAL F 196 15.18 -20.95 28.45
CA VAL F 196 14.49 -20.26 27.37
C VAL F 196 13.21 -19.64 27.91
N THR F 197 12.99 -18.36 27.59
CA THR F 197 11.77 -17.66 27.94
C THR F 197 11.17 -17.05 26.69
N HIS F 198 9.93 -17.43 26.37
CA HIS F 198 9.28 -16.99 25.15
C HIS F 198 7.82 -16.70 25.45
N GLN F 199 7.20 -15.88 24.58
CA GLN F 199 5.81 -15.49 24.77
C GLN F 199 4.88 -16.70 24.70
N GLY F 200 5.18 -17.67 23.84
CA GLY F 200 4.34 -18.84 23.71
C GLY F 200 4.43 -19.83 24.85
N LEU F 201 5.36 -19.61 25.79
CA LEU F 201 5.55 -20.50 26.93
C LEU F 201 4.81 -19.97 28.14
N SER F 202 4.00 -20.82 28.77
CA SER F 202 3.34 -20.45 30.02
C SER F 202 4.36 -20.20 31.11
N SER F 203 5.16 -21.21 31.43
CA SER F 203 6.30 -21.09 32.31
C SER F 203 7.60 -21.26 31.53
N PRO F 204 8.66 -20.55 31.89
CA PRO F 204 9.94 -20.69 31.17
C PRO F 204 10.42 -22.13 31.14
N VAL F 205 11.23 -22.44 30.13
CA VAL F 205 11.67 -23.79 29.83
C VAL F 205 13.19 -23.85 30.02
N THR F 206 13.66 -24.96 30.60
CA THR F 206 15.08 -25.17 30.83
C THR F 206 15.46 -26.59 30.39
N LYS F 207 16.58 -26.70 29.68
CA LYS F 207 17.17 -27.97 29.27
C LYS F 207 18.60 -28.02 29.79
N SER F 208 18.98 -29.17 30.36
CA SER F 208 20.27 -29.28 31.02
C SER F 208 20.89 -30.65 30.76
N PHE F 209 22.20 -30.73 31.01
CA PHE F 209 22.94 -31.98 30.92
C PHE F 209 24.11 -31.92 31.89
N ASN F 210 24.78 -33.07 32.05
CA ASN F 210 25.96 -33.16 32.91
C ASN F 210 27.22 -33.46 32.10
#